data_8UEM
#
_entry.id   8UEM
#
_cell.length_a   1.00
_cell.length_b   1.00
_cell.length_c   1.00
_cell.angle_alpha   90.00
_cell.angle_beta   90.00
_cell.angle_gamma   90.00
#
_symmetry.space_group_name_H-M   'P 1'
#
loop_
_entity.id
_entity.type
_entity.pdbx_description
1 polymer 'Carbon monoxide dehydrogenase (Large chain), CoxL'
2 polymer 'Carbon monoxide dehydrogenase medium chain'
3 polymer '[2Fe-2S] binding domain protein'
4 non-polymer 'CU(I)-S-MO(IV)(=O)OH CLUSTER'
5 non-polymer 'PTERIN CYTOSINE DINUCLEOTIDE'
6 non-polymer 'FLAVIN-ADENINE DINUCLEOTIDE'
7 non-polymer 'FE2/S2 (INORGANIC) CLUSTER'
8 water water
#
loop_
_entity_poly.entity_id
_entity_poly.type
_entity_poly.pdbx_seq_one_letter_code
_entity_poly.pdbx_strand_id
1 'polypeptide(L)'
;MTTLENPVERPEDTAVNDAKPCGHGRMLRKEDPRFIRGRGNYVDDVKLPGMLHLAILRSPYAHATINSIDVTAAQAHPKV
KAVVTGADLAAKGLAWMPTLSNDVQAVLATDKVRFQGQEVAFVVAEDRYSARDALELIDVDYEPLDPVIDARHALDPGAP
VIRTDLDGKTDNHCFDWETGDAAATDAVFAKADVVVKQEMVYPRVHPAPMETCGAVADLDPVTRKLTLWSTTQAPHAHRT
LYALVAGLPEHKIRVISPDIGGGFGNKVPIYPGYVCAIVGSLLLGKPVKWMEDRSENLTSTGFARDYIMVGEIAATRDGK
ILAIRSNVLADHGAFNGTAAPVKYPAGFFGVFTGSYDIEAAYCHMTAVYTNKAPGGVAYACSFRITEAVYFVERLVDCLA
YELKMDPAQLRLQNLLKAEQFPYTSKTGWVYDSGDYEKTMRLAMEMVDYEGLRAEQAEKRKRGELMGIGMSFFTEAVGAG
PRKDMDILGLGMADGCELRVHPTGKAVVRLSVQSQGQGHETTFAQIVAEELGIPPEDIDVVHGDTDQTPFGLGTYGSRST
PVSGAAAALVARKVRDKAKIIAAGMLEASIADLEWDKGSFHIKGDPSASVTIADIAMRAHGAGDLPEGLEGGLDAQICYN
PSNLTYPYGAYFCVVDIDPGTAVVKVRRFVAVDDCGTRINPMIIEGQIHGGLVDGIGMALMEMIAFDEDGNCLGGSLMDY
LIPTAMEVPHFETGHTVTPSPHHPIGAKGIGESATVGSPPAVVNAVVDALAPYGVRHADMPLTPSRVWEAMQGRATPPI
;
A,D
2 'polypeptide(L)'
;MQVPGPFEYERATSVDHAVGLLDRLGEDARIVAGGHSLLPMMKLRIANPEYLVDINDLAVELGYVITDPTLVRIGAMARH
RQVLESDPLAAVCPIFRDAERVIADPVVRNRGTLGGSLCQADPAEDLTTVCTILGAVCLARGPGGEREIGIDDFLVGPYE
TALAHNEMLVEVRIPVRHRTSSAYAKVERRVGDWAVTAAGAQVTLDGDSIVAARVGLTAVNPDPDALRALADDLIGKPAT
EETFAAAGELAVQACEPVTDTRGSADYKRHLARELTIRTMRTAVERVRTAPAPEGN
;
B,E
3 'polypeptide(L)'
;MQVTMTVNGEAVTADVEPRMLLVHFLRDQLGLTGTHWGCDTSNCGTCVVEVDGEPVKSCTMLAAMASGHSVNTVEGMEVD
GKLDPVQEGFMQCHGLQCGFCTPGMMITARALLRQNPDPTEEEIREAISGQICRCTGYTTIVRSVQWAARHAREEAKA
;
C,F
#
# COMPACT_ATOMS: atom_id res chain seq x y z
N ASN A 17 -2.71 -21.47 -26.10
CA ASN A 17 -2.85 -20.99 -24.73
C ASN A 17 -3.70 -19.74 -24.65
N ASP A 18 -3.83 -19.01 -25.76
CA ASP A 18 -4.61 -17.78 -25.76
C ASP A 18 -6.11 -18.03 -25.77
N ALA A 19 -6.55 -19.26 -25.54
CA ALA A 19 -7.98 -19.51 -25.36
C ALA A 19 -8.49 -18.82 -24.10
N LYS A 20 -9.80 -18.64 -24.03
CA LYS A 20 -10.45 -17.97 -22.91
C LYS A 20 -11.58 -18.84 -22.38
N PRO A 21 -11.27 -20.02 -21.86
CA PRO A 21 -12.31 -20.87 -21.29
C PRO A 21 -12.91 -20.24 -20.05
N CYS A 22 -14.20 -20.52 -19.87
CA CYS A 22 -14.85 -20.09 -18.61
C CYS A 22 -14.70 -21.28 -17.67
N GLY A 23 -13.51 -21.42 -17.09
CA GLY A 23 -13.21 -22.54 -16.24
C GLY A 23 -11.91 -23.23 -16.61
N HIS A 24 -11.84 -24.52 -16.36
CA HIS A 24 -10.61 -25.27 -16.60
C HIS A 24 -10.24 -25.17 -18.08
N GLY A 25 -8.97 -25.45 -18.35
CA GLY A 25 -8.45 -25.42 -19.70
C GLY A 25 -7.28 -24.46 -19.83
N ARG A 26 -6.70 -24.47 -21.02
CA ARG A 26 -5.58 -23.59 -21.30
C ARG A 26 -6.06 -22.15 -21.40
N MET A 27 -5.34 -21.26 -20.74
CA MET A 27 -5.59 -19.83 -20.87
C MET A 27 -4.31 -19.11 -20.47
N LEU A 28 -4.10 -17.93 -21.05
CA LEU A 28 -2.95 -17.14 -20.65
C LEU A 28 -3.01 -16.83 -19.17
N ARG A 29 -1.84 -16.83 -18.54
CA ARG A 29 -1.75 -16.52 -17.12
C ARG A 29 -2.10 -15.06 -16.87
N LYS A 30 -2.76 -14.82 -15.75
CA LYS A 30 -3.14 -13.47 -15.36
C LYS A 30 -1.99 -12.72 -14.69
N GLU A 31 -0.92 -13.42 -14.32
CA GLU A 31 0.26 -12.76 -13.76
C GLU A 31 1.21 -12.27 -14.85
N ASP A 32 1.12 -12.84 -16.04
CA ASP A 32 2.11 -12.54 -17.07
C ASP A 32 2.14 -11.07 -17.49
N PRO A 33 1.01 -10.39 -17.74
CA PRO A 33 1.09 -8.98 -18.17
C PRO A 33 2.04 -8.15 -17.32
N ARG A 34 1.99 -8.31 -15.99
CA ARG A 34 2.88 -7.52 -15.16
C ARG A 34 4.32 -8.07 -15.16
N PHE A 35 4.48 -9.40 -15.15
CA PHE A 35 5.83 -9.95 -15.08
C PHE A 35 6.63 -9.64 -16.34
N ILE A 36 6.03 -9.81 -17.51
CA ILE A 36 6.72 -9.57 -18.77
C ILE A 36 7.10 -8.12 -18.96
N ARG A 37 6.48 -7.21 -18.23
CA ARG A 37 6.81 -5.80 -18.26
C ARG A 37 7.80 -5.39 -17.18
N GLY A 38 8.30 -6.35 -16.39
CA GLY A 38 9.15 -6.00 -15.27
C GLY A 38 8.39 -5.34 -14.16
N ARG A 39 7.10 -5.52 -14.12
CA ARG A 39 6.26 -4.89 -13.15
C ARG A 39 5.86 -5.79 -12.03
N GLY A 40 6.46 -6.93 -11.92
CA GLY A 40 6.30 -7.74 -10.74
C GLY A 40 6.73 -6.99 -9.51
N ASN A 41 6.12 -7.33 -8.38
CA ASN A 41 6.47 -6.67 -7.13
C ASN A 41 7.09 -7.73 -6.21
N TYR A 42 8.39 -7.92 -6.34
CA TYR A 42 9.11 -8.83 -5.47
C TYR A 42 9.64 -8.06 -4.27
N VAL A 43 9.99 -8.80 -3.21
CA VAL A 43 10.32 -8.15 -1.95
C VAL A 43 11.42 -7.11 -2.14
N ASP A 44 12.44 -7.46 -2.90
CA ASP A 44 13.53 -6.49 -3.12
C ASP A 44 13.09 -5.22 -3.87
N ASP A 45 11.98 -5.30 -4.58
CA ASP A 45 11.40 -4.12 -5.20
C ASP A 45 10.82 -3.16 -4.19
N VAL A 46 10.53 -3.62 -2.97
CA VAL A 46 9.81 -2.83 -1.99
C VAL A 46 10.72 -1.69 -1.52
N LYS A 47 10.32 -0.47 -1.82
CA LYS A 47 11.01 0.72 -1.36
C LYS A 47 10.06 1.47 -0.44
N LEU A 48 10.44 1.61 0.82
CA LEU A 48 9.59 2.35 1.72
C LEU A 48 10.33 3.59 2.22
N PRO A 49 9.61 4.66 2.52
CA PRO A 49 10.27 5.87 3.03
C PRO A 49 11.08 5.57 4.27
N GLY A 50 12.31 6.06 4.29
CA GLY A 50 13.18 5.84 5.42
C GLY A 50 13.70 4.43 5.56
N MET A 51 13.48 3.58 4.56
CA MET A 51 13.90 2.19 4.66
C MET A 51 15.40 2.07 4.89
N LEU A 52 15.77 1.32 5.90
CA LEU A 52 17.15 0.94 6.17
C LEU A 52 17.43 -0.45 5.63
N HIS A 53 18.70 -0.80 5.48
CA HIS A 53 19.12 -2.09 4.96
C HIS A 53 19.85 -2.90 5.98
N LEU A 54 19.50 -4.14 6.06
CA LEU A 54 20.06 -5.03 7.07
C LEU A 54 20.94 -6.06 6.38
N ALA A 55 22.14 -6.23 6.91
CA ALA A 55 23.07 -7.25 6.45
C ALA A 55 23.46 -8.10 7.65
N ILE A 56 23.57 -9.41 7.44
CA ILE A 56 23.82 -10.33 8.54
C ILE A 56 25.24 -10.86 8.41
N LEU A 57 26.05 -10.56 9.41
CA LEU A 57 27.35 -11.19 9.58
C LEU A 57 27.18 -12.67 9.87
N ARG A 58 27.73 -13.49 8.99
CA ARG A 58 27.63 -14.94 9.04
C ARG A 58 28.88 -15.56 9.65
N SER A 59 28.69 -16.71 10.27
CA SER A 59 29.81 -17.45 10.84
C SER A 59 30.76 -17.91 9.73
N PRO A 60 32.07 -17.73 9.89
CA PRO A 60 33.01 -18.38 8.99
C PRO A 60 33.33 -19.81 9.37
N TYR A 61 32.88 -20.28 10.53
CA TYR A 61 33.20 -21.60 11.02
C TYR A 61 31.97 -22.50 11.04
N ALA A 62 32.20 -23.79 10.91
CA ALA A 62 31.07 -24.75 10.93
C ALA A 62 30.73 -25.00 12.37
N HIS A 63 31.70 -24.88 13.25
CA HIS A 63 31.45 -25.22 14.65
C HIS A 63 32.49 -24.48 15.49
N ALA A 64 32.04 -23.44 16.19
CA ALA A 64 32.97 -22.63 16.95
C ALA A 64 32.22 -21.95 18.08
N THR A 65 32.77 -22.03 19.29
CA THR A 65 32.26 -21.20 20.36
C THR A 65 32.46 -19.74 20.00
N ILE A 66 31.50 -18.89 20.37
CA ILE A 66 31.65 -17.46 20.22
C ILE A 66 32.20 -16.94 21.55
N ASN A 67 33.50 -16.67 21.60
CA ASN A 67 34.07 -16.10 22.82
C ASN A 67 33.50 -14.72 23.08
N SER A 68 33.49 -13.87 22.06
CA SER A 68 33.05 -12.49 22.20
C SER A 68 32.77 -11.92 20.81
N ILE A 69 31.98 -10.85 20.79
CA ILE A 69 31.68 -10.14 19.56
C ILE A 69 31.90 -8.65 19.82
N ASP A 70 32.79 -8.05 19.04
CA ASP A 70 33.06 -6.63 19.12
C ASP A 70 32.38 -5.94 17.94
N VAL A 71 31.43 -5.07 18.24
CA VAL A 71 30.69 -4.37 17.21
C VAL A 71 30.90 -2.86 17.29
N THR A 72 31.91 -2.42 18.04
CA THR A 72 32.13 -0.98 18.20
C THR A 72 32.49 -0.32 16.88
N ALA A 73 33.38 -0.94 16.11
CA ALA A 73 33.77 -0.34 14.82
C ALA A 73 32.59 -0.29 13.86
N ALA A 74 31.80 -1.36 13.79
CA ALA A 74 30.63 -1.35 12.92
C ALA A 74 29.63 -0.29 13.38
N GLN A 75 29.42 -0.17 14.69
CA GLN A 75 28.50 0.84 15.21
C GLN A 75 28.99 2.24 14.87
N ALA A 76 30.31 2.46 14.93
CA ALA A 76 30.89 3.76 14.64
C ALA A 76 30.82 4.13 13.16
N HIS A 77 30.47 3.20 12.30
CA HIS A 77 30.30 3.52 10.88
C HIS A 77 29.25 4.62 10.76
N PRO A 78 29.55 5.72 10.07
CA PRO A 78 28.59 6.84 10.04
C PRO A 78 27.27 6.49 9.39
N LYS A 79 27.21 5.45 8.57
CA LYS A 79 25.98 5.05 7.90
C LYS A 79 25.27 3.90 8.58
N VAL A 80 25.84 3.36 9.66
CA VAL A 80 25.27 2.20 10.35
C VAL A 80 24.34 2.70 11.44
N LYS A 81 23.09 2.24 11.40
CA LYS A 81 22.10 2.67 12.37
C LYS A 81 21.98 1.74 13.55
N ALA A 82 22.38 0.48 13.41
CA ALA A 82 22.30 -0.45 14.53
C ALA A 82 23.19 -1.64 14.25
N VAL A 83 23.80 -2.17 15.31
CA VAL A 83 24.48 -3.46 15.25
C VAL A 83 23.92 -4.32 16.36
N VAL A 84 23.39 -5.50 15.99
CA VAL A 84 22.67 -6.37 16.90
C VAL A 84 23.38 -7.72 16.91
N THR A 85 23.54 -8.24 18.11
CA THR A 85 24.18 -9.54 18.30
C THR A 85 23.18 -10.51 18.91
N GLY A 86 23.54 -11.80 18.96
CA GLY A 86 22.66 -12.78 19.59
C GLY A 86 22.43 -12.42 21.03
N ALA A 87 23.44 -11.88 21.68
CA ALA A 87 23.26 -11.41 23.07
C ALA A 87 22.15 -10.34 23.16
N ASP A 88 22.14 -9.39 22.22
CA ASP A 88 21.09 -8.34 22.20
C ASP A 88 19.71 -8.99 21.99
N LEU A 89 19.62 -9.96 21.09
CA LEU A 89 18.33 -10.69 20.85
C LEU A 89 17.94 -11.55 22.05
N ALA A 90 18.92 -12.17 22.67
CA ALA A 90 18.67 -13.02 23.86
C ALA A 90 18.04 -12.18 24.94
N ALA A 91 18.49 -10.92 25.08
CA ALA A 91 17.87 -10.01 26.07
C ALA A 91 16.40 -9.83 25.67
N LYS A 92 16.14 -9.71 24.37
CA LYS A 92 14.76 -9.60 23.90
C LYS A 92 14.10 -10.97 23.73
N GLY A 93 14.80 -12.04 24.10
CA GLY A 93 14.22 -13.38 23.99
C GLY A 93 14.04 -13.88 22.59
N LEU A 94 14.71 -13.27 21.61
CA LEU A 94 14.60 -13.69 20.22
C LEU A 94 15.87 -14.32 19.68
N ALA A 95 16.83 -14.66 20.55
CA ALA A 95 18.02 -15.35 20.09
C ALA A 95 17.71 -16.73 19.55
N TRP A 96 16.59 -17.31 19.97
CA TRP A 96 16.15 -18.62 19.51
C TRP A 96 14.73 -18.50 19.00
N MET A 97 14.38 -19.39 18.09
CA MET A 97 13.04 -19.38 17.56
C MET A 97 12.68 -20.81 17.21
N PRO A 98 11.44 -21.22 17.43
CA PRO A 98 11.07 -22.59 17.10
C PRO A 98 11.25 -22.84 15.61
N THR A 99 11.68 -24.05 15.28
CA THR A 99 11.67 -24.48 13.90
C THR A 99 10.33 -25.12 13.59
N LEU A 100 10.08 -25.37 12.30
CA LEU A 100 8.83 -26.02 11.93
C LEU A 100 8.75 -27.44 12.49
N SER A 101 9.87 -28.03 12.88
CA SER A 101 9.88 -29.37 13.43
C SER A 101 9.84 -29.38 14.95
N ASN A 102 9.42 -28.28 15.57
CA ASN A 102 9.35 -28.12 17.01
C ASN A 102 10.72 -28.10 17.66
N ASP A 103 11.79 -28.13 16.89
CA ASP A 103 13.11 -27.84 17.43
C ASP A 103 13.21 -26.34 17.70
N VAL A 104 14.35 -25.91 18.21
CA VAL A 104 14.68 -24.49 18.26
C VAL A 104 15.88 -24.27 17.35
N GLN A 105 16.01 -23.03 16.90
CA GLN A 105 17.14 -22.67 16.06
C GLN A 105 17.59 -21.27 16.43
N ALA A 106 18.90 -21.07 16.43
CA ALA A 106 19.45 -19.77 16.71
C ALA A 106 18.91 -18.76 15.69
N VAL A 107 18.39 -17.65 16.19
CA VAL A 107 18.17 -16.49 15.32
C VAL A 107 19.50 -15.86 14.97
N LEU A 108 20.23 -15.43 15.99
CA LEU A 108 21.65 -15.13 15.89
C LEU A 108 22.40 -16.08 16.81
N ALA A 109 23.50 -16.62 16.30
CA ALA A 109 24.32 -17.51 17.11
C ALA A 109 24.75 -16.81 18.39
N THR A 110 24.56 -17.49 19.51
CA THR A 110 24.93 -16.91 20.83
C THR A 110 26.08 -17.69 21.44
N ASP A 111 25.86 -18.95 21.80
CA ASP A 111 26.90 -19.74 22.44
C ASP A 111 27.98 -20.14 21.44
N LYS A 112 27.57 -20.73 20.32
CA LYS A 112 28.49 -21.14 19.28
C LYS A 112 27.79 -21.04 17.93
N VAL A 113 28.59 -21.04 16.88
CA VAL A 113 28.07 -21.18 15.54
C VAL A 113 28.05 -22.67 15.21
N ARG A 114 26.90 -23.16 14.80
CA ARG A 114 26.76 -24.58 14.50
C ARG A 114 26.80 -24.87 13.01
N PHE A 115 27.00 -23.86 12.17
CA PHE A 115 27.31 -24.11 10.77
C PHE A 115 27.86 -22.85 10.13
N GLN A 116 28.76 -23.05 9.17
CA GLN A 116 29.31 -21.94 8.41
C GLN A 116 28.23 -21.27 7.58
N GLY A 117 28.21 -19.95 7.60
CA GLY A 117 27.10 -19.21 7.05
C GLY A 117 25.97 -18.96 8.02
N GLN A 118 26.06 -19.49 9.24
CA GLN A 118 25.03 -19.24 10.22
C GLN A 118 25.06 -17.79 10.69
N GLU A 119 23.89 -17.27 11.01
CA GLU A 119 23.76 -15.87 11.39
C GLU A 119 24.42 -15.61 12.74
N VAL A 120 25.34 -14.65 12.78
CA VAL A 120 26.06 -14.30 13.98
C VAL A 120 25.69 -12.91 14.48
N ALA A 121 25.58 -11.94 13.58
CA ALA A 121 25.17 -10.60 13.98
C ALA A 121 24.51 -9.95 12.79
N PHE A 122 23.87 -8.80 13.01
CA PHE A 122 23.36 -8.06 11.88
C PHE A 122 23.57 -6.56 12.09
N VAL A 123 23.71 -5.86 10.98
CA VAL A 123 23.91 -4.43 10.95
C VAL A 123 22.80 -3.82 10.11
N VAL A 124 22.11 -2.84 10.69
CA VAL A 124 21.19 -1.99 9.95
C VAL A 124 21.93 -0.72 9.61
N ALA A 125 21.95 -0.39 8.33
CA ALA A 125 22.69 0.73 7.80
C ALA A 125 21.82 1.49 6.81
N GLU A 126 22.34 2.62 6.35
CA GLU A 126 21.57 3.50 5.48
C GLU A 126 21.25 2.83 4.14
N ASP A 127 22.23 2.13 3.60
CA ASP A 127 22.01 1.40 2.37
C ASP A 127 22.64 0.03 2.37
N ARG A 128 22.31 -0.75 1.35
CA ARG A 128 22.79 -2.14 1.30
C ARG A 128 24.31 -2.16 1.28
N TYR A 129 24.94 -1.17 0.69
CA TYR A 129 26.38 -1.24 0.52
C TYR A 129 27.05 -0.98 1.82
N SER A 130 26.64 0.08 2.47
CA SER A 130 27.20 0.42 3.76
C SER A 130 27.00 -0.74 4.69
N ALA A 131 25.82 -1.34 4.65
CA ALA A 131 25.49 -2.43 5.55
C ALA A 131 26.55 -3.48 5.48
N ARG A 132 26.84 -3.94 4.30
CA ARG A 132 27.91 -4.91 4.09
C ARG A 132 29.30 -4.46 4.51
N ASP A 133 29.72 -3.24 4.19
CA ASP A 133 30.96 -2.69 4.73
C ASP A 133 31.00 -2.84 6.24
N ALA A 134 29.92 -2.46 6.91
CA ALA A 134 29.88 -2.51 8.36
C ALA A 134 30.09 -3.94 8.85
N LEU A 135 29.44 -4.90 8.20
CA LEU A 135 29.68 -6.29 8.54
C LEU A 135 31.16 -6.58 8.55
N GLU A 136 31.85 -6.13 7.51
CA GLU A 136 33.30 -6.28 7.50
C GLU A 136 33.91 -5.66 8.75
N LEU A 137 33.33 -4.57 9.25
CA LEU A 137 33.88 -3.93 10.44
C LEU A 137 33.71 -4.74 11.73
N ILE A 138 32.81 -5.70 11.76
CA ILE A 138 32.54 -6.41 13.01
C ILE A 138 33.62 -7.44 13.27
N ASP A 139 34.07 -7.52 14.53
CA ASP A 139 35.09 -8.47 14.94
C ASP A 139 34.50 -9.48 15.90
N VAL A 140 34.55 -10.75 15.53
CA VAL A 140 34.03 -11.84 16.32
C VAL A 140 35.19 -12.75 16.70
N ASP A 141 35.37 -12.98 17.98
CA ASP A 141 36.38 -13.91 18.47
C ASP A 141 35.75 -15.30 18.54
N TYR A 142 36.24 -16.21 17.73
CA TYR A 142 35.77 -17.59 17.71
C TYR A 142 36.80 -18.50 18.36
N GLU A 143 36.29 -19.52 19.03
CA GLU A 143 37.09 -20.68 19.40
C GLU A 143 36.61 -21.85 18.58
N PRO A 144 37.25 -22.16 17.46
CA PRO A 144 36.74 -23.22 16.58
C PRO A 144 36.72 -24.56 17.28
N LEU A 145 35.69 -25.34 16.99
CA LEU A 145 35.51 -26.68 17.50
C LEU A 145 35.56 -27.66 16.33
N ASP A 146 35.74 -28.93 16.65
CA ASP A 146 35.71 -29.95 15.62
C ASP A 146 34.32 -30.02 15.01
N PRO A 147 34.19 -29.85 13.67
CA PRO A 147 32.89 -29.92 13.06
C PRO A 147 32.37 -31.34 12.84
N VAL A 148 31.06 -31.49 12.93
CA VAL A 148 30.42 -32.80 12.64
C VAL A 148 29.89 -32.63 11.22
N ILE A 149 30.65 -33.05 10.24
CA ILE A 149 30.25 -32.81 8.84
C ILE A 149 29.82 -34.12 8.20
N ASP A 150 30.45 -35.18 8.61
CA ASP A 150 30.14 -36.50 8.01
C ASP A 150 28.98 -37.08 8.83
N ALA A 151 27.79 -37.12 8.25
CA ALA A 151 26.60 -37.58 9.00
C ALA A 151 26.77 -39.03 9.43
N ARG A 152 27.60 -39.80 8.73
CA ARG A 152 27.91 -41.21 9.08
C ARG A 152 28.61 -41.29 10.44
N HIS A 153 29.42 -40.29 10.80
CA HIS A 153 30.18 -40.30 12.06
C HIS A 153 29.58 -39.33 13.09
N ALA A 154 28.42 -38.76 12.82
CA ALA A 154 27.77 -37.83 13.78
C ALA A 154 27.48 -38.54 15.09
N LEU A 155 27.08 -39.79 15.03
CA LEU A 155 26.74 -40.56 16.22
C LEU A 155 27.90 -41.37 16.77
N ASP A 156 29.08 -41.27 16.17
CA ASP A 156 30.23 -41.98 16.71
C ASP A 156 30.52 -41.50 18.12
N PRO A 157 30.95 -42.38 19.02
CA PRO A 157 31.32 -41.93 20.36
C PRO A 157 32.45 -40.92 20.28
N GLY A 158 32.34 -39.87 21.10
CA GLY A 158 33.34 -38.82 21.08
C GLY A 158 33.17 -37.80 19.98
N ALA A 159 32.16 -37.95 19.12
CA ALA A 159 31.85 -36.89 18.18
C ALA A 159 31.45 -35.64 18.96
N PRO A 160 31.92 -34.46 18.56
CA PRO A 160 31.54 -33.25 19.28
C PRO A 160 30.02 -33.10 19.31
N VAL A 161 29.51 -32.70 20.47
CA VAL A 161 28.08 -32.52 20.63
C VAL A 161 27.72 -31.15 20.09
N ILE A 162 27.01 -31.12 18.96
CA ILE A 162 26.58 -29.85 18.39
C ILE A 162 25.58 -29.17 19.30
N ARG A 163 24.55 -29.90 19.71
CA ARG A 163 23.41 -29.31 20.39
C ARG A 163 23.66 -29.27 21.90
N THR A 164 24.77 -28.64 22.26
CA THR A 164 25.02 -28.32 23.66
C THR A 164 23.98 -27.35 24.19
N ASP A 165 23.31 -26.62 23.31
CA ASP A 165 22.19 -25.77 23.72
C ASP A 165 21.10 -26.59 24.40
N LEU A 166 20.97 -27.86 24.03
CA LEU A 166 19.96 -28.72 24.63
C LEU A 166 20.46 -29.31 25.94
N ASP A 167 19.60 -29.28 26.96
CA ASP A 167 20.00 -29.73 28.28
C ASP A 167 20.19 -31.24 28.28
N GLY A 168 21.39 -31.68 28.66
CA GLY A 168 21.66 -33.09 28.75
C GLY A 168 21.93 -33.78 27.43
N LYS A 169 21.97 -33.06 26.32
CA LYS A 169 22.29 -33.67 25.04
C LYS A 169 23.74 -34.12 25.03
N THR A 170 23.97 -35.39 24.70
CA THR A 170 25.30 -35.96 24.69
C THR A 170 25.69 -36.56 23.35
N ASP A 171 24.81 -36.51 22.36
CA ASP A 171 25.12 -37.03 21.04
C ASP A 171 24.42 -36.16 20.00
N ASN A 172 24.75 -36.42 18.74
CA ASN A 172 24.18 -35.69 17.62
C ASN A 172 22.94 -36.36 17.07
N HIS A 173 22.23 -37.12 17.89
CA HIS A 173 21.02 -37.80 17.47
C HIS A 173 19.87 -36.81 17.44
N CYS A 174 19.22 -36.68 16.30
CA CYS A 174 18.06 -35.81 16.18
C CYS A 174 16.78 -36.57 16.51
N PHE A 175 16.49 -37.63 15.77
CA PHE A 175 15.31 -38.42 16.11
C PHE A 175 15.39 -39.79 15.48
N ASP A 176 14.60 -40.70 16.02
CA ASP A 176 14.39 -42.02 15.43
C ASP A 176 12.94 -42.08 14.93
N TRP A 177 12.76 -42.55 13.71
CA TRP A 177 11.45 -42.70 13.13
C TRP A 177 11.35 -44.09 12.53
N GLU A 178 10.13 -44.62 12.48
CA GLU A 178 9.95 -45.87 11.77
C GLU A 178 8.52 -45.95 11.25
N THR A 179 8.36 -46.73 10.19
CA THR A 179 7.06 -46.98 9.60
C THR A 179 7.03 -48.41 9.10
N GLY A 180 5.83 -48.95 9.09
CA GLY A 180 5.69 -50.30 8.59
C GLY A 180 5.93 -51.29 9.70
N ASP A 181 6.03 -52.54 9.34
CA ASP A 181 6.14 -53.64 10.30
C ASP A 181 7.51 -54.28 10.15
N ALA A 182 8.33 -54.16 11.20
CA ALA A 182 9.66 -54.75 11.15
C ALA A 182 9.59 -56.27 11.05
N ALA A 183 8.75 -56.90 11.88
CA ALA A 183 8.72 -58.37 11.93
C ALA A 183 8.15 -58.95 10.65
N ALA A 184 7.07 -58.37 10.14
CA ALA A 184 6.51 -58.85 8.88
C ALA A 184 7.53 -58.73 7.75
N THR A 185 8.24 -57.60 7.71
CA THR A 185 9.25 -57.40 6.68
C THR A 185 10.40 -58.40 6.83
N ASP A 186 10.84 -58.64 8.06
CA ASP A 186 11.89 -59.61 8.31
C ASP A 186 11.46 -61.01 7.86
N ALA A 187 10.23 -61.40 8.18
CA ALA A 187 9.75 -62.71 7.79
C ALA A 187 9.70 -62.84 6.27
N VAL A 188 9.17 -61.82 5.60
CA VAL A 188 9.12 -61.86 4.14
C VAL A 188 10.53 -61.97 3.57
N PHE A 189 11.48 -61.21 4.11
CA PHE A 189 12.83 -61.26 3.60
C PHE A 189 13.45 -62.64 3.82
N ALA A 190 13.16 -63.25 4.96
CA ALA A 190 13.64 -64.60 5.22
C ALA A 190 13.10 -65.57 4.17
N LYS A 191 11.84 -65.39 3.76
CA LYS A 191 11.25 -66.29 2.78
C LYS A 191 11.49 -65.83 1.33
N ALA A 192 12.09 -64.67 1.11
CA ALA A 192 12.22 -64.14 -0.25
C ALA A 192 13.27 -64.91 -1.05
N ASP A 193 12.93 -65.20 -2.31
CA ASP A 193 13.91 -65.81 -3.21
C ASP A 193 15.11 -64.90 -3.41
N VAL A 194 14.86 -63.62 -3.66
CA VAL A 194 15.89 -62.67 -4.04
C VAL A 194 15.84 -61.50 -3.07
N VAL A 195 16.97 -61.18 -2.48
CA VAL A 195 17.08 -60.02 -1.60
C VAL A 195 18.20 -59.15 -2.15
N VAL A 196 17.87 -57.92 -2.53
CA VAL A 196 18.83 -56.99 -3.10
C VAL A 196 19.01 -55.83 -2.12
N LYS A 197 20.23 -55.61 -1.69
CA LYS A 197 20.57 -54.53 -0.78
C LYS A 197 21.39 -53.50 -1.53
N GLN A 198 21.01 -52.24 -1.41
CA GLN A 198 21.73 -51.16 -2.07
C GLN A 198 21.71 -49.93 -1.17
N GLU A 199 22.89 -49.39 -0.88
CA GLU A 199 22.97 -48.08 -0.26
C GLU A 199 22.93 -47.02 -1.34
N MET A 200 22.07 -46.03 -1.17
CA MET A 200 21.96 -44.90 -2.05
C MET A 200 21.95 -43.63 -1.22
N VAL A 201 22.62 -42.60 -1.71
CA VAL A 201 22.63 -41.31 -1.05
C VAL A 201 21.84 -40.32 -1.90
N TYR A 202 21.07 -39.51 -1.20
CA TYR A 202 20.32 -38.41 -1.83
C TYR A 202 21.06 -37.19 -1.31
N PRO A 203 22.07 -36.70 -2.05
CA PRO A 203 22.97 -35.68 -1.50
C PRO A 203 22.23 -34.39 -1.18
N ARG A 204 22.74 -33.69 -0.18
CA ARG A 204 22.18 -32.39 0.16
C ARG A 204 22.25 -31.46 -1.05
N VAL A 205 21.09 -30.93 -1.38
CA VAL A 205 21.00 -29.92 -2.47
C VAL A 205 20.20 -28.73 -1.92
N HIS A 206 19.90 -27.75 -2.75
CA HIS A 206 19.22 -26.57 -2.27
C HIS A 206 18.12 -26.12 -3.23
N PRO A 207 17.01 -25.63 -2.69
CA PRO A 207 15.94 -25.16 -3.57
C PRO A 207 16.45 -24.06 -4.51
N ALA A 208 17.35 -23.20 -4.09
CA ALA A 208 18.00 -22.20 -4.92
C ALA A 208 17.05 -21.47 -5.86
N PRO A 209 16.05 -20.86 -5.28
CA PRO A 209 15.16 -20.04 -6.11
C PRO A 209 15.99 -18.84 -6.61
N MET A 210 15.73 -18.34 -7.78
CA MET A 210 16.46 -17.19 -8.32
C MET A 210 16.32 -15.93 -7.45
N GLU A 211 15.16 -15.71 -6.92
CA GLU A 211 15.07 -14.64 -5.99
C GLU A 211 15.49 -15.24 -4.67
N THR A 212 16.44 -14.63 -3.99
CA THR A 212 16.83 -15.09 -2.67
C THR A 212 15.75 -14.72 -1.66
N CYS A 213 15.92 -15.18 -0.44
CA CYS A 213 14.98 -14.84 0.61
C CYS A 213 15.16 -13.39 1.03
N GLY A 214 14.09 -12.79 1.50
CA GLY A 214 14.17 -11.43 1.98
C GLY A 214 12.88 -11.01 2.65
N ALA A 215 12.99 -9.91 3.39
CA ALA A 215 11.88 -9.36 4.15
C ALA A 215 12.12 -7.88 4.33
N VAL A 216 11.11 -7.10 4.00
CA VAL A 216 11.02 -5.71 4.41
C VAL A 216 10.07 -5.68 5.60
N ALA A 217 10.65 -5.50 6.78
CA ALA A 217 9.89 -5.38 8.01
C ALA A 217 9.67 -3.90 8.29
N ASP A 218 8.41 -3.48 8.28
CA ASP A 218 8.05 -2.11 8.59
C ASP A 218 7.13 -2.18 9.81
N LEU A 219 7.71 -2.08 10.99
CA LEU A 219 6.94 -2.00 12.22
C LEU A 219 6.63 -0.52 12.43
N ASP A 220 5.43 -0.12 12.06
CA ASP A 220 5.02 1.28 12.18
C ASP A 220 5.18 1.69 13.64
N PRO A 221 6.06 2.64 13.95
CA PRO A 221 6.37 2.92 15.36
C PRO A 221 5.18 3.42 16.15
N VAL A 222 4.20 3.93 15.47
CA VAL A 222 3.06 4.52 16.13
C VAL A 222 1.96 3.50 16.31
N THR A 223 1.41 3.08 15.20
CA THR A 223 0.34 2.10 15.25
C THR A 223 0.82 0.76 15.79
N ARG A 224 2.13 0.55 15.85
CA ARG A 224 2.71 -0.71 16.28
C ARG A 224 2.38 -1.85 15.34
N LYS A 225 1.83 -1.55 14.17
CA LYS A 225 1.47 -2.60 13.24
C LYS A 225 2.69 -3.03 12.46
N LEU A 226 2.98 -4.33 12.47
CA LEU A 226 4.07 -4.87 11.68
C LEU A 226 3.53 -5.20 10.31
N THR A 227 4.07 -4.56 9.29
CA THR A 227 3.81 -4.94 7.90
C THR A 227 5.09 -5.60 7.41
N LEU A 228 5.01 -6.88 7.13
CA LEU A 228 6.19 -7.65 6.79
C LEU A 228 6.05 -8.15 5.37
N TRP A 229 6.62 -7.42 4.42
N TRP A 229 6.62 -7.41 4.42
CA TRP A 229 6.81 -7.95 3.08
CA TRP A 229 6.82 -7.95 3.08
C TRP A 229 7.82 -9.09 3.18
C TRP A 229 7.82 -9.08 3.18
N SER A 230 7.43 -10.28 2.77
CA SER A 230 8.32 -11.41 2.96
C SER A 230 8.25 -12.35 1.77
N THR A 231 9.38 -12.99 1.50
CA THR A 231 9.45 -14.08 0.55
C THR A 231 9.04 -15.35 1.29
N THR A 232 7.77 -15.40 1.63
CA THR A 232 7.20 -16.52 2.38
C THR A 232 6.19 -17.24 1.52
N GLN A 233 6.21 -18.56 1.53
CA GLN A 233 5.21 -19.38 0.86
C GLN A 233 3.99 -19.59 1.77
N ALA A 234 4.10 -19.29 3.04
CA ALA A 234 3.01 -19.49 3.98
C ALA A 234 2.82 -18.22 4.79
N PRO A 235 2.38 -17.14 4.16
CA PRO A 235 2.28 -15.86 4.87
C PRO A 235 1.41 -15.93 6.11
N HIS A 236 0.31 -16.68 6.09
CA HIS A 236 -0.53 -16.80 7.29
C HIS A 236 0.16 -17.63 8.36
N ALA A 237 0.71 -18.78 7.98
CA ALA A 237 1.50 -19.55 8.95
C ALA A 237 2.60 -18.67 9.54
N HIS A 238 3.28 -17.90 8.68
CA HIS A 238 4.33 -17.03 9.16
C HIS A 238 3.80 -15.96 10.09
N ARG A 239 2.65 -15.37 9.76
CA ARG A 239 2.08 -14.34 10.62
C ARG A 239 1.77 -14.91 12.00
N THR A 240 1.15 -16.08 12.04
CA THR A 240 0.84 -16.70 13.32
C THR A 240 2.11 -17.03 14.08
N LEU A 241 3.13 -17.53 13.38
CA LEU A 241 4.39 -17.87 14.04
C LEU A 241 5.09 -16.63 14.57
N TYR A 242 5.04 -15.52 13.83
CA TYR A 242 5.60 -14.27 14.32
C TYR A 242 4.86 -13.79 15.56
N ALA A 243 3.53 -13.86 15.54
CA ALA A 243 2.79 -13.50 16.74
C ALA A 243 3.24 -14.34 17.91
N LEU A 244 3.44 -15.64 17.68
CA LEU A 244 3.81 -16.55 18.77
C LEU A 244 5.25 -16.33 19.24
N VAL A 245 6.15 -16.00 18.32
CA VAL A 245 7.58 -15.97 18.61
C VAL A 245 8.01 -14.61 19.13
N ALA A 246 7.63 -13.54 18.43
CA ALA A 246 7.95 -12.18 18.86
C ALA A 246 6.94 -11.60 19.83
N GLY A 247 5.88 -12.32 20.15
CA GLY A 247 4.85 -11.79 21.00
C GLY A 247 4.03 -10.68 20.38
N LEU A 248 4.28 -10.36 19.12
CA LEU A 248 3.51 -9.31 18.47
C LEU A 248 2.04 -9.72 18.37
N PRO A 249 1.11 -8.79 18.58
CA PRO A 249 -0.31 -9.13 18.38
C PRO A 249 -0.57 -9.50 16.93
N GLU A 250 -1.21 -10.65 16.73
CA GLU A 250 -1.36 -11.17 15.38
C GLU A 250 -2.24 -10.27 14.51
N HIS A 251 -3.23 -9.62 15.11
CA HIS A 251 -4.08 -8.68 14.38
C HIS A 251 -3.33 -7.41 14.01
N LYS A 252 -2.13 -7.20 14.55
CA LYS A 252 -1.27 -6.10 14.14
C LYS A 252 -0.05 -6.60 13.37
N ILE A 253 -0.16 -7.78 12.77
CA ILE A 253 0.85 -8.30 11.86
C ILE A 253 0.19 -8.54 10.52
N ARG A 254 0.67 -7.84 9.53
CA ARG A 254 0.24 -8.03 8.14
C ARG A 254 1.47 -8.57 7.42
N VAL A 255 1.46 -9.86 7.13
CA VAL A 255 2.50 -10.45 6.32
C VAL A 255 2.07 -10.29 4.87
N ILE A 256 2.88 -9.61 4.09
CA ILE A 256 2.63 -9.43 2.67
C ILE A 256 3.64 -10.29 1.94
N SER A 257 3.16 -11.35 1.34
CA SER A 257 3.99 -12.13 0.45
C SER A 257 3.71 -11.58 -0.95
N PRO A 258 4.58 -10.75 -1.48
CA PRO A 258 4.34 -10.17 -2.80
C PRO A 258 4.59 -11.20 -3.87
N ASP A 259 4.73 -10.78 -5.12
CA ASP A 259 5.28 -11.70 -6.11
C ASP A 259 6.56 -12.33 -5.58
N ILE A 260 6.61 -13.66 -5.59
CA ILE A 260 7.77 -14.40 -5.11
C ILE A 260 8.50 -14.96 -6.31
N GLY A 261 9.78 -14.71 -6.34
CA GLY A 261 10.58 -15.14 -7.46
C GLY A 261 10.99 -16.60 -7.36
N GLY A 262 10.04 -17.52 -7.28
CA GLY A 262 10.42 -18.89 -7.07
C GLY A 262 10.56 -19.19 -5.60
N GLY A 263 10.05 -20.31 -5.18
CA GLY A 263 10.08 -20.68 -3.77
C GLY A 263 10.74 -22.04 -3.67
N PHE A 264 10.14 -23.05 -4.25
CA PHE A 264 10.67 -24.39 -4.24
C PHE A 264 10.88 -24.88 -2.82
N GLY A 265 10.12 -24.36 -1.91
CA GLY A 265 10.20 -24.80 -0.54
C GLY A 265 11.14 -23.94 0.26
N ASN A 266 11.98 -23.20 -0.44
CA ASN A 266 12.98 -22.40 0.24
C ASN A 266 12.38 -21.33 1.11
N LYS A 267 11.19 -20.89 0.77
CA LYS A 267 10.56 -19.77 1.44
C LYS A 267 9.45 -20.22 2.41
N VAL A 268 9.41 -21.49 2.70
CA VAL A 268 8.48 -21.98 3.70
C VAL A 268 8.95 -21.57 5.09
N PRO A 269 10.21 -21.79 5.47
CA PRO A 269 10.62 -21.53 6.84
C PRO A 269 10.58 -20.05 7.16
N ILE A 270 10.51 -19.75 8.45
CA ILE A 270 10.84 -18.42 8.95
C ILE A 270 12.35 -18.41 9.18
N TYR A 271 13.04 -17.64 8.42
CA TYR A 271 14.49 -17.60 8.58
C TYR A 271 14.89 -16.56 9.61
N PRO A 272 16.09 -16.71 10.17
CA PRO A 272 16.56 -15.71 11.13
C PRO A 272 16.56 -14.32 10.58
N GLY A 273 16.82 -14.16 9.27
CA GLY A 273 16.85 -12.84 8.68
C GLY A 273 15.52 -12.11 8.75
N TYR A 274 14.41 -12.84 8.61
CA TYR A 274 13.10 -12.21 8.76
C TYR A 274 12.95 -11.66 10.17
N VAL A 275 13.30 -12.46 11.17
CA VAL A 275 13.24 -12.00 12.55
C VAL A 275 14.16 -10.81 12.76
N CYS A 276 15.33 -10.83 12.12
CA CYS A 276 16.29 -9.74 12.28
C CYS A 276 15.79 -8.47 11.64
N ALA A 277 15.13 -8.56 10.49
CA ALA A 277 14.51 -7.39 9.90
C ALA A 277 13.43 -6.83 10.81
N ILE A 278 12.63 -7.72 11.40
CA ILE A 278 11.59 -7.27 12.33
C ILE A 278 12.22 -6.56 13.52
N VAL A 279 13.28 -7.14 14.07
CA VAL A 279 13.95 -6.54 15.22
C VAL A 279 14.57 -5.20 14.82
N GLY A 280 15.17 -5.13 13.64
CA GLY A 280 15.72 -3.87 13.19
C GLY A 280 14.67 -2.79 13.09
N SER A 281 13.52 -3.13 12.52
CA SER A 281 12.42 -2.17 12.44
C SER A 281 11.94 -1.77 13.83
N LEU A 282 11.77 -2.75 14.72
CA LEU A 282 11.37 -2.45 16.09
C LEU A 282 12.34 -1.48 16.74
N LEU A 283 13.63 -1.76 16.63
CA LEU A 283 14.64 -0.95 17.29
C LEU A 283 14.68 0.45 16.70
N LEU A 284 14.63 0.57 15.38
CA LEU A 284 14.87 1.82 14.70
C LEU A 284 13.60 2.59 14.35
N GLY A 285 12.43 1.98 14.52
CA GLY A 285 11.21 2.65 14.11
C GLY A 285 11.19 3.04 12.66
N LYS A 286 11.91 2.31 11.82
CA LYS A 286 11.98 2.52 10.38
C LYS A 286 11.77 1.21 9.67
N PRO A 287 11.32 1.24 8.42
CA PRO A 287 11.35 0.02 7.62
C PRO A 287 12.78 -0.47 7.49
N VAL A 288 12.95 -1.77 7.60
CA VAL A 288 14.25 -2.41 7.47
C VAL A 288 14.12 -3.50 6.42
N LYS A 289 14.94 -3.45 5.42
CA LYS A 289 14.98 -4.46 4.44
C LYS A 289 16.17 -5.36 4.56
N TRP A 290 15.91 -6.63 4.62
CA TRP A 290 16.96 -7.63 4.60
C TRP A 290 16.75 -8.46 3.34
N MET A 291 17.62 -8.36 2.37
CA MET A 291 17.56 -9.26 1.22
C MET A 291 18.87 -10.04 1.29
N GLU A 292 18.79 -11.35 1.40
CA GLU A 292 19.94 -12.21 1.53
C GLU A 292 20.67 -12.33 0.20
N ASP A 293 22.00 -12.39 0.26
CA ASP A 293 22.78 -12.67 -0.93
C ASP A 293 22.71 -14.16 -1.24
N ARG A 294 23.20 -14.53 -2.42
CA ARG A 294 23.12 -15.93 -2.84
C ARG A 294 23.90 -16.84 -1.88
N SER A 295 25.06 -16.38 -1.42
CA SER A 295 25.86 -17.22 -0.53
C SER A 295 25.12 -17.52 0.76
N GLU A 296 24.55 -16.48 1.39
CA GLU A 296 23.73 -16.72 2.56
C GLU A 296 22.59 -17.67 2.25
N ASN A 297 21.94 -17.47 1.10
CA ASN A 297 20.82 -18.32 0.73
C ASN A 297 21.24 -19.77 0.67
N LEU A 298 22.33 -20.06 -0.03
CA LEU A 298 22.75 -21.43 -0.23
C LEU A 298 23.25 -22.06 1.06
N THR A 299 23.90 -21.30 1.92
CA THR A 299 24.57 -21.88 3.08
C THR A 299 23.74 -21.85 4.35
N SER A 300 22.68 -21.06 4.40
CA SER A 300 21.96 -20.86 5.65
C SER A 300 20.47 -21.19 5.59
N THR A 301 19.82 -21.03 4.44
CA THR A 301 18.42 -21.38 4.38
C THR A 301 18.27 -22.88 4.18
N GLY A 302 17.03 -23.34 4.07
CA GLY A 302 16.75 -24.76 4.05
C GLY A 302 17.37 -25.55 2.93
N PHE A 303 18.28 -26.45 3.26
CA PHE A 303 18.72 -27.44 2.29
C PHE A 303 17.60 -28.42 2.02
N ALA A 304 17.84 -29.29 1.05
CA ALA A 304 16.92 -30.36 0.69
C ALA A 304 17.67 -31.68 0.64
N ARG A 305 16.95 -32.78 0.90
CA ARG A 305 17.54 -34.12 0.73
C ARG A 305 18.55 -34.43 1.83
N ASP A 306 19.75 -34.85 1.44
CA ASP A 306 20.80 -35.23 2.37
C ASP A 306 20.41 -36.48 3.16
N TYR A 307 20.03 -37.53 2.43
CA TYR A 307 19.68 -38.82 3.02
C TYR A 307 20.73 -39.85 2.65
N ILE A 308 21.01 -40.76 3.58
CA ILE A 308 21.77 -41.96 3.28
C ILE A 308 20.84 -43.12 3.57
N MET A 309 20.44 -43.84 2.52
CA MET A 309 19.38 -44.82 2.62
C MET A 309 19.92 -46.18 2.21
N VAL A 310 19.91 -47.12 3.14
CA VAL A 310 20.16 -48.51 2.80
C VAL A 310 18.80 -49.12 2.51
N GLY A 311 18.56 -49.48 1.26
CA GLY A 311 17.35 -50.16 0.86
C GLY A 311 17.63 -51.64 0.71
N GLU A 312 16.66 -52.45 1.08
CA GLU A 312 16.66 -53.87 0.80
C GLU A 312 15.31 -54.21 0.20
N ILE A 313 15.32 -54.90 -0.92
CA ILE A 313 14.10 -55.26 -1.62
C ILE A 313 14.08 -56.78 -1.76
N ALA A 314 13.05 -57.41 -1.22
CA ALA A 314 12.87 -58.83 -1.29
C ALA A 314 11.77 -59.14 -2.28
N ALA A 315 12.09 -60.01 -3.24
CA ALA A 315 11.18 -60.40 -4.29
C ALA A 315 11.27 -61.91 -4.51
N THR A 316 10.32 -62.42 -5.27
CA THR A 316 10.45 -63.75 -5.83
C THR A 316 11.35 -63.72 -7.06
N ARG A 317 11.87 -64.88 -7.44
CA ARG A 317 12.72 -64.94 -8.62
C ARG A 317 12.00 -64.49 -9.88
N ASP A 318 10.68 -64.44 -9.84
CA ASP A 318 9.91 -63.99 -11.00
C ASP A 318 9.69 -62.49 -11.02
N GLY A 319 10.00 -61.83 -9.94
CA GLY A 319 9.87 -60.39 -9.92
C GLY A 319 8.69 -59.86 -9.20
N LYS A 320 8.03 -60.67 -8.40
CA LYS A 320 6.98 -60.15 -7.57
C LYS A 320 7.68 -59.50 -6.39
N ILE A 321 7.61 -58.19 -6.29
CA ILE A 321 8.19 -57.56 -5.13
C ILE A 321 7.39 -57.96 -3.90
N LEU A 322 8.08 -58.46 -2.88
CA LEU A 322 7.45 -58.94 -1.67
C LEU A 322 7.55 -57.94 -0.53
N ALA A 323 8.75 -57.45 -0.27
CA ALA A 323 8.95 -56.54 0.86
C ALA A 323 10.00 -55.50 0.48
N ILE A 324 9.90 -54.35 1.12
CA ILE A 324 10.86 -53.27 0.98
C ILE A 324 11.22 -52.79 2.37
N ARG A 325 12.51 -52.74 2.67
CA ARG A 325 13.01 -52.26 3.94
C ARG A 325 13.93 -51.08 3.68
N SER A 326 13.74 -50.01 4.45
CA SER A 326 14.54 -48.81 4.32
C SER A 326 15.17 -48.50 5.66
N ASN A 327 16.47 -48.22 5.65
CA ASN A 327 17.19 -47.73 6.82
C ASN A 327 17.80 -46.40 6.42
N VAL A 328 17.25 -45.31 6.94
CA VAL A 328 17.64 -43.98 6.53
C VAL A 328 18.42 -43.32 7.65
N LEU A 329 19.59 -42.81 7.31
CA LEU A 329 20.32 -41.86 8.12
C LEU A 329 20.08 -40.49 7.49
N ALA A 330 19.35 -39.64 8.18
CA ALA A 330 19.00 -38.33 7.68
C ALA A 330 19.88 -37.27 8.33
N ASP A 331 20.52 -36.45 7.52
CA ASP A 331 21.36 -35.35 7.98
C ASP A 331 20.48 -34.10 8.06
N HIS A 332 20.23 -33.62 9.26
CA HIS A 332 19.29 -32.53 9.47
C HIS A 332 19.94 -31.19 9.76
N GLY A 333 21.26 -31.12 9.69
CA GLY A 333 21.94 -29.87 9.98
C GLY A 333 22.00 -29.60 11.47
N ALA A 334 22.43 -28.38 11.80
CA ALA A 334 22.64 -28.04 13.20
C ALA A 334 21.34 -28.14 14.00
N PHE A 335 20.24 -27.74 13.40
CA PHE A 335 18.93 -27.80 14.04
C PHE A 335 17.96 -28.53 13.13
N ASN A 336 16.99 -29.18 13.73
CA ASN A 336 15.93 -29.84 12.98
C ASN A 336 14.96 -28.76 12.51
N GLY A 337 15.24 -28.20 11.34
CA GLY A 337 14.40 -27.21 10.71
C GLY A 337 13.48 -27.78 9.66
N THR A 338 13.33 -29.10 9.60
CA THR A 338 12.52 -29.73 8.56
C THR A 338 11.09 -29.23 8.63
N ALA A 339 10.61 -28.69 7.52
CA ALA A 339 9.26 -28.17 7.41
C ALA A 339 8.33 -29.34 7.13
N ALA A 340 7.94 -30.02 8.19
CA ALA A 340 7.11 -31.21 8.06
C ALA A 340 5.95 -31.15 9.04
N PRO A 341 4.84 -31.82 8.75
CA PRO A 341 3.75 -31.89 9.72
C PRO A 341 4.23 -32.55 11.00
N VAL A 342 3.65 -32.13 12.13
CA VAL A 342 4.17 -32.49 13.43
C VAL A 342 4.20 -34.00 13.60
N LYS A 343 3.11 -34.68 13.22
CA LYS A 343 3.04 -36.13 13.37
C LYS A 343 3.87 -36.88 12.34
N TYR A 344 4.58 -36.18 11.46
CA TYR A 344 5.35 -36.80 10.38
C TYR A 344 6.76 -36.22 10.37
N PRO A 345 7.55 -36.50 11.40
CA PRO A 345 8.91 -35.92 11.44
C PRO A 345 9.77 -36.32 10.26
N ALA A 346 9.62 -37.55 9.79
CA ALA A 346 10.25 -38.00 8.56
C ALA A 346 9.44 -37.66 7.33
N GLY A 347 8.49 -36.74 7.47
CA GLY A 347 7.61 -36.39 6.38
C GLY A 347 6.84 -37.58 5.88
N PHE A 348 6.57 -37.58 4.58
CA PHE A 348 5.83 -38.64 3.93
C PHE A 348 6.76 -39.69 3.32
N PHE A 349 7.90 -39.92 3.95
CA PHE A 349 8.82 -40.93 3.48
C PHE A 349 8.19 -42.32 3.49
N GLY A 350 7.14 -42.52 4.28
CA GLY A 350 6.46 -43.80 4.31
C GLY A 350 5.94 -44.27 2.99
N VAL A 351 5.86 -43.40 1.99
CA VAL A 351 5.38 -43.78 0.67
C VAL A 351 6.53 -44.43 -0.10
N PHE A 352 7.61 -44.78 0.60
CA PHE A 352 8.73 -45.47 -0.02
C PHE A 352 8.34 -46.82 -0.59
N THR A 353 7.23 -47.40 -0.16
CA THR A 353 6.74 -48.60 -0.84
C THR A 353 6.32 -48.31 -2.27
N GLY A 354 6.15 -47.04 -2.62
CA GLY A 354 5.98 -46.66 -4.01
C GLY A 354 4.64 -47.07 -4.58
N SER A 355 4.62 -47.24 -5.89
CA SER A 355 3.41 -47.57 -6.63
C SER A 355 3.17 -49.07 -6.76
N TYR A 356 3.75 -49.87 -5.87
CA TYR A 356 3.82 -51.32 -6.08
C TYR A 356 3.08 -52.07 -4.99
N ASP A 357 2.53 -53.21 -5.38
CA ASP A 357 1.82 -54.09 -4.47
C ASP A 357 2.84 -55.00 -3.81
N ILE A 358 3.18 -54.68 -2.57
CA ILE A 358 4.19 -55.47 -1.84
C ILE A 358 3.52 -56.03 -0.58
N GLU A 359 4.03 -57.13 -0.05
CA GLU A 359 3.46 -57.77 1.16
C GLU A 359 3.77 -57.02 2.45
N ALA A 360 4.98 -56.47 2.54
CA ALA A 360 5.39 -55.88 3.82
C ALA A 360 6.37 -54.76 3.55
N ALA A 361 6.45 -53.84 4.48
CA ALA A 361 7.48 -52.82 4.29
C ALA A 361 7.87 -52.33 5.65
N TYR A 362 9.14 -52.03 5.79
CA TYR A 362 9.60 -51.43 7.04
C TYR A 362 10.65 -50.39 6.71
N CYS A 363 10.57 -49.26 7.39
CA CYS A 363 11.59 -48.24 7.31
C CYS A 363 11.96 -47.82 8.71
N HIS A 364 13.26 -47.75 8.97
CA HIS A 364 13.78 -47.10 10.17
C HIS A 364 14.70 -45.98 9.73
N MET A 365 14.52 -44.82 10.33
CA MET A 365 15.26 -43.63 9.96
C MET A 365 15.91 -43.05 11.19
N THR A 366 17.18 -42.73 11.08
CA THR A 366 17.91 -42.01 12.12
C THR A 366 18.25 -40.64 11.57
N ALA A 367 17.73 -39.60 12.20
CA ALA A 367 18.08 -38.23 11.89
C ALA A 367 19.14 -37.77 12.87
N VAL A 368 20.24 -37.24 12.34
CA VAL A 368 21.37 -36.80 13.13
C VAL A 368 21.62 -35.32 12.85
N TYR A 369 22.19 -34.65 13.84
CA TYR A 369 22.60 -33.27 13.69
C TYR A 369 24.00 -33.22 13.11
N THR A 370 24.25 -32.21 12.29
CA THR A 370 25.58 -31.94 11.78
C THR A 370 25.75 -30.43 11.74
N ASN A 371 27.00 -30.00 11.64
CA ASN A 371 27.31 -28.58 11.57
C ASN A 371 27.07 -28.06 10.16
N LYS A 372 25.79 -28.03 9.81
CA LYS A 372 25.33 -27.55 8.51
C LYS A 372 24.00 -26.85 8.71
N ALA A 373 23.63 -26.04 7.74
CA ALA A 373 22.39 -25.29 7.85
C ALA A 373 21.21 -26.25 8.02
N PRO A 374 20.21 -25.87 8.80
CA PRO A 374 19.04 -26.74 8.97
C PRO A 374 18.24 -26.87 7.69
N GLY A 375 17.17 -27.65 7.73
CA GLY A 375 16.31 -27.81 6.57
C GLY A 375 16.05 -29.27 6.27
N GLY A 376 16.01 -29.61 5.00
CA GLY A 376 15.78 -30.98 4.58
C GLY A 376 14.51 -31.11 3.76
N VAL A 377 13.41 -30.52 4.23
CA VAL A 377 12.17 -30.49 3.46
C VAL A 377 12.16 -29.19 2.67
N ALA A 378 12.42 -29.31 1.38
CA ALA A 378 12.53 -28.16 0.50
C ALA A 378 12.77 -28.71 -0.90
N TYR A 379 12.79 -27.87 -1.87
CA TYR A 379 13.17 -28.31 -3.21
C TYR A 379 12.20 -29.36 -3.71
N ALA A 380 10.90 -29.08 -3.64
CA ALA A 380 9.87 -29.94 -4.23
C ALA A 380 9.98 -31.37 -3.77
N CYS A 381 10.23 -31.53 -2.50
CA CYS A 381 10.39 -32.86 -1.93
C CYS A 381 9.07 -33.50 -1.54
N SER A 382 7.98 -32.72 -1.47
CA SER A 382 6.68 -33.24 -1.07
C SER A 382 6.76 -33.94 0.28
N PHE A 383 7.54 -33.35 1.19
CA PHE A 383 7.80 -33.91 2.50
C PHE A 383 8.55 -35.24 2.42
N ARG A 384 9.76 -35.22 1.87
CA ARG A 384 10.64 -36.38 1.77
C ARG A 384 10.13 -37.41 0.77
N ILE A 385 9.07 -37.10 0.03
CA ILE A 385 8.61 -38.03 -0.99
C ILE A 385 9.64 -38.11 -2.10
N THR A 386 10.38 -37.04 -2.37
CA THR A 386 11.48 -37.18 -3.32
C THR A 386 12.43 -38.27 -2.86
N GLU A 387 12.76 -38.29 -1.57
CA GLU A 387 13.67 -39.31 -1.05
C GLU A 387 13.04 -40.70 -1.15
N ALA A 388 11.77 -40.82 -0.76
CA ALA A 388 11.12 -42.12 -0.81
C ALA A 388 11.04 -42.65 -2.23
N VAL A 389 10.72 -41.78 -3.18
CA VAL A 389 10.55 -42.19 -4.57
C VAL A 389 11.89 -42.56 -5.17
N TYR A 390 12.91 -41.73 -4.94
CA TYR A 390 14.24 -42.09 -5.42
C TYR A 390 14.68 -43.41 -4.80
N PHE A 391 14.53 -43.52 -3.48
CA PHE A 391 14.85 -44.77 -2.80
C PHE A 391 14.23 -45.95 -3.52
N VAL A 392 12.90 -45.94 -3.65
CA VAL A 392 12.20 -47.12 -4.14
C VAL A 392 12.46 -47.36 -5.62
N GLU A 393 12.49 -46.31 -6.43
CA GLU A 393 12.70 -46.52 -7.87
C GLU A 393 14.13 -46.94 -8.17
N ARG A 394 15.11 -46.33 -7.50
CA ARG A 394 16.48 -46.80 -7.58
C ARG A 394 16.59 -48.24 -7.10
N LEU A 395 15.94 -48.57 -5.99
CA LEU A 395 16.00 -49.92 -5.44
C LEU A 395 15.34 -50.93 -6.37
N VAL A 396 14.24 -50.53 -7.02
CA VAL A 396 13.57 -51.41 -7.96
C VAL A 396 14.44 -51.63 -9.19
N ASP A 397 15.17 -50.59 -9.62
CA ASP A 397 16.10 -50.79 -10.72
C ASP A 397 17.27 -51.67 -10.30
N CYS A 398 17.72 -51.54 -9.05
CA CYS A 398 18.71 -52.48 -8.52
C CYS A 398 18.17 -53.90 -8.54
N LEU A 399 16.89 -54.07 -8.18
CA LEU A 399 16.29 -55.39 -8.14
C LEU A 399 16.15 -55.96 -9.55
N ALA A 400 15.77 -55.12 -10.51
CA ALA A 400 15.70 -55.57 -11.89
C ALA A 400 17.07 -55.97 -12.38
N TYR A 401 18.10 -55.19 -12.05
CA TYR A 401 19.46 -55.53 -12.45
C TYR A 401 19.89 -56.86 -11.85
N GLU A 402 19.55 -57.10 -10.59
CA GLU A 402 19.88 -58.38 -9.96
C GLU A 402 19.09 -59.53 -10.59
N LEU A 403 17.83 -59.31 -10.91
CA LEU A 403 17.02 -60.31 -11.59
C LEU A 403 17.31 -60.37 -13.08
N LYS A 404 18.06 -59.43 -13.63
CA LYS A 404 18.33 -59.35 -15.06
C LYS A 404 17.02 -59.26 -15.83
N MET A 405 16.08 -58.50 -15.29
CA MET A 405 14.77 -58.31 -15.87
C MET A 405 14.60 -56.86 -16.28
N ASP A 406 13.84 -56.62 -17.34
CA ASP A 406 13.59 -55.27 -17.80
C ASP A 406 12.95 -54.47 -16.67
N PRO A 407 13.52 -53.33 -16.28
CA PRO A 407 12.92 -52.54 -15.19
C PRO A 407 11.47 -52.17 -15.46
N ALA A 408 11.13 -51.87 -16.71
CA ALA A 408 9.74 -51.59 -17.04
C ALA A 408 8.86 -52.80 -16.79
N GLN A 409 9.31 -53.98 -17.18
CA GLN A 409 8.56 -55.20 -16.91
C GLN A 409 8.44 -55.44 -15.42
N LEU A 410 9.51 -55.28 -14.65
CA LEU A 410 9.43 -55.40 -13.20
C LEU A 410 8.34 -54.53 -12.64
N ARG A 411 8.42 -53.25 -12.93
CA ARG A 411 7.48 -52.29 -12.42
C ARG A 411 6.07 -52.64 -12.82
N LEU A 412 5.83 -52.78 -14.09
CA LEU A 412 4.51 -53.17 -14.59
C LEU A 412 3.88 -54.40 -13.92
N GLN A 413 4.67 -55.34 -13.49
CA GLN A 413 4.12 -56.50 -12.82
C GLN A 413 3.83 -56.26 -11.37
N ASN A 414 4.38 -55.20 -10.81
CA ASN A 414 4.25 -55.01 -9.40
C ASN A 414 3.41 -53.85 -9.08
N LEU A 415 3.07 -53.11 -10.09
CA LEU A 415 2.27 -51.94 -9.88
C LEU A 415 0.92 -52.25 -9.34
N LEU A 416 0.50 -51.38 -8.50
CA LEU A 416 -0.85 -51.49 -7.96
C LEU A 416 -1.86 -51.43 -9.10
N LYS A 417 -2.95 -52.17 -8.95
CA LYS A 417 -4.01 -52.19 -9.92
C LYS A 417 -5.08 -51.16 -9.58
N ALA A 418 -5.82 -50.74 -10.60
CA ALA A 418 -6.82 -49.70 -10.39
C ALA A 418 -7.88 -50.14 -9.39
N GLU A 419 -8.32 -51.39 -9.48
CA GLU A 419 -9.34 -51.91 -8.58
C GLU A 419 -8.88 -51.98 -7.13
N GLN A 420 -7.59 -51.82 -6.87
CA GLN A 420 -7.09 -51.86 -5.51
C GLN A 420 -7.31 -50.56 -4.75
N PHE A 421 -7.76 -49.53 -5.41
CA PHE A 421 -7.87 -48.22 -4.80
C PHE A 421 -9.30 -47.96 -4.31
N PRO A 422 -9.47 -47.21 -3.21
CA PRO A 422 -8.41 -46.61 -2.37
C PRO A 422 -7.53 -47.69 -1.78
N TYR A 423 -6.22 -47.63 -2.04
CA TYR A 423 -5.27 -48.67 -1.55
C TYR A 423 -4.62 -48.30 -0.23
N THR A 424 -4.72 -49.13 0.80
CA THR A 424 -3.96 -48.86 2.05
C THR A 424 -2.58 -49.48 1.90
N SER A 425 -1.56 -48.65 1.90
CA SER A 425 -0.17 -49.11 1.70
C SER A 425 0.28 -49.87 2.93
N LYS A 426 1.38 -50.61 2.82
CA LYS A 426 1.94 -51.31 4.01
C LYS A 426 2.45 -50.31 5.04
N THR A 427 2.63 -49.05 4.66
CA THR A 427 3.08 -48.00 5.61
C THR A 427 1.87 -47.20 6.10
N GLY A 428 0.65 -47.62 5.72
CA GLY A 428 -0.56 -46.97 6.25
C GLY A 428 -1.08 -45.83 5.40
N TRP A 429 -0.45 -45.56 4.27
CA TRP A 429 -0.93 -44.52 3.37
C TRP A 429 -2.05 -45.07 2.49
N VAL A 430 -3.15 -44.33 2.41
CA VAL A 430 -4.31 -44.73 1.64
C VAL A 430 -4.27 -43.95 0.33
N TYR A 431 -3.80 -44.59 -0.73
CA TYR A 431 -3.75 -43.96 -2.04
C TYR A 431 -5.16 -43.74 -2.57
N ASP A 432 -5.46 -42.51 -2.99
CA ASP A 432 -6.84 -42.17 -3.32
C ASP A 432 -7.32 -42.89 -4.58
N SER A 433 -6.53 -42.82 -5.64
CA SER A 433 -6.94 -43.40 -6.92
C SER A 433 -5.70 -43.56 -7.79
N GLY A 434 -5.85 -44.34 -8.85
CA GLY A 434 -4.77 -44.51 -9.80
C GLY A 434 -4.96 -45.66 -10.76
N ASP A 435 -4.61 -45.44 -12.02
CA ASP A 435 -4.53 -46.51 -13.02
C ASP A 435 -3.09 -46.54 -13.51
N TYR A 436 -2.24 -47.22 -12.74
CA TYR A 436 -0.80 -47.07 -12.94
C TYR A 436 -0.35 -47.70 -14.24
N GLU A 437 -0.88 -48.89 -14.57
CA GLU A 437 -0.46 -49.56 -15.78
C GLU A 437 -0.76 -48.71 -17.00
N LYS A 438 -1.94 -48.08 -17.05
CA LYS A 438 -2.29 -47.26 -18.20
C LYS A 438 -1.31 -46.12 -18.38
N THR A 439 -0.99 -45.42 -17.29
CA THR A 439 -0.04 -44.32 -17.38
C THR A 439 1.35 -44.81 -17.78
N MET A 440 1.80 -45.92 -17.18
CA MET A 440 3.12 -46.45 -17.49
C MET A 440 3.21 -46.86 -18.95
N ARG A 441 2.20 -47.58 -19.45
CA ARG A 441 2.18 -47.97 -20.84
C ARG A 441 2.14 -46.75 -21.73
N LEU A 442 1.41 -45.72 -21.33
CA LEU A 442 1.39 -44.49 -22.11
C LEU A 442 2.78 -43.89 -22.22
N ALA A 443 3.51 -43.83 -21.10
CA ALA A 443 4.87 -43.33 -21.11
C ALA A 443 5.77 -44.17 -21.99
N MET A 444 5.64 -45.49 -21.92
CA MET A 444 6.48 -46.36 -22.72
C MET A 444 6.22 -46.20 -24.20
N GLU A 445 4.95 -46.06 -24.58
CA GLU A 445 4.65 -45.82 -25.99
C GLU A 445 5.19 -44.47 -26.44
N MET A 446 4.99 -43.43 -25.63
CA MET A 446 5.45 -42.10 -26.03
C MET A 446 6.95 -42.06 -26.18
N VAL A 447 7.69 -42.67 -25.26
CA VAL A 447 9.13 -42.69 -25.36
C VAL A 447 9.64 -43.74 -26.33
N ASP A 448 8.75 -44.62 -26.81
CA ASP A 448 9.14 -45.75 -27.66
C ASP A 448 10.19 -46.59 -26.94
N TYR A 449 9.78 -47.16 -25.81
CA TYR A 449 10.68 -47.90 -24.95
C TYR A 449 11.42 -49.00 -25.70
N GLU A 450 10.69 -49.82 -26.45
CA GLU A 450 11.34 -50.91 -27.19
C GLU A 450 12.30 -50.37 -28.24
N GLY A 451 11.89 -49.34 -28.98
CA GLY A 451 12.78 -48.75 -29.96
C GLY A 451 14.02 -48.16 -29.31
N LEU A 452 13.84 -47.53 -28.16
CA LEU A 452 14.98 -47.03 -27.41
C LEU A 452 15.91 -48.17 -27.02
N ARG A 453 15.35 -49.31 -26.61
CA ARG A 453 16.18 -50.44 -26.24
C ARG A 453 16.97 -50.97 -27.43
N ALA A 454 16.33 -51.05 -28.60
CA ALA A 454 17.04 -51.48 -29.80
C ALA A 454 18.17 -50.51 -30.13
N GLU A 455 17.89 -49.21 -30.07
CA GLU A 455 18.91 -48.21 -30.37
C GLU A 455 20.05 -48.30 -29.36
N GLN A 456 19.73 -48.47 -28.09
CA GLN A 456 20.75 -48.59 -27.05
C GLN A 456 21.63 -49.82 -27.27
N ALA A 457 21.01 -50.94 -27.64
CA ALA A 457 21.80 -52.14 -27.92
C ALA A 457 22.74 -51.91 -29.10
N GLU A 458 22.24 -51.26 -30.16
CA GLU A 458 23.09 -51.00 -31.31
C GLU A 458 24.25 -50.08 -30.94
N LYS A 459 23.98 -49.05 -30.13
CA LYS A 459 25.04 -48.17 -29.68
C LYS A 459 26.07 -48.93 -28.85
N ARG A 460 25.61 -49.79 -27.94
CA ARG A 460 26.55 -50.57 -27.15
C ARG A 460 27.42 -51.44 -28.05
N LYS A 461 26.83 -51.98 -29.11
CA LYS A 461 27.64 -52.58 -30.16
C LYS A 461 28.72 -51.60 -30.61
N ARG A 462 28.35 -50.34 -30.82
CA ARG A 462 29.32 -49.34 -31.26
C ARG A 462 30.18 -48.80 -30.12
N GLY A 463 29.91 -49.18 -28.88
CA GLY A 463 30.69 -48.68 -27.75
C GLY A 463 30.13 -47.43 -27.10
N GLU A 464 29.13 -46.79 -27.70
CA GLU A 464 28.55 -45.59 -27.12
C GLU A 464 27.62 -45.96 -25.96
N LEU A 465 27.52 -45.05 -25.01
CA LEU A 465 26.79 -45.29 -23.77
C LEU A 465 25.46 -44.57 -23.85
N MET A 466 24.40 -45.32 -24.07
CA MET A 466 23.04 -44.81 -24.02
C MET A 466 22.33 -45.47 -22.84
N GLY A 467 21.77 -44.64 -21.97
CA GLY A 467 21.02 -45.12 -20.83
C GLY A 467 19.55 -44.82 -21.01
N ILE A 468 18.71 -45.79 -20.70
CA ILE A 468 17.27 -45.58 -20.56
C ILE A 468 16.96 -45.82 -19.09
N GLY A 469 16.56 -44.76 -18.41
CA GLY A 469 16.13 -44.84 -17.03
C GLY A 469 14.65 -44.58 -16.96
N MET A 470 14.00 -45.17 -15.97
CA MET A 470 12.59 -44.91 -15.78
C MET A 470 12.31 -44.82 -14.30
N SER A 471 11.21 -44.15 -13.99
CA SER A 471 10.67 -44.16 -12.66
C SER A 471 9.17 -44.23 -12.76
N PHE A 472 8.56 -45.04 -11.92
CA PHE A 472 7.12 -44.92 -11.69
C PHE A 472 6.92 -44.58 -10.23
N PHE A 473 6.28 -43.46 -9.98
CA PHE A 473 6.18 -42.96 -8.62
C PHE A 473 4.74 -42.60 -8.33
N THR A 474 4.37 -42.77 -7.07
CA THR A 474 3.13 -42.26 -6.55
C THR A 474 3.47 -41.13 -5.59
N GLU A 475 3.00 -39.94 -5.92
CA GLU A 475 3.09 -38.80 -5.02
C GLU A 475 2.00 -38.92 -3.95
N ALA A 476 2.19 -38.19 -2.87
CA ALA A 476 1.17 -38.04 -1.83
C ALA A 476 1.20 -36.57 -1.44
N VAL A 477 0.30 -35.78 -2.02
CA VAL A 477 0.35 -34.34 -1.88
C VAL A 477 -1.03 -33.82 -1.47
N GLY A 478 -1.02 -32.65 -0.87
CA GLY A 478 -2.26 -32.04 -0.42
C GLY A 478 -2.44 -32.16 1.08
N ALA A 479 -1.36 -31.97 1.83
CA ALA A 479 -1.46 -31.99 3.27
C ALA A 479 -2.36 -30.86 3.73
N GLY A 480 -3.46 -31.22 4.37
CA GLY A 480 -3.84 -32.58 4.67
C GLY A 480 -4.86 -32.57 5.77
N PRO A 481 -5.44 -33.73 6.08
CA PRO A 481 -6.45 -33.76 7.15
C PRO A 481 -5.86 -33.21 8.44
N ARG A 482 -6.59 -32.28 9.04
CA ARG A 482 -6.10 -31.68 10.29
C ARG A 482 -5.95 -32.72 11.39
N LYS A 483 -6.74 -33.79 11.35
CA LYS A 483 -6.60 -34.83 12.36
C LYS A 483 -5.20 -35.40 12.37
N ASP A 484 -4.52 -35.41 11.23
CA ASP A 484 -3.18 -35.99 11.10
C ASP A 484 -2.11 -34.95 10.85
N MET A 485 -2.37 -34.01 9.95
CA MET A 485 -1.34 -33.12 9.44
C MET A 485 -1.56 -31.72 10.00
N ASP A 486 -0.58 -31.26 10.76
CA ASP A 486 -0.56 -29.90 11.26
C ASP A 486 0.89 -29.43 11.24
N ILE A 487 1.07 -28.15 10.95
CA ILE A 487 2.37 -27.50 11.01
C ILE A 487 2.42 -26.70 12.30
N LEU A 488 3.32 -27.09 13.21
CA LEU A 488 3.44 -26.45 14.50
C LEU A 488 2.07 -26.22 15.12
N GLY A 489 1.24 -27.24 15.08
CA GLY A 489 -0.09 -27.17 15.66
C GLY A 489 -1.16 -26.53 14.80
N LEU A 490 -0.84 -26.09 13.60
CA LEU A 490 -1.81 -25.50 12.67
C LEU A 490 -2.30 -26.58 11.72
N GLY A 491 -3.56 -26.97 11.88
CA GLY A 491 -4.15 -27.94 10.98
C GLY A 491 -3.97 -27.49 9.55
N MET A 492 -3.68 -28.43 8.66
CA MET A 492 -3.37 -28.10 7.27
C MET A 492 -4.63 -28.08 6.40
N ALA A 493 -5.63 -27.34 6.87
CA ALA A 493 -6.86 -27.10 6.13
C ALA A 493 -6.86 -25.67 5.65
N ASP A 494 -7.37 -25.44 4.45
CA ASP A 494 -7.19 -24.15 3.79
C ASP A 494 -8.50 -23.38 3.73
N GLY A 495 -8.46 -22.13 4.16
CA GLY A 495 -9.59 -21.26 3.97
C GLY A 495 -9.59 -20.64 2.58
N CYS A 496 -10.80 -20.41 2.07
CA CYS A 496 -11.00 -19.72 0.80
C CYS A 496 -12.27 -18.89 0.89
N GLU A 497 -12.19 -17.65 0.44
CA GLU A 497 -13.35 -16.76 0.43
C GLU A 497 -13.68 -16.41 -1.01
N LEU A 498 -14.96 -16.36 -1.32
CA LEU A 498 -15.43 -15.96 -2.63
C LEU A 498 -16.45 -14.86 -2.40
N ARG A 499 -16.33 -13.78 -3.16
CA ARG A 499 -17.25 -12.67 -3.07
C ARG A 499 -17.60 -12.22 -4.47
N VAL A 500 -18.87 -12.26 -4.81
CA VAL A 500 -19.34 -11.75 -6.10
C VAL A 500 -19.77 -10.32 -5.89
N HIS A 501 -19.11 -9.40 -6.56
CA HIS A 501 -19.44 -7.99 -6.46
C HIS A 501 -20.83 -7.74 -7.06
N PRO A 502 -21.47 -6.64 -6.70
CA PRO A 502 -22.79 -6.36 -7.27
C PRO A 502 -22.83 -6.40 -8.78
N THR A 503 -21.76 -5.96 -9.45
CA THR A 503 -21.74 -5.99 -10.91
C THR A 503 -21.40 -7.36 -11.47
N GLY A 504 -21.25 -8.37 -10.62
CA GLY A 504 -21.02 -9.73 -11.07
C GLY A 504 -19.57 -10.12 -11.23
N LYS A 505 -18.64 -9.20 -11.08
CA LYS A 505 -17.24 -9.57 -10.94
C LYS A 505 -17.02 -10.22 -9.58
N ALA A 506 -16.03 -11.09 -9.50
CA ALA A 506 -15.79 -11.85 -8.29
C ALA A 506 -14.36 -11.63 -7.81
N VAL A 507 -14.17 -11.86 -6.52
CA VAL A 507 -12.85 -11.92 -5.90
C VAL A 507 -12.80 -13.20 -5.07
N VAL A 508 -11.81 -14.04 -5.33
CA VAL A 508 -11.54 -15.20 -4.50
C VAL A 508 -10.25 -14.91 -3.74
N ARG A 509 -10.33 -15.00 -2.42
CA ARG A 509 -9.18 -14.81 -1.55
C ARG A 509 -8.71 -16.18 -1.10
N LEU A 510 -7.42 -16.44 -1.31
CA LEU A 510 -6.81 -17.73 -1.06
C LEU A 510 -5.88 -17.67 0.13
N SER A 511 -5.69 -18.82 0.75
CA SER A 511 -4.67 -18.99 1.78
C SER A 511 -3.39 -19.59 1.21
N VAL A 512 -3.32 -19.80 -0.10
CA VAL A 512 -2.13 -20.29 -0.75
C VAL A 512 -1.37 -19.12 -1.31
N GLN A 513 -0.07 -19.29 -1.49
CA GLN A 513 0.79 -18.21 -1.94
C GLN A 513 1.61 -18.70 -3.11
N SER A 514 1.30 -18.19 -4.29
CA SER A 514 2.04 -18.57 -5.47
C SER A 514 3.47 -18.06 -5.39
N GLN A 515 4.41 -18.82 -5.92
CA GLN A 515 5.80 -18.38 -6.11
C GLN A 515 6.02 -18.65 -7.59
N GLY A 516 4.98 -18.52 -8.39
CA GLY A 516 5.08 -18.69 -9.82
C GLY A 516 4.22 -19.80 -10.38
N GLN A 517 3.42 -20.47 -9.57
CA GLN A 517 2.61 -21.64 -10.01
C GLN A 517 1.32 -21.28 -10.72
N GLY A 518 1.02 -20.02 -10.90
CA GLY A 518 -0.13 -19.60 -11.69
C GLY A 518 -1.45 -19.54 -10.94
N HIS A 519 -1.45 -19.41 -9.64
CA HIS A 519 -2.67 -19.45 -8.84
C HIS A 519 -3.62 -18.39 -9.32
N GLU A 520 -3.11 -17.22 -9.67
CA GLU A 520 -4.00 -16.13 -10.08
C GLU A 520 -4.82 -16.51 -11.30
N THR A 521 -4.35 -17.46 -12.08
CA THR A 521 -5.10 -17.99 -13.22
C THR A 521 -5.94 -19.20 -12.83
N THR A 522 -5.31 -20.20 -12.30
CA THR A 522 -5.98 -21.44 -12.01
C THR A 522 -7.13 -21.36 -11.01
N PHE A 523 -6.92 -20.61 -9.97
CA PHE A 523 -8.02 -20.48 -9.03
C PHE A 523 -9.18 -19.69 -9.64
N ALA A 524 -8.85 -18.70 -10.49
CA ALA A 524 -9.88 -18.07 -11.29
C ALA A 524 -10.63 -19.11 -12.12
N GLN A 525 -9.90 -20.08 -12.65
CA GLN A 525 -10.52 -21.10 -13.49
C GLN A 525 -11.40 -22.04 -12.66
N ILE A 526 -10.94 -22.42 -11.49
CA ILE A 526 -11.75 -23.28 -10.62
C ILE A 526 -13.07 -22.58 -10.30
N VAL A 527 -12.99 -21.32 -9.87
CA VAL A 527 -14.19 -20.57 -9.55
C VAL A 527 -15.06 -20.37 -10.80
N ALA A 528 -14.43 -19.96 -11.89
CA ALA A 528 -15.14 -19.78 -13.17
C ALA A 528 -15.89 -21.07 -13.53
N GLU A 529 -15.25 -22.20 -13.29
CA GLU A 529 -15.90 -23.47 -13.65
C GLU A 529 -17.17 -23.61 -12.82
N GLU A 530 -17.04 -23.35 -11.52
CA GLU A 530 -18.19 -23.58 -10.64
C GLU A 530 -19.30 -22.57 -10.86
N LEU A 531 -18.94 -21.33 -11.16
CA LEU A 531 -19.86 -20.19 -11.10
C LEU A 531 -20.25 -19.60 -12.44
N GLY A 532 -19.48 -19.83 -13.49
CA GLY A 532 -19.87 -19.28 -14.78
C GLY A 532 -19.38 -17.86 -14.94
N ILE A 533 -18.72 -17.30 -13.93
CA ILE A 533 -18.04 -16.01 -14.10
C ILE A 533 -16.75 -16.24 -14.88
N PRO A 534 -16.48 -15.50 -15.94
CA PRO A 534 -15.25 -15.70 -16.68
C PRO A 534 -14.05 -15.49 -15.79
N PRO A 535 -12.98 -16.25 -16.00
CA PRO A 535 -11.79 -16.05 -15.15
C PRO A 535 -11.29 -14.62 -15.14
N GLU A 536 -11.34 -13.93 -16.29
CA GLU A 536 -10.91 -12.54 -16.32
C GLU A 536 -11.74 -11.67 -15.39
N ASP A 537 -12.93 -12.11 -15.01
CA ASP A 537 -13.79 -11.39 -14.10
C ASP A 537 -13.58 -11.80 -12.65
N ILE A 538 -12.62 -12.66 -12.38
CA ILE A 538 -12.36 -13.18 -11.04
C ILE A 538 -10.96 -12.73 -10.62
N ASP A 539 -10.91 -11.84 -9.64
CA ASP A 539 -9.64 -11.44 -9.05
C ASP A 539 -9.21 -12.47 -8.02
N VAL A 540 -8.08 -13.11 -8.23
CA VAL A 540 -7.51 -14.02 -7.26
C VAL A 540 -6.56 -13.24 -6.36
N VAL A 541 -6.88 -13.19 -5.08
CA VAL A 541 -6.11 -12.45 -4.09
C VAL A 541 -5.37 -13.47 -3.23
N HIS A 542 -4.10 -13.19 -2.95
CA HIS A 542 -3.26 -14.13 -2.22
C HIS A 542 -2.04 -13.39 -1.69
N GLY A 543 -1.43 -13.97 -0.66
CA GLY A 543 -0.16 -13.50 -0.16
C GLY A 543 -0.23 -12.39 0.86
N ASP A 544 -1.34 -11.65 0.91
CA ASP A 544 -1.52 -10.58 1.87
C ASP A 544 -2.46 -11.06 2.97
N THR A 545 -1.92 -11.32 4.15
CA THR A 545 -2.70 -11.92 5.21
C THR A 545 -3.77 -10.98 5.76
N ASP A 546 -3.69 -9.69 5.46
CA ASP A 546 -4.72 -8.75 5.92
C ASP A 546 -6.01 -8.87 5.12
N GLN A 547 -5.98 -9.49 3.95
CA GLN A 547 -7.18 -9.63 3.12
C GLN A 547 -7.34 -11.03 2.56
N THR A 548 -6.77 -12.03 3.22
CA THR A 548 -6.96 -13.40 2.80
C THR A 548 -7.28 -14.28 3.99
N PRO A 549 -8.08 -15.32 3.79
CA PRO A 549 -8.41 -16.23 4.89
C PRO A 549 -7.21 -17.06 5.30
N PHE A 550 -7.28 -17.57 6.52
CA PHE A 550 -6.18 -18.35 7.05
C PHE A 550 -6.04 -19.67 6.30
N GLY A 551 -4.80 -20.06 6.05
CA GLY A 551 -4.50 -21.34 5.43
C GLY A 551 -3.03 -21.59 5.60
N LEU A 552 -2.61 -22.77 5.16
CA LEU A 552 -1.25 -23.20 5.42
C LEU A 552 -0.28 -22.83 4.30
N GLY A 553 -0.72 -22.11 3.29
CA GLY A 553 0.20 -21.65 2.27
C GLY A 553 0.49 -22.72 1.23
N THR A 554 1.51 -22.43 0.42
CA THR A 554 1.87 -23.28 -0.67
C THR A 554 3.14 -24.08 -0.56
N TYR A 555 2.98 -25.36 -0.33
CA TYR A 555 4.11 -26.25 -0.31
C TYR A 555 3.48 -27.62 -0.32
N GLY A 556 4.25 -28.64 -0.61
CA GLY A 556 3.65 -29.97 -0.72
C GLY A 556 2.62 -30.08 -1.83
N SER A 557 2.73 -29.26 -2.84
CA SER A 557 1.79 -29.30 -3.95
C SER A 557 0.35 -29.30 -3.42
N ARG A 558 0.13 -28.66 -2.33
CA ARG A 558 -1.18 -28.72 -1.74
C ARG A 558 -2.16 -27.68 -2.17
N SER A 559 -1.70 -26.72 -2.92
CA SER A 559 -2.59 -25.61 -3.26
C SER A 559 -3.87 -26.10 -3.96
N THR A 560 -3.77 -26.97 -4.91
CA THR A 560 -4.91 -27.47 -5.67
C THR A 560 -5.72 -28.55 -4.98
N PRO A 561 -5.06 -29.47 -4.31
CA PRO A 561 -5.81 -30.45 -3.51
C PRO A 561 -6.55 -29.81 -2.36
N VAL A 562 -5.96 -28.83 -1.71
CA VAL A 562 -6.57 -28.26 -0.51
C VAL A 562 -7.25 -26.94 -0.82
N SER A 563 -6.47 -25.93 -1.23
CA SER A 563 -7.08 -24.65 -1.57
C SER A 563 -7.91 -24.74 -2.83
N GLY A 564 -7.49 -25.56 -3.80
CA GLY A 564 -8.32 -25.75 -4.99
C GLY A 564 -9.66 -26.36 -4.65
N ALA A 565 -9.67 -27.40 -3.83
CA ALA A 565 -10.91 -27.99 -3.37
C ALA A 565 -11.76 -26.95 -2.64
N ALA A 566 -11.14 -26.19 -1.74
CA ALA A 566 -11.85 -25.16 -1.01
C ALA A 566 -12.46 -24.15 -1.96
N ALA A 567 -11.72 -23.74 -2.98
CA ALA A 567 -12.22 -22.74 -3.93
C ALA A 567 -13.41 -23.29 -4.70
N ALA A 568 -13.31 -24.53 -5.17
CA ALA A 568 -14.44 -25.14 -5.86
C ALA A 568 -15.67 -25.20 -4.95
N LEU A 569 -15.48 -25.59 -3.70
CA LEU A 569 -16.61 -25.74 -2.79
C LEU A 569 -17.22 -24.38 -2.43
N VAL A 570 -16.40 -23.36 -2.24
CA VAL A 570 -16.94 -22.03 -1.93
C VAL A 570 -17.66 -21.47 -3.14
N ALA A 571 -17.13 -21.69 -4.34
CA ALA A 571 -17.86 -21.29 -5.53
C ALA A 571 -19.20 -22.00 -5.60
N ARG A 572 -19.24 -23.27 -5.21
CA ARG A 572 -20.50 -23.99 -5.21
C ARG A 572 -21.46 -23.46 -4.14
N LYS A 573 -20.94 -23.07 -2.99
CA LYS A 573 -21.77 -22.43 -1.98
C LYS A 573 -22.41 -21.17 -2.55
N VAL A 574 -21.60 -20.35 -3.22
CA VAL A 574 -22.12 -19.14 -3.82
C VAL A 574 -23.16 -19.49 -4.87
N ARG A 575 -22.93 -20.57 -5.62
CA ARG A 575 -23.90 -20.98 -6.64
C ARG A 575 -25.21 -21.43 -6.00
N ASP A 576 -25.16 -22.15 -4.88
CA ASP A 576 -26.37 -22.58 -4.20
C ASP A 576 -27.17 -21.38 -3.68
N LYS A 577 -26.50 -20.46 -3.00
CA LYS A 577 -27.16 -19.22 -2.57
C LYS A 577 -27.74 -18.49 -3.79
N ALA A 578 -26.92 -18.35 -4.82
CA ALA A 578 -27.38 -17.68 -6.03
C ALA A 578 -28.62 -18.37 -6.57
N LYS A 579 -28.69 -19.68 -6.44
CA LYS A 579 -29.88 -20.40 -6.88
C LYS A 579 -31.09 -19.97 -6.08
N ILE A 580 -30.92 -19.81 -4.76
CA ILE A 580 -32.03 -19.34 -3.94
C ILE A 580 -32.48 -17.97 -4.43
N ILE A 581 -31.54 -17.05 -4.58
CA ILE A 581 -31.87 -15.70 -5.03
C ILE A 581 -32.51 -15.73 -6.41
N ALA A 582 -31.96 -16.54 -7.32
CA ALA A 582 -32.48 -16.63 -8.69
C ALA A 582 -33.90 -17.20 -8.70
N ALA A 583 -34.17 -18.20 -7.87
CA ALA A 583 -35.52 -18.73 -7.76
C ALA A 583 -36.47 -17.65 -7.30
N GLY A 584 -36.05 -16.83 -6.35
CA GLY A 584 -36.84 -15.65 -6.01
C GLY A 584 -37.07 -14.76 -7.22
N MET A 585 -36.00 -14.47 -7.97
CA MET A 585 -36.12 -13.53 -9.08
C MET A 585 -36.97 -14.09 -10.19
N LEU A 586 -36.84 -15.39 -10.47
CA LEU A 586 -37.67 -16.01 -11.50
C LEU A 586 -39.06 -16.34 -10.99
N GLU A 587 -39.36 -16.02 -9.73
CA GLU A 587 -40.67 -16.32 -9.14
C GLU A 587 -41.01 -17.79 -9.37
N ALA A 588 -40.04 -18.65 -9.07
CA ALA A 588 -40.14 -20.07 -9.34
C ALA A 588 -39.66 -20.84 -8.11
N SER A 589 -40.09 -22.09 -8.04
CA SER A 589 -39.55 -22.99 -7.04
C SER A 589 -38.07 -23.22 -7.30
N ILE A 590 -37.31 -23.37 -6.21
CA ILE A 590 -35.89 -23.64 -6.36
C ILE A 590 -35.67 -24.95 -7.11
N ALA A 591 -36.64 -25.87 -7.03
CA ALA A 591 -36.51 -27.14 -7.74
C ALA A 591 -36.61 -26.96 -9.26
N ASP A 592 -37.42 -26.00 -9.72
CA ASP A 592 -37.60 -25.76 -11.15
C ASP A 592 -36.42 -25.02 -11.78
N LEU A 593 -35.45 -24.61 -10.98
CA LEU A 593 -34.28 -23.91 -11.51
C LEU A 593 -33.23 -24.91 -11.98
N GLU A 594 -32.69 -24.66 -13.16
CA GLU A 594 -31.58 -25.40 -13.72
C GLU A 594 -30.38 -24.47 -13.84
N TRP A 595 -29.25 -24.95 -13.38
CA TRP A 595 -28.00 -24.16 -13.48
C TRP A 595 -27.43 -24.36 -14.89
N ASP A 596 -27.03 -23.28 -15.55
CA ASP A 596 -26.47 -23.37 -16.92
C ASP A 596 -25.18 -22.55 -17.03
N LYS A 597 -24.12 -22.96 -16.33
CA LYS A 597 -22.80 -22.29 -16.48
C LYS A 597 -22.92 -20.76 -16.44
N GLY A 598 -23.19 -20.21 -15.27
CA GLY A 598 -23.27 -18.75 -15.16
C GLY A 598 -24.70 -18.30 -15.00
N SER A 599 -25.68 -19.20 -15.15
CA SER A 599 -27.07 -18.70 -15.10
C SER A 599 -28.07 -19.72 -14.59
N PHE A 600 -29.10 -19.26 -13.87
CA PHE A 600 -30.20 -20.13 -13.50
C PHE A 600 -31.38 -19.83 -14.41
N HIS A 601 -32.00 -20.86 -14.95
CA HIS A 601 -33.21 -20.67 -15.73
C HIS A 601 -34.25 -21.67 -15.27
N ILE A 602 -35.52 -21.30 -15.37
CA ILE A 602 -36.59 -22.28 -15.03
C ILE A 602 -36.45 -23.45 -16.00
N LYS A 603 -36.57 -24.69 -15.51
CA LYS A 603 -36.48 -25.87 -16.40
C LYS A 603 -37.58 -25.72 -17.43
N GLY A 604 -37.29 -26.00 -18.69
CA GLY A 604 -38.28 -25.70 -19.73
C GLY A 604 -37.82 -24.45 -20.42
N ASP A 605 -38.07 -23.28 -19.85
CA ASP A 605 -37.73 -22.01 -20.50
C ASP A 605 -36.29 -21.60 -20.20
N PRO A 606 -35.32 -21.73 -21.13
CA PRO A 606 -33.99 -21.23 -20.90
C PRO A 606 -34.16 -19.71 -20.84
N SER A 607 -35.12 -19.15 -21.57
CA SER A 607 -35.30 -17.67 -21.66
C SER A 607 -35.59 -17.06 -20.29
N ALA A 608 -36.36 -17.73 -19.45
CA ALA A 608 -36.56 -17.26 -18.07
C ALA A 608 -35.25 -17.54 -17.33
N SER A 609 -34.18 -16.82 -17.68
CA SER A 609 -32.89 -17.05 -17.09
C SER A 609 -32.36 -15.76 -16.46
N VAL A 610 -31.58 -15.93 -15.41
CA VAL A 610 -30.87 -14.84 -14.74
C VAL A 610 -29.42 -15.27 -14.59
N THR A 611 -28.50 -14.38 -14.92
CA THR A 611 -27.08 -14.66 -14.77
C THR A 611 -26.62 -14.43 -13.34
N ILE A 612 -25.44 -14.97 -13.04
CA ILE A 612 -24.83 -14.76 -11.73
C ILE A 612 -24.63 -13.27 -11.48
N ALA A 613 -24.40 -12.48 -12.53
CA ALA A 613 -24.28 -11.04 -12.35
C ALA A 613 -25.61 -10.41 -11.93
N ASP A 614 -26.70 -10.82 -12.60
CA ASP A 614 -28.02 -10.36 -12.19
C ASP A 614 -28.30 -10.73 -10.75
N ILE A 615 -27.99 -11.98 -10.39
CA ILE A 615 -28.22 -12.43 -9.03
C ILE A 615 -27.35 -11.66 -8.05
N ALA A 616 -26.11 -11.37 -8.43
CA ALA A 616 -25.22 -10.61 -7.56
C ALA A 616 -25.80 -9.23 -7.29
N MET A 617 -26.25 -8.54 -8.35
CA MET A 617 -26.90 -7.26 -8.16
C MET A 617 -28.12 -7.39 -7.27
N ARG A 618 -28.95 -8.40 -7.52
CA ARG A 618 -30.14 -8.61 -6.71
C ARG A 618 -29.78 -8.88 -5.25
N ALA A 619 -28.73 -9.67 -5.03
CA ALA A 619 -28.28 -9.99 -3.69
C ALA A 619 -27.85 -8.75 -2.94
N HIS A 620 -27.40 -7.72 -3.65
CA HIS A 620 -27.09 -6.42 -3.08
C HIS A 620 -28.20 -5.41 -3.31
N GLY A 621 -29.27 -5.80 -3.99
CA GLY A 621 -30.23 -4.88 -4.54
C GLY A 621 -31.41 -4.61 -3.63
N ALA A 622 -32.35 -3.84 -4.16
CA ALA A 622 -33.57 -3.50 -3.46
C ALA A 622 -34.53 -4.69 -3.42
N GLY A 623 -35.52 -4.60 -2.56
CA GLY A 623 -36.53 -5.62 -2.45
C GLY A 623 -36.08 -6.79 -1.60
N ASP A 624 -37.01 -7.36 -0.85
CA ASP A 624 -36.68 -8.43 0.08
C ASP A 624 -36.10 -9.63 -0.67
N LEU A 625 -35.08 -10.25 -0.09
CA LEU A 625 -34.55 -11.49 -0.59
C LEU A 625 -35.39 -12.64 -0.06
N PRO A 626 -35.17 -13.86 -0.54
CA PRO A 626 -35.95 -14.99 -0.05
C PRO A 626 -35.82 -15.13 1.46
N GLU A 627 -36.91 -15.55 2.10
CA GLU A 627 -36.97 -15.56 3.56
C GLU A 627 -35.80 -16.34 4.16
N GLY A 628 -35.19 -15.77 5.18
CA GLY A 628 -34.10 -16.39 5.88
C GLY A 628 -32.75 -16.24 5.22
N LEU A 629 -32.67 -15.58 4.07
CA LEU A 629 -31.43 -15.44 3.33
C LEU A 629 -30.82 -14.07 3.61
N GLU A 630 -29.52 -14.06 3.91
CA GLU A 630 -28.77 -12.82 4.01
C GLU A 630 -28.35 -12.35 2.63
N GLY A 631 -28.21 -11.05 2.44
CA GLY A 631 -27.77 -10.53 1.18
C GLY A 631 -26.32 -10.79 0.88
N GLY A 632 -25.85 -10.31 -0.25
CA GLY A 632 -24.48 -10.51 -0.63
C GLY A 632 -24.35 -11.85 -1.29
N LEU A 633 -23.36 -11.98 -2.11
CA LEU A 633 -23.16 -13.25 -2.68
C LEU A 633 -21.73 -13.55 -2.31
N ASP A 634 -21.55 -13.88 -1.04
CA ASP A 634 -20.26 -14.18 -0.54
C ASP A 634 -20.36 -15.50 0.14
N ALA A 635 -19.32 -16.26 0.12
CA ALA A 635 -19.21 -17.51 0.84
C ALA A 635 -17.77 -17.70 1.26
N GLN A 636 -17.59 -18.44 2.33
CA GLN A 636 -16.25 -18.81 2.75
C GLN A 636 -16.28 -20.27 3.18
N ILE A 637 -15.10 -20.87 3.12
CA ILE A 637 -14.98 -22.28 3.47
C ILE A 637 -13.61 -22.46 4.11
N CYS A 638 -13.54 -23.42 5.00
CA CYS A 638 -12.26 -23.94 5.49
C CYS A 638 -12.28 -25.41 5.07
N TYR A 639 -11.57 -25.74 4.01
CA TYR A 639 -11.58 -27.09 3.50
C TYR A 639 -10.56 -27.94 4.22
N ASN A 640 -11.04 -28.99 4.86
CA ASN A 640 -10.18 -29.98 5.50
C ASN A 640 -10.15 -31.23 4.62
N PRO A 641 -9.02 -31.56 4.03
CA PRO A 641 -8.96 -32.75 3.17
C PRO A 641 -9.32 -34.00 3.96
N SER A 642 -10.06 -34.89 3.30
CA SER A 642 -10.30 -36.23 3.84
C SER A 642 -9.04 -37.07 3.80
N ASN A 643 -8.26 -36.91 2.73
CA ASN A 643 -7.06 -37.67 2.47
C ASN A 643 -6.17 -36.82 1.58
N LEU A 644 -4.91 -37.24 1.46
CA LEU A 644 -4.05 -36.62 0.48
C LEU A 644 -4.53 -36.99 -0.92
N THR A 645 -4.03 -36.26 -1.90
CA THR A 645 -4.13 -36.72 -3.27
C THR A 645 -2.86 -37.47 -3.61
N TYR A 646 -2.98 -38.43 -4.52
CA TYR A 646 -1.87 -39.29 -4.88
C TYR A 646 -1.74 -39.25 -6.40
N PRO A 647 -1.27 -38.12 -6.93
CA PRO A 647 -0.90 -38.10 -8.34
C PRO A 647 0.23 -39.08 -8.54
N TYR A 648 0.44 -39.47 -9.79
CA TYR A 648 1.51 -40.43 -10.04
C TYR A 648 2.12 -40.12 -11.39
N GLY A 649 3.26 -40.72 -11.64
CA GLY A 649 4.00 -40.42 -12.84
C GLY A 649 4.78 -41.61 -13.33
N ALA A 650 4.93 -41.63 -14.66
CA ALA A 650 5.78 -42.63 -15.32
C ALA A 650 6.76 -41.80 -16.13
N TYR A 651 7.98 -41.72 -15.65
CA TYR A 651 9.01 -40.86 -16.27
C TYR A 651 10.05 -41.73 -16.95
N PHE A 652 10.46 -41.34 -18.13
CA PHE A 652 11.46 -42.05 -18.90
C PHE A 652 12.52 -41.06 -19.33
N CYS A 653 13.74 -41.27 -18.89
CA CYS A 653 14.87 -40.45 -19.27
C CYS A 653 15.78 -41.24 -20.19
N VAL A 654 16.28 -40.58 -21.22
CA VAL A 654 17.28 -41.15 -22.11
C VAL A 654 18.49 -40.26 -22.01
N VAL A 655 19.63 -40.85 -21.68
CA VAL A 655 20.86 -40.11 -21.51
C VAL A 655 21.90 -40.71 -22.44
N ASP A 656 22.82 -39.86 -22.86
CA ASP A 656 24.05 -40.29 -23.49
C ASP A 656 25.19 -39.96 -22.54
N ILE A 657 26.13 -40.88 -22.40
CA ILE A 657 27.34 -40.66 -21.62
C ILE A 657 28.52 -40.77 -22.58
N ASP A 658 29.34 -39.75 -22.62
CA ASP A 658 30.56 -39.83 -23.39
C ASP A 658 31.49 -40.83 -22.71
N PRO A 659 31.86 -41.93 -23.37
CA PRO A 659 32.66 -42.95 -22.70
C PRO A 659 34.05 -42.49 -22.32
N GLY A 660 34.57 -41.44 -22.96
CA GLY A 660 35.89 -40.95 -22.63
C GLY A 660 35.90 -40.00 -21.46
N THR A 661 34.99 -39.03 -21.47
CA THR A 661 34.91 -38.00 -20.45
C THR A 661 33.86 -38.27 -19.38
N ALA A 662 33.03 -39.30 -19.56
CA ALA A 662 31.95 -39.60 -18.64
C ALA A 662 31.01 -38.41 -18.45
N VAL A 663 30.92 -37.55 -19.46
CA VAL A 663 29.96 -36.46 -19.42
C VAL A 663 28.60 -37.01 -19.75
N VAL A 664 27.62 -36.77 -18.88
CA VAL A 664 26.27 -37.25 -19.07
C VAL A 664 25.46 -36.15 -19.73
N LYS A 665 24.74 -36.51 -20.79
CA LYS A 665 23.83 -35.61 -21.48
C LYS A 665 22.45 -36.24 -21.49
N VAL A 666 21.46 -35.52 -20.99
CA VAL A 666 20.08 -36.00 -21.03
C VAL A 666 19.54 -35.73 -22.43
N ARG A 667 19.35 -36.77 -23.20
CA ARG A 667 18.88 -36.63 -24.59
C ARG A 667 17.36 -36.45 -24.60
N ARG A 668 16.67 -37.17 -23.74
CA ARG A 668 15.22 -37.13 -23.78
C ARG A 668 14.66 -37.27 -22.39
N PHE A 669 13.48 -36.70 -22.25
CA PHE A 669 12.74 -36.90 -20.99
C PHE A 669 11.25 -36.94 -21.32
N VAL A 670 10.65 -38.09 -21.16
CA VAL A 670 9.18 -38.19 -21.34
C VAL A 670 8.62 -38.32 -19.94
N ALA A 671 7.74 -37.42 -19.60
CA ALA A 671 7.13 -37.47 -18.26
C ALA A 671 5.64 -37.64 -18.45
N VAL A 672 5.10 -38.74 -17.95
CA VAL A 672 3.64 -38.91 -18.03
C VAL A 672 3.08 -38.75 -16.63
N ASP A 673 2.29 -37.70 -16.45
CA ASP A 673 1.78 -37.38 -15.12
C ASP A 673 0.28 -37.53 -15.08
N ASP A 674 -0.20 -38.01 -13.97
CA ASP A 674 -1.64 -38.08 -13.72
C ASP A 674 -1.90 -37.40 -12.39
N CYS A 675 -2.42 -36.18 -12.48
CA CYS A 675 -2.75 -35.38 -11.33
C CYS A 675 -4.27 -35.19 -11.24
N GLY A 676 -5.04 -36.18 -11.66
CA GLY A 676 -6.47 -36.08 -11.73
C GLY A 676 -6.92 -35.02 -12.71
N THR A 677 -8.01 -34.38 -12.41
CA THR A 677 -8.55 -33.32 -13.25
C THR A 677 -7.59 -32.15 -13.43
N ARG A 678 -7.38 -31.73 -14.66
CA ARG A 678 -6.42 -30.70 -14.95
C ARG A 678 -7.09 -29.34 -15.07
N ILE A 679 -6.66 -28.43 -14.23
CA ILE A 679 -7.23 -27.15 -14.32
C ILE A 679 -6.69 -26.39 -15.53
N ASN A 680 -5.39 -26.44 -15.72
CA ASN A 680 -4.82 -25.67 -16.74
C ASN A 680 -3.63 -26.41 -17.27
N PRO A 681 -3.82 -27.01 -18.42
CA PRO A 681 -2.75 -27.82 -19.00
C PRO A 681 -1.45 -27.08 -19.28
N MET A 682 -1.51 -25.79 -19.64
CA MET A 682 -0.26 -25.07 -19.90
C MET A 682 0.53 -24.87 -18.61
N ILE A 683 -0.14 -24.43 -17.58
CA ILE A 683 0.51 -24.33 -16.27
C ILE A 683 1.03 -25.70 -15.78
N ILE A 684 0.24 -26.72 -16.00
CA ILE A 684 0.62 -28.04 -15.57
C ILE A 684 1.91 -28.41 -16.28
N GLU A 685 1.98 -28.18 -17.59
CA GLU A 685 3.18 -28.47 -18.36
C GLU A 685 4.37 -27.72 -17.80
N GLY A 686 4.19 -26.43 -17.51
CA GLY A 686 5.29 -25.66 -16.94
C GLY A 686 5.76 -26.25 -15.63
N GLN A 687 4.82 -26.66 -14.81
CA GLN A 687 5.13 -27.26 -13.50
C GLN A 687 5.96 -28.50 -13.65
N ILE A 688 5.54 -29.37 -14.52
CA ILE A 688 6.34 -30.59 -14.77
C ILE A 688 7.72 -30.20 -15.31
N HIS A 689 7.75 -29.40 -16.37
CA HIS A 689 9.04 -29.12 -16.99
C HIS A 689 10.04 -28.59 -15.96
N GLY A 690 9.59 -27.67 -15.11
CA GLY A 690 10.48 -27.17 -14.08
C GLY A 690 10.95 -28.27 -13.16
N GLY A 691 10.03 -29.16 -12.77
CA GLY A 691 10.43 -30.30 -11.96
C GLY A 691 11.45 -31.18 -12.66
N LEU A 692 11.35 -31.35 -13.97
CA LEU A 692 12.29 -32.22 -14.73
C LEU A 692 13.67 -31.58 -14.70
N VAL A 693 13.69 -30.28 -14.88
CA VAL A 693 14.97 -29.61 -14.78
C VAL A 693 15.57 -29.82 -13.39
N ASP A 694 14.81 -29.69 -12.31
CA ASP A 694 15.30 -29.99 -10.94
C ASP A 694 15.89 -31.39 -10.83
N GLY A 695 15.19 -32.38 -11.38
CA GLY A 695 15.65 -33.76 -11.26
C GLY A 695 16.96 -33.96 -11.95
N ILE A 696 17.09 -33.36 -13.13
CA ILE A 696 18.36 -33.47 -13.90
C ILE A 696 19.45 -32.82 -13.09
N GLY A 697 19.15 -31.68 -12.47
CA GLY A 697 20.14 -30.94 -11.69
C GLY A 697 20.62 -31.79 -10.54
N MET A 698 19.70 -32.41 -9.82
CA MET A 698 20.08 -33.30 -8.69
C MET A 698 20.77 -34.57 -9.21
N ALA A 699 20.23 -35.16 -10.25
CA ALA A 699 20.84 -36.41 -10.72
C ALA A 699 22.26 -36.12 -11.21
N LEU A 700 22.50 -34.97 -11.81
CA LEU A 700 23.79 -34.79 -12.51
C LEU A 700 24.81 -33.83 -11.93
N MET A 701 24.38 -32.80 -11.25
CA MET A 701 25.41 -31.77 -10.91
C MET A 701 25.21 -31.09 -9.57
N GLU A 702 24.00 -31.00 -9.11
CA GLU A 702 23.70 -30.22 -7.91
C GLU A 702 24.14 -30.95 -6.66
N MET A 703 24.80 -30.18 -5.85
CA MET A 703 25.17 -30.70 -4.54
C MET A 703 25.76 -29.57 -3.71
N ILE A 704 25.36 -29.51 -2.45
CA ILE A 704 26.01 -28.66 -1.47
C ILE A 704 26.98 -29.57 -0.72
N ALA A 705 28.25 -29.45 -1.04
CA ALA A 705 29.28 -30.28 -0.43
C ALA A 705 30.00 -29.49 0.66
N PHE A 706 30.50 -30.21 1.65
CA PHE A 706 31.25 -29.64 2.74
C PHE A 706 32.61 -30.32 2.81
N ASP A 707 33.61 -29.51 3.08
CA ASP A 707 34.96 -30.10 3.28
C ASP A 707 35.06 -30.66 4.69
N GLU A 708 36.20 -31.26 5.01
CA GLU A 708 36.44 -31.89 6.33
C GLU A 708 36.32 -30.84 7.42
N ASP A 709 36.75 -29.61 7.15
CA ASP A 709 36.67 -28.49 8.14
C ASP A 709 35.27 -27.90 8.27
N GLY A 710 34.33 -28.32 7.42
CA GLY A 710 32.95 -27.83 7.62
C GLY A 710 32.64 -26.64 6.75
N ASN A 711 33.60 -26.22 5.93
CA ASN A 711 33.36 -25.13 4.97
C ASN A 711 32.33 -25.60 3.94
N CYS A 712 31.29 -24.82 3.73
CA CYS A 712 30.33 -25.17 2.69
C CYS A 712 30.98 -24.95 1.33
N LEU A 713 31.13 -26.02 0.56
CA LEU A 713 31.71 -25.93 -0.77
C LEU A 713 30.70 -25.53 -1.82
N GLY A 714 29.42 -25.40 -1.47
CA GLY A 714 28.40 -24.98 -2.41
C GLY A 714 27.73 -23.68 -2.01
N GLY A 715 28.52 -22.72 -1.57
CA GLY A 715 28.02 -21.44 -1.11
C GLY A 715 27.81 -20.40 -2.20
N SER A 716 27.83 -20.81 -3.47
CA SER A 716 27.63 -19.87 -4.56
C SER A 716 27.14 -20.64 -5.77
N LEU A 717 26.61 -19.89 -6.73
CA LEU A 717 26.20 -20.48 -8.00
C LEU A 717 27.38 -20.90 -8.85
N MET A 718 28.60 -20.51 -8.48
CA MET A 718 29.77 -21.12 -9.10
C MET A 718 29.94 -22.56 -8.63
N ASP A 719 29.66 -22.83 -7.36
CA ASP A 719 29.87 -24.14 -6.77
C ASP A 719 28.61 -24.98 -6.70
N TYR A 720 27.45 -24.37 -6.58
CA TYR A 720 26.18 -25.08 -6.66
C TYR A 720 25.64 -24.89 -8.07
N LEU A 721 25.76 -25.94 -8.88
CA LEU A 721 25.53 -25.83 -10.31
C LEU A 721 24.08 -26.17 -10.60
N ILE A 722 23.33 -25.19 -11.07
CA ILE A 722 21.92 -25.36 -11.43
C ILE A 722 21.85 -25.55 -12.94
N PRO A 723 21.03 -26.46 -13.44
CA PRO A 723 21.02 -26.70 -14.89
C PRO A 723 20.72 -25.43 -15.67
N THR A 724 21.46 -25.22 -16.73
CA THR A 724 21.11 -24.19 -17.69
C THR A 724 20.21 -24.79 -18.76
N ALA A 725 19.70 -23.94 -19.64
CA ALA A 725 18.91 -24.43 -20.75
C ALA A 725 19.69 -25.44 -21.59
N MET A 726 21.02 -25.36 -21.58
CA MET A 726 21.85 -26.27 -22.36
C MET A 726 22.00 -27.66 -21.75
N GLU A 727 21.70 -27.83 -20.46
CA GLU A 727 21.84 -29.14 -19.83
C GLU A 727 20.61 -30.01 -20.00
N VAL A 728 19.51 -29.45 -20.47
CA VAL A 728 18.22 -30.13 -20.37
C VAL A 728 17.65 -30.27 -21.77
N PRO A 729 16.90 -31.34 -22.03
CA PRO A 729 16.32 -31.54 -23.36
C PRO A 729 15.02 -30.77 -23.52
N HIS A 730 14.50 -30.83 -24.74
CA HIS A 730 13.13 -30.45 -25.03
C HIS A 730 12.21 -31.46 -24.37
N PHE A 731 11.60 -31.10 -23.26
CA PHE A 731 10.82 -32.06 -22.51
C PHE A 731 9.57 -32.48 -23.27
N GLU A 732 9.18 -33.74 -23.06
CA GLU A 732 7.94 -34.26 -23.66
C GLU A 732 7.07 -34.76 -22.52
N THR A 733 5.79 -34.47 -22.59
CA THR A 733 4.92 -34.85 -21.46
C THR A 733 3.64 -35.45 -22.00
N GLY A 734 3.11 -36.37 -21.25
CA GLY A 734 1.78 -36.89 -21.57
C GLY A 734 1.03 -36.88 -20.27
N HIS A 735 -0.19 -37.35 -20.31
CA HIS A 735 -0.99 -37.34 -19.11
C HIS A 735 -2.11 -38.34 -19.24
N THR A 736 -2.55 -38.82 -18.09
CA THR A 736 -3.81 -39.53 -17.96
C THR A 736 -4.58 -38.81 -16.87
N VAL A 737 -5.90 -38.90 -16.91
CA VAL A 737 -6.74 -38.26 -15.91
C VAL A 737 -7.38 -39.36 -15.08
N THR A 738 -6.92 -39.51 -13.84
CA THR A 738 -7.54 -40.38 -12.85
C THR A 738 -7.89 -39.47 -11.69
N PRO A 739 -9.11 -38.93 -11.66
CA PRO A 739 -9.44 -37.91 -10.67
C PRO A 739 -9.35 -38.46 -9.25
N SER A 740 -9.02 -37.56 -8.32
CA SER A 740 -9.12 -37.91 -6.92
C SER A 740 -10.59 -37.98 -6.55
N PRO A 741 -11.09 -39.12 -6.07
CA PRO A 741 -12.51 -39.20 -5.70
C PRO A 741 -12.90 -38.24 -4.58
N HIS A 742 -12.01 -38.00 -3.63
CA HIS A 742 -12.34 -37.18 -2.47
C HIS A 742 -12.17 -35.70 -2.72
N HIS A 743 -11.69 -35.31 -3.88
CA HIS A 743 -11.53 -33.90 -4.23
C HIS A 743 -12.77 -33.38 -4.93
N PRO A 744 -13.22 -32.18 -4.56
CA PRO A 744 -14.45 -31.63 -5.16
C PRO A 744 -14.40 -31.53 -6.67
N ILE A 745 -13.23 -31.32 -7.26
CA ILE A 745 -13.11 -31.29 -8.70
C ILE A 745 -12.18 -32.39 -9.22
N GLY A 746 -11.81 -33.34 -8.36
CA GLY A 746 -11.02 -34.46 -8.81
C GLY A 746 -9.60 -34.14 -9.18
N ALA A 747 -9.11 -33.00 -8.77
CA ALA A 747 -7.76 -32.64 -9.08
C ALA A 747 -6.80 -33.10 -8.04
N LYS A 748 -5.64 -33.43 -8.46
CA LYS A 748 -4.61 -33.73 -7.50
C LYS A 748 -3.45 -32.78 -7.74
N GLY A 749 -2.59 -32.67 -6.75
CA GLY A 749 -1.42 -31.86 -6.93
C GLY A 749 -0.50 -32.31 -8.04
N ILE A 750 0.33 -31.41 -8.51
CA ILE A 750 1.29 -31.71 -9.54
C ILE A 750 2.60 -30.92 -9.37
N GLY A 751 2.58 -29.83 -8.60
CA GLY A 751 3.74 -28.95 -8.57
C GLY A 751 5.08 -29.61 -8.39
N GLU A 752 5.12 -30.61 -7.55
CA GLU A 752 6.37 -31.30 -7.23
C GLU A 752 6.58 -32.65 -7.82
N SER A 753 5.58 -33.18 -8.46
CA SER A 753 5.66 -34.50 -9.03
C SER A 753 6.93 -34.71 -9.86
N ALA A 754 7.18 -33.80 -10.79
CA ALA A 754 8.30 -34.03 -11.66
C ALA A 754 9.61 -34.00 -10.89
N THR A 755 9.68 -33.14 -9.90
CA THR A 755 10.91 -33.12 -9.09
C THR A 755 11.06 -34.43 -8.35
N VAL A 756 9.94 -34.99 -7.91
CA VAL A 756 9.97 -36.25 -7.18
C VAL A 756 10.42 -37.39 -8.09
N GLY A 757 9.79 -37.50 -9.25
CA GLY A 757 10.00 -38.68 -10.08
C GLY A 757 11.22 -38.64 -10.98
N SER A 758 11.69 -37.46 -11.34
CA SER A 758 12.72 -37.36 -12.37
C SER A 758 14.11 -37.77 -11.90
N PRO A 759 14.53 -37.43 -10.66
CA PRO A 759 15.85 -37.82 -10.18
C PRO A 759 16.07 -39.32 -10.33
N PRO A 760 15.19 -40.20 -9.81
CA PRO A 760 15.38 -41.65 -10.00
C PRO A 760 15.35 -42.05 -11.45
N ALA A 761 14.55 -41.38 -12.29
CA ALA A 761 14.59 -41.67 -13.72
C ALA A 761 15.96 -41.35 -14.31
N VAL A 762 16.53 -40.20 -13.98
CA VAL A 762 17.82 -39.81 -14.55
C VAL A 762 18.93 -40.70 -14.02
N VAL A 763 18.90 -41.03 -12.72
CA VAL A 763 19.91 -41.91 -12.15
C VAL A 763 19.78 -43.31 -12.73
N ASN A 764 18.56 -43.81 -12.85
CA ASN A 764 18.36 -45.11 -13.50
C ASN A 764 18.88 -45.07 -14.92
N ALA A 765 18.67 -43.97 -15.64
CA ALA A 765 19.17 -43.86 -17.00
C ALA A 765 20.69 -43.89 -17.01
N VAL A 766 21.33 -43.16 -16.10
CA VAL A 766 22.79 -43.14 -16.06
C VAL A 766 23.33 -44.52 -15.70
N VAL A 767 22.72 -45.17 -14.70
CA VAL A 767 23.15 -46.51 -14.30
C VAL A 767 22.94 -47.49 -15.45
N ASP A 768 21.81 -47.39 -16.14
CA ASP A 768 21.54 -48.23 -17.30
C ASP A 768 22.58 -48.01 -18.39
N ALA A 769 22.95 -46.77 -18.62
CA ALA A 769 24.01 -46.46 -19.58
C ALA A 769 25.33 -47.07 -19.15
N LEU A 770 25.59 -47.09 -17.85
CA LEU A 770 26.81 -47.67 -17.31
C LEU A 770 26.76 -49.20 -17.20
N ALA A 771 25.62 -49.81 -17.50
CA ALA A 771 25.51 -51.26 -17.57
C ALA A 771 26.73 -51.96 -18.16
N PRO A 772 27.33 -51.49 -19.26
CA PRO A 772 28.52 -52.18 -19.79
C PRO A 772 29.65 -52.28 -18.78
N TYR A 773 29.70 -51.38 -17.81
CA TYR A 773 30.74 -51.38 -16.80
C TYR A 773 30.34 -52.15 -15.55
N GLY A 774 29.26 -52.90 -15.60
CA GLY A 774 28.81 -53.67 -14.46
C GLY A 774 28.37 -52.83 -13.28
N VAL A 775 27.88 -51.62 -13.53
CA VAL A 775 27.45 -50.72 -12.48
C VAL A 775 25.99 -51.00 -12.16
N ARG A 776 25.71 -51.43 -10.93
CA ARG A 776 24.33 -51.55 -10.50
C ARG A 776 23.82 -50.29 -9.83
N HIS A 777 24.71 -49.50 -9.24
CA HIS A 777 24.29 -48.26 -8.63
C HIS A 777 25.43 -47.26 -8.68
N ALA A 778 25.09 -46.02 -9.00
CA ALA A 778 25.98 -44.89 -8.80
C ALA A 778 25.15 -43.78 -8.18
N ASP A 779 25.75 -43.06 -7.25
CA ASP A 779 25.05 -42.02 -6.51
C ASP A 779 25.16 -40.68 -7.22
N MET A 780 24.10 -39.91 -7.06
CA MET A 780 24.16 -38.52 -7.55
C MET A 780 25.09 -37.74 -6.61
N PRO A 781 25.62 -36.56 -6.99
CA PRO A 781 25.43 -36.06 -8.34
C PRO A 781 26.23 -36.92 -9.31
N LEU A 782 25.67 -37.16 -10.47
CA LEU A 782 26.41 -37.93 -11.46
C LEU A 782 27.23 -36.97 -12.33
N THR A 783 28.17 -36.31 -11.67
CA THR A 783 29.10 -35.42 -12.33
C THR A 783 30.02 -36.25 -13.22
N PRO A 784 30.70 -35.60 -14.17
CA PRO A 784 31.62 -36.36 -15.04
C PRO A 784 32.63 -37.17 -14.26
N SER A 785 33.18 -36.61 -13.20
CA SER A 785 34.18 -37.32 -12.40
C SER A 785 33.55 -38.51 -11.69
N ARG A 786 32.38 -38.31 -11.07
CA ARG A 786 31.75 -39.38 -10.31
C ARG A 786 31.26 -40.49 -11.24
N VAL A 787 30.74 -40.13 -12.41
CA VAL A 787 30.34 -41.13 -13.38
C VAL A 787 31.55 -41.90 -13.89
N TRP A 788 32.65 -41.21 -14.14
CA TRP A 788 33.87 -41.89 -14.59
C TRP A 788 34.39 -42.83 -13.51
N GLU A 789 34.36 -42.39 -12.25
CA GLU A 789 34.76 -43.26 -11.16
C GLU A 789 33.87 -44.48 -11.08
N ALA A 790 32.56 -44.31 -11.28
CA ALA A 790 31.67 -45.46 -11.37
C ALA A 790 32.08 -46.37 -12.52
N MET A 791 32.48 -45.78 -13.66
CA MET A 791 32.95 -46.59 -14.77
C MET A 791 34.17 -47.41 -14.37
N GLN A 792 35.07 -46.82 -13.59
CA GLN A 792 36.26 -47.51 -13.11
C GLN A 792 35.95 -48.59 -12.09
N GLY A 793 34.68 -48.84 -11.81
CA GLY A 793 34.32 -49.75 -10.74
C GLY A 793 34.51 -49.18 -9.36
N ARG A 794 34.74 -47.88 -9.23
CA ARG A 794 34.98 -47.24 -7.95
C ARG A 794 33.84 -46.32 -7.55
N ALA A 795 32.61 -46.67 -7.91
CA ALA A 795 31.46 -45.85 -7.56
C ALA A 795 31.39 -45.69 -6.05
N THR A 796 31.36 -44.43 -5.60
CA THR A 796 31.28 -44.12 -4.19
C THR A 796 30.30 -42.98 -3.98
N PRO A 797 29.59 -42.96 -2.85
CA PRO A 797 28.70 -41.84 -2.59
C PRO A 797 29.49 -40.56 -2.38
N PRO A 798 28.93 -39.41 -2.77
CA PRO A 798 29.61 -38.14 -2.50
C PRO A 798 29.73 -37.83 -1.02
N ILE A 799 28.95 -38.50 -0.18
CA ILE A 799 29.04 -38.35 1.26
C ILE A 799 29.19 -39.73 1.91
N MET B 1 22.72 -9.03 -2.26
CA MET B 1 23.94 -9.37 -2.99
C MET B 1 25.19 -8.93 -2.26
N GLN B 2 26.28 -9.66 -2.48
CA GLN B 2 27.59 -9.21 -2.03
C GLN B 2 28.05 -8.07 -2.92
N VAL B 3 28.52 -6.99 -2.31
CA VAL B 3 28.88 -5.78 -3.06
C VAL B 3 30.30 -5.38 -2.71
N PRO B 4 30.96 -4.65 -3.59
CA PRO B 4 32.34 -4.27 -3.36
C PRO B 4 32.48 -3.28 -2.20
N GLY B 5 33.65 -3.28 -1.59
CA GLY B 5 34.02 -2.22 -0.68
C GLY B 5 34.24 -0.94 -1.45
N PRO B 6 34.31 0.18 -0.73
CA PRO B 6 34.52 1.46 -1.43
C PRO B 6 35.84 1.47 -2.19
N PHE B 7 35.84 2.19 -3.30
CA PHE B 7 37.07 2.37 -4.11
C PHE B 7 36.86 3.65 -4.92
N GLU B 8 37.89 4.10 -5.61
CA GLU B 8 37.77 5.32 -6.43
C GLU B 8 37.78 4.86 -7.88
N TYR B 9 37.08 5.59 -8.71
CA TYR B 9 36.95 5.14 -10.11
C TYR B 9 37.59 6.16 -11.04
N GLU B 10 38.31 5.67 -12.01
CA GLU B 10 38.94 6.52 -13.04
C GLU B 10 38.63 5.92 -14.40
N ARG B 11 38.21 6.74 -15.36
CA ARG B 11 37.95 6.26 -16.73
C ARG B 11 39.08 6.71 -17.63
N ALA B 12 39.94 5.78 -18.02
CA ALA B 12 41.06 6.07 -18.91
C ALA B 12 40.56 6.46 -20.29
N THR B 13 41.08 7.58 -20.80
CA THR B 13 40.69 8.04 -22.12
C THR B 13 41.63 7.55 -23.22
N SER B 14 42.72 6.91 -22.85
CA SER B 14 43.66 6.34 -23.81
C SER B 14 44.57 5.38 -23.07
N VAL B 15 45.49 4.73 -23.78
CA VAL B 15 46.42 3.84 -23.09
C VAL B 15 47.35 4.64 -22.18
N ASP B 16 48.00 5.67 -22.70
CA ASP B 16 48.91 6.42 -21.87
C ASP B 16 48.13 7.01 -20.75
N HIS B 17 46.93 7.48 -21.04
CA HIS B 17 46.23 8.00 -19.86
C HIS B 17 46.05 6.91 -18.81
N ALA B 18 45.77 5.69 -19.26
CA ALA B 18 45.59 4.56 -18.35
C ALA B 18 46.86 4.29 -17.61
N VAL B 19 47.92 4.07 -18.37
CA VAL B 19 49.21 3.83 -17.77
C VAL B 19 49.60 4.94 -16.80
N GLY B 20 49.40 6.21 -17.18
CA GLY B 20 49.69 7.28 -16.25
C GLY B 20 48.85 7.21 -14.99
N LEU B 21 47.59 6.81 -15.13
CA LEU B 21 46.75 6.64 -13.96
C LEU B 21 47.28 5.54 -13.06
N LEU B 22 47.71 4.45 -13.65
CA LEU B 22 48.28 3.37 -12.88
C LEU B 22 49.56 3.84 -12.17
N ASP B 23 50.38 4.59 -12.89
CA ASP B 23 51.63 5.10 -12.34
C ASP B 23 51.38 6.02 -11.15
N ARG B 24 50.51 7.01 -11.34
CA ARG B 24 50.24 7.99 -10.28
C ARG B 24 49.53 7.34 -9.10
N LEU B 25 48.44 6.60 -9.38
CA LEU B 25 47.67 5.95 -8.33
C LEU B 25 48.49 4.89 -7.62
N GLY B 26 49.28 4.12 -8.36
CA GLY B 26 50.23 3.22 -7.75
C GLY B 26 49.84 1.76 -7.72
N GLU B 27 50.36 1.04 -6.73
CA GLU B 27 50.14 -0.40 -6.64
C GLU B 27 48.67 -0.73 -6.39
N ASP B 28 47.97 0.11 -5.63
CA ASP B 28 46.60 -0.18 -5.23
C ASP B 28 45.58 0.14 -6.31
N ALA B 29 46.02 0.67 -7.45
CA ALA B 29 45.15 0.87 -8.60
C ALA B 29 45.18 -0.38 -9.47
N ARG B 30 44.00 -0.77 -9.96
CA ARG B 30 43.87 -1.93 -10.82
C ARG B 30 43.03 -1.55 -12.03
N ILE B 31 43.37 -2.10 -13.19
CA ILE B 31 42.56 -1.89 -14.34
C ILE B 31 41.31 -2.70 -14.23
N VAL B 32 40.26 -2.28 -14.81
CA VAL B 32 39.03 -3.06 -14.96
C VAL B 32 38.64 -3.00 -16.43
N ALA B 33 38.62 -4.15 -17.09
CA ALA B 33 38.18 -4.13 -18.47
C ALA B 33 36.73 -4.54 -18.60
N GLY B 34 36.46 -5.82 -18.44
CA GLY B 34 35.09 -6.30 -18.50
C GLY B 34 34.59 -6.41 -17.08
N GLY B 35 35.51 -6.49 -16.14
CA GLY B 35 35.15 -6.60 -14.76
C GLY B 35 34.59 -7.94 -14.35
N HIS B 36 34.59 -8.92 -15.25
CA HIS B 36 33.96 -10.19 -14.95
C HIS B 36 34.88 -11.14 -14.18
N SER B 37 36.09 -10.68 -13.89
CA SER B 37 36.96 -11.42 -12.96
C SER B 37 37.14 -10.50 -11.75
N LEU B 38 37.49 -9.25 -11.99
CA LEU B 38 37.77 -8.32 -10.91
C LEU B 38 36.52 -8.01 -10.10
N LEU B 39 35.43 -7.66 -10.78
CA LEU B 39 34.23 -7.25 -10.06
C LEU B 39 33.68 -8.36 -9.18
N PRO B 40 33.56 -9.60 -9.62
CA PRO B 40 33.17 -10.66 -8.68
C PRO B 40 34.11 -10.77 -7.48
N MET B 41 35.42 -10.62 -7.69
CA MET B 41 36.34 -10.68 -6.56
C MET B 41 36.08 -9.56 -5.57
N MET B 42 35.88 -8.35 -6.07
CA MET B 42 35.62 -7.21 -5.18
C MET B 42 34.26 -7.36 -4.50
N LYS B 43 33.27 -7.85 -5.22
CA LYS B 43 31.97 -8.11 -4.61
C LYS B 43 32.12 -9.09 -3.46
N LEU B 44 32.95 -10.12 -3.65
CA LEU B 44 33.27 -11.03 -2.57
C LEU B 44 34.31 -10.46 -1.63
N ARG B 45 34.87 -9.29 -1.94
CA ARG B 45 35.84 -8.64 -1.09
C ARG B 45 37.12 -9.45 -0.96
N ILE B 46 37.34 -10.34 -1.93
CA ILE B 46 38.66 -10.94 -2.10
C ILE B 46 39.64 -9.91 -2.63
N ALA B 47 39.20 -9.10 -3.60
CA ALA B 47 40.01 -8.02 -4.16
C ALA B 47 39.46 -6.70 -3.67
N ASN B 48 40.33 -5.84 -3.18
CA ASN B 48 39.95 -4.53 -2.65
C ASN B 48 40.89 -3.45 -3.19
N PRO B 49 40.87 -3.23 -4.50
CA PRO B 49 41.67 -2.14 -5.06
C PRO B 49 41.20 -0.79 -4.52
N GLU B 50 42.17 0.10 -4.26
CA GLU B 50 41.80 1.47 -3.93
C GLU B 50 41.22 2.19 -5.13
N TYR B 51 41.74 1.91 -6.31
CA TYR B 51 41.33 2.58 -7.54
C TYR B 51 41.05 1.57 -8.63
N LEU B 52 40.05 1.87 -9.44
CA LEU B 52 39.83 1.11 -10.68
C LEU B 52 40.02 2.05 -11.85
N VAL B 53 40.90 1.67 -12.74
CA VAL B 53 41.09 2.34 -14.01
C VAL B 53 40.28 1.58 -15.05
N ASP B 54 39.15 2.16 -15.40
CA ASP B 54 38.26 1.55 -16.39
C ASP B 54 38.83 1.83 -17.75
N ILE B 55 39.22 0.79 -18.47
CA ILE B 55 39.76 0.96 -19.77
C ILE B 55 38.76 0.52 -20.85
N ASN B 56 37.49 0.53 -20.51
CA ASN B 56 36.45 0.17 -21.47
C ASN B 56 36.31 1.20 -22.58
N ASP B 57 36.75 2.43 -22.35
CA ASP B 57 36.79 3.41 -23.44
C ASP B 57 37.90 3.12 -24.43
N LEU B 58 38.77 2.17 -24.12
CA LEU B 58 39.81 1.76 -25.05
C LEU B 58 39.38 0.57 -25.86
N ALA B 59 38.14 0.18 -25.69
CA ALA B 59 37.65 -1.01 -26.39
C ALA B 59 37.77 -0.88 -27.89
N VAL B 60 37.67 0.34 -28.43
CA VAL B 60 37.83 0.53 -29.86
C VAL B 60 39.29 0.45 -30.25
N GLU B 61 40.15 1.20 -29.54
CA GLU B 61 41.59 1.22 -29.89
C GLU B 61 42.21 -0.16 -29.66
N LEU B 62 41.87 -0.80 -28.54
CA LEU B 62 42.50 -2.10 -28.19
C LEU B 62 41.54 -3.27 -28.31
N GLY B 63 40.46 -3.16 -29.07
CA GLY B 63 39.50 -4.27 -29.06
C GLY B 63 39.51 -4.96 -30.38
N TYR B 64 40.61 -4.82 -31.08
CA TYR B 64 40.72 -5.40 -32.43
C TYR B 64 41.06 -6.87 -32.42
N VAL B 65 40.71 -7.56 -33.49
CA VAL B 65 41.20 -8.94 -33.70
C VAL B 65 41.80 -8.82 -35.10
N ILE B 66 43.11 -8.87 -35.22
CA ILE B 66 43.73 -8.63 -36.54
C ILE B 66 44.46 -9.90 -36.96
N THR B 67 44.12 -10.40 -38.13
CA THR B 67 44.78 -11.62 -38.61
C THR B 67 45.66 -11.30 -39.82
N ASP B 68 46.97 -11.12 -39.63
CA ASP B 68 47.92 -10.96 -40.76
C ASP B 68 48.42 -12.36 -41.17
N PRO B 69 49.08 -12.58 -42.33
CA PRO B 69 49.47 -13.95 -42.73
C PRO B 69 50.41 -14.62 -41.71
N THR B 70 51.33 -13.87 -41.11
CA THR B 70 52.26 -14.44 -40.10
C THR B 70 51.91 -14.04 -38.65
N LEU B 71 50.80 -13.36 -38.39
CA LEU B 71 50.59 -12.85 -37.01
C LEU B 71 49.14 -12.51 -36.70
N VAL B 72 48.65 -13.03 -35.58
CA VAL B 72 47.36 -12.64 -35.07
C VAL B 72 47.60 -11.65 -33.95
N ARG B 73 46.95 -10.51 -34.07
CA ARG B 73 47.09 -9.51 -33.00
C ARG B 73 45.70 -9.32 -32.40
N ILE B 74 45.57 -9.65 -31.15
CA ILE B 74 44.24 -9.52 -30.54
C ILE B 74 44.37 -8.50 -29.43
N GLY B 75 43.63 -7.40 -29.56
CA GLY B 75 43.72 -6.32 -28.57
C GLY B 75 43.35 -6.81 -27.20
N ALA B 76 43.92 -6.20 -26.17
CA ALA B 76 43.63 -6.61 -24.80
C ALA B 76 42.17 -6.36 -24.45
N MET B 77 41.55 -5.37 -25.07
CA MET B 77 40.15 -5.08 -24.82
C MET B 77 39.21 -5.81 -25.76
N ALA B 78 39.68 -6.87 -26.43
CA ALA B 78 38.81 -7.69 -27.29
C ALA B 78 37.87 -8.48 -26.40
N ARG B 79 36.57 -8.31 -26.58
CA ARG B 79 35.61 -9.10 -25.82
C ARG B 79 35.71 -10.57 -26.22
N HIS B 80 35.42 -11.44 -25.26
CA HIS B 80 35.32 -12.87 -25.53
C HIS B 80 34.44 -13.08 -26.74
N ARG B 81 33.35 -12.32 -26.82
CA ARG B 81 32.42 -12.46 -27.94
C ARG B 81 33.13 -12.14 -29.26
N GLN B 82 33.97 -11.11 -29.26
CA GLN B 82 34.62 -10.70 -30.53
C GLN B 82 35.56 -11.80 -30.95
N VAL B 83 36.29 -12.34 -30.01
CA VAL B 83 37.26 -13.43 -30.34
C VAL B 83 36.48 -14.64 -30.86
N LEU B 84 35.39 -15.03 -30.18
CA LEU B 84 34.56 -16.17 -30.58
C LEU B 84 33.98 -15.96 -31.97
N GLU B 85 33.59 -14.73 -32.30
CA GLU B 85 32.91 -14.45 -33.55
C GLU B 85 33.85 -14.17 -34.71
N SER B 86 35.15 -14.00 -34.43
CA SER B 86 36.07 -13.63 -35.52
C SER B 86 36.27 -14.87 -36.40
N ASP B 87 35.57 -14.97 -37.53
CA ASP B 87 35.77 -16.06 -38.47
C ASP B 87 37.19 -16.13 -39.02
N PRO B 88 37.83 -15.02 -39.41
CA PRO B 88 39.25 -15.11 -39.79
C PRO B 88 40.14 -15.65 -38.68
N LEU B 89 39.88 -15.22 -37.45
CA LEU B 89 40.64 -15.78 -36.32
C LEU B 89 40.40 -17.30 -36.30
N ALA B 90 39.14 -17.73 -36.44
CA ALA B 90 38.83 -19.15 -36.40
C ALA B 90 39.57 -19.89 -37.49
N ALA B 91 39.73 -19.27 -38.66
CA ALA B 91 40.52 -19.89 -39.72
C ALA B 91 41.96 -20.05 -39.28
N VAL B 92 42.51 -19.04 -38.60
CA VAL B 92 43.94 -19.09 -38.26
C VAL B 92 44.17 -19.72 -36.89
N CYS B 93 43.38 -19.38 -35.88
CA CYS B 93 43.54 -19.92 -34.53
C CYS B 93 42.19 -20.46 -34.06
N PRO B 94 41.76 -21.66 -34.50
CA PRO B 94 40.46 -22.17 -34.10
C PRO B 94 40.41 -22.45 -32.58
N ILE B 95 41.57 -22.69 -31.98
CA ILE B 95 41.57 -22.91 -30.54
C ILE B 95 40.82 -21.80 -29.82
N PHE B 96 40.92 -20.57 -30.34
CA PHE B 96 40.21 -19.46 -29.71
C PHE B 96 38.71 -19.65 -29.75
N ARG B 97 38.18 -20.02 -30.92
CA ARG B 97 36.75 -20.30 -31.02
C ARG B 97 36.35 -21.46 -30.12
N ASP B 98 37.16 -22.52 -30.12
CA ASP B 98 36.88 -23.67 -29.26
C ASP B 98 36.74 -23.22 -27.81
N ALA B 99 37.75 -22.52 -27.29
CA ALA B 99 37.72 -22.12 -25.89
C ALA B 99 36.57 -21.16 -25.61
N GLU B 100 36.38 -20.17 -26.48
CA GLU B 100 35.35 -19.17 -26.24
C GLU B 100 33.97 -19.80 -26.18
N ARG B 101 33.70 -20.76 -27.05
CA ARG B 101 32.40 -21.41 -27.02
C ARG B 101 32.11 -22.04 -25.67
N VAL B 102 33.15 -22.45 -24.95
CA VAL B 102 32.99 -23.13 -23.68
C VAL B 102 33.43 -22.27 -22.51
N ILE B 103 33.66 -20.98 -22.73
CA ILE B 103 34.05 -20.07 -21.67
C ILE B 103 32.81 -19.36 -21.18
N ALA B 104 32.57 -19.42 -19.87
CA ALA B 104 31.48 -18.68 -19.25
C ALA B 104 30.19 -18.88 -20.04
N ASP B 105 29.48 -17.80 -20.29
CA ASP B 105 28.25 -17.84 -21.07
C ASP B 105 28.25 -16.64 -22.01
N PRO B 106 27.31 -16.59 -22.97
CA PRO B 106 27.36 -15.48 -23.93
C PRO B 106 27.34 -14.10 -23.30
N VAL B 107 26.57 -13.92 -22.23
CA VAL B 107 26.51 -12.60 -21.60
C VAL B 107 27.89 -12.21 -21.06
N VAL B 108 28.55 -13.15 -20.38
CA VAL B 108 29.90 -12.89 -19.87
C VAL B 108 30.85 -12.61 -21.01
N ARG B 109 30.76 -13.41 -22.09
CA ARG B 109 31.63 -13.19 -23.23
C ARG B 109 31.40 -11.83 -23.87
N ASN B 110 30.23 -11.21 -23.65
CA ASN B 110 30.03 -9.87 -24.16
C ASN B 110 30.93 -8.85 -23.49
N ARG B 111 31.35 -9.13 -22.26
CA ARG B 111 32.13 -8.17 -21.47
C ARG B 111 33.56 -8.63 -21.22
N GLY B 112 33.76 -9.84 -20.74
CA GLY B 112 35.10 -10.32 -20.44
C GLY B 112 36.00 -10.17 -21.63
N THR B 113 37.27 -9.83 -21.40
CA THR B 113 38.20 -9.53 -22.47
C THR B 113 39.40 -10.47 -22.40
N LEU B 114 40.04 -10.64 -23.55
CA LEU B 114 41.25 -11.45 -23.60
C LEU B 114 42.31 -10.91 -22.66
N GLY B 115 42.49 -9.59 -22.66
CA GLY B 115 43.43 -8.98 -21.72
C GLY B 115 43.03 -9.22 -20.29
N GLY B 116 41.74 -9.08 -19.98
CA GLY B 116 41.29 -9.33 -18.61
C GLY B 116 41.54 -10.76 -18.18
N SER B 117 41.26 -11.73 -19.05
CA SER B 117 41.48 -13.16 -18.72
C SER B 117 42.98 -13.41 -18.51
N LEU B 118 43.79 -12.90 -19.43
CA LEU B 118 45.22 -13.14 -19.32
C LEU B 118 45.78 -12.52 -18.05
N CYS B 119 45.48 -11.25 -17.80
CA CYS B 119 46.03 -10.59 -16.62
C CYS B 119 45.46 -11.16 -15.34
N GLN B 120 44.27 -11.76 -15.41
CA GLN B 120 43.68 -12.46 -14.23
C GLN B 120 44.59 -13.65 -13.98
N ALA B 121 45.15 -14.23 -15.03
CA ALA B 121 46.15 -15.29 -14.93
C ALA B 121 45.67 -16.41 -14.01
N ASP B 122 44.40 -16.79 -14.18
CA ASP B 122 43.79 -17.86 -13.36
C ASP B 122 44.11 -19.19 -14.02
N PRO B 123 44.83 -20.08 -13.32
CA PRO B 123 45.24 -21.36 -13.92
C PRO B 123 44.02 -22.21 -14.27
N ALA B 124 42.91 -21.99 -13.60
CA ALA B 124 41.67 -22.77 -13.81
C ALA B 124 40.92 -22.20 -15.01
N GLU B 125 41.45 -21.16 -15.68
CA GLU B 125 40.71 -20.47 -16.76
C GLU B 125 41.29 -20.81 -18.12
N ASP B 126 40.43 -20.88 -19.14
CA ASP B 126 40.80 -21.36 -20.48
C ASP B 126 41.78 -20.51 -21.31
N LEU B 127 41.64 -19.18 -21.33
CA LEU B 127 42.47 -18.34 -22.24
C LEU B 127 43.97 -18.32 -21.91
N THR B 128 44.33 -18.37 -20.63
CA THR B 128 45.77 -18.42 -20.29
C THR B 128 46.34 -19.65 -20.97
N THR B 129 45.59 -20.77 -20.96
CA THR B 129 46.08 -22.01 -21.55
C THR B 129 46.14 -21.81 -23.06
N VAL B 130 45.10 -21.22 -23.62
CA VAL B 130 45.06 -21.08 -25.07
C VAL B 130 46.21 -20.22 -25.56
N CYS B 131 46.45 -19.09 -24.89
CA CYS B 131 47.51 -18.17 -25.28
C CYS B 131 48.89 -18.75 -24.98
N THR B 132 49.00 -19.66 -24.01
CA THR B 132 50.24 -20.39 -23.81
C THR B 132 50.47 -21.40 -24.92
N ILE B 133 49.41 -22.09 -25.35
CA ILE B 133 49.55 -23.09 -26.40
C ILE B 133 50.01 -22.44 -27.70
N LEU B 134 49.42 -21.30 -28.04
CA LEU B 134 49.72 -20.62 -29.30
C LEU B 134 51.02 -19.84 -29.27
N GLY B 135 51.80 -19.94 -28.19
CA GLY B 135 53.06 -19.22 -28.11
C GLY B 135 52.88 -17.72 -28.20
N ALA B 136 51.82 -17.20 -27.57
CA ALA B 136 51.49 -15.80 -27.71
C ALA B 136 52.58 -14.90 -27.13
N VAL B 137 52.68 -13.70 -27.67
CA VAL B 137 53.54 -12.66 -27.12
C VAL B 137 52.64 -11.54 -26.64
N CYS B 138 52.61 -11.32 -25.33
CA CYS B 138 51.88 -10.20 -24.76
C CYS B 138 52.65 -8.91 -25.01
N LEU B 139 51.94 -7.87 -25.42
CA LEU B 139 52.55 -6.58 -25.64
C LEU B 139 52.05 -5.69 -24.55
N ALA B 140 52.90 -5.38 -23.62
CA ALA B 140 52.56 -4.55 -22.50
C ALA B 140 53.05 -3.14 -22.73
N ARG B 141 52.46 -2.20 -22.00
CA ARG B 141 52.86 -0.78 -22.18
C ARG B 141 52.74 -0.08 -20.83
N GLY B 142 53.84 0.49 -20.37
CA GLY B 142 53.81 1.27 -19.15
C GLY B 142 54.39 2.65 -19.35
N PRO B 143 54.66 3.38 -18.26
CA PRO B 143 55.32 4.68 -18.36
C PRO B 143 56.67 4.60 -19.06
N GLY B 144 57.37 3.48 -18.93
CA GLY B 144 58.64 3.31 -19.61
C GLY B 144 58.54 3.01 -21.09
N GLY B 145 57.34 2.74 -21.58
CA GLY B 145 57.16 2.40 -22.98
C GLY B 145 56.66 1.00 -23.20
N GLU B 146 56.57 0.57 -24.46
CA GLU B 146 56.11 -0.76 -24.77
C GLU B 146 57.18 -1.81 -24.70
N ARG B 147 56.80 -3.02 -24.39
CA ARG B 147 57.72 -4.14 -24.22
C ARG B 147 56.96 -5.45 -24.42
N GLU B 148 57.63 -6.41 -25.05
CA GLU B 148 57.03 -7.69 -25.38
C GLU B 148 57.45 -8.73 -24.36
N ILE B 149 56.45 -9.39 -23.76
CA ILE B 149 56.66 -10.45 -22.78
C ILE B 149 56.13 -11.74 -23.39
N GLY B 150 56.98 -12.76 -23.46
CA GLY B 150 56.51 -14.07 -23.87
C GLY B 150 55.42 -14.57 -22.95
N ILE B 151 54.47 -15.32 -23.51
CA ILE B 151 53.33 -15.78 -22.72
C ILE B 151 53.81 -16.57 -21.51
N ASP B 152 54.82 -17.41 -21.69
CA ASP B 152 55.40 -18.14 -20.56
C ASP B 152 55.98 -17.18 -19.54
N ASP B 153 56.72 -16.17 -20.00
CA ASP B 153 57.21 -15.14 -19.11
C ASP B 153 56.06 -14.35 -18.50
N PHE B 154 55.05 -14.02 -19.31
CA PHE B 154 53.95 -13.20 -18.81
C PHE B 154 53.23 -13.88 -17.65
N LEU B 155 53.00 -15.19 -17.76
CA LEU B 155 52.31 -15.94 -16.71
C LEU B 155 53.36 -16.47 -15.74
N VAL B 156 53.63 -15.70 -14.70
CA VAL B 156 54.69 -16.03 -13.76
C VAL B 156 54.19 -16.81 -12.55
N GLY B 157 52.88 -16.91 -12.37
CA GLY B 157 52.32 -17.66 -11.27
C GLY B 157 50.81 -17.54 -11.23
N PRO B 158 50.17 -18.26 -10.31
CA PRO B 158 48.71 -18.17 -10.19
C PRO B 158 48.29 -16.74 -9.88
N TYR B 159 47.50 -16.16 -10.78
CA TYR B 159 46.97 -14.82 -10.62
C TYR B 159 48.05 -13.75 -10.65
N GLU B 160 49.22 -14.08 -11.19
CA GLU B 160 50.33 -13.15 -11.25
C GLU B 160 50.90 -13.17 -12.67
N THR B 161 51.15 -11.97 -13.20
CA THR B 161 51.75 -11.83 -14.52
C THR B 161 53.05 -11.05 -14.39
N ALA B 162 53.79 -10.98 -15.50
CA ALA B 162 54.99 -10.17 -15.55
C ALA B 162 54.69 -8.68 -15.57
N LEU B 163 53.47 -8.29 -15.82
CA LEU B 163 53.10 -6.90 -15.88
C LEU B 163 53.35 -6.16 -14.59
N ALA B 164 54.04 -5.03 -14.66
CA ALA B 164 54.21 -4.20 -13.47
C ALA B 164 52.88 -3.54 -13.11
N HIS B 165 52.82 -3.03 -11.88
CA HIS B 165 51.59 -2.38 -11.41
C HIS B 165 51.19 -1.20 -12.29
N ASN B 166 52.16 -0.54 -12.91
CA ASN B 166 51.89 0.68 -13.66
C ASN B 166 51.79 0.43 -15.16
N GLU B 167 51.69 -0.86 -15.49
CA GLU B 167 51.65 -1.28 -16.86
C GLU B 167 50.35 -1.99 -17.25
N MET B 168 50.08 -2.06 -18.54
CA MET B 168 48.85 -2.64 -18.99
C MET B 168 49.05 -3.47 -20.21
N LEU B 169 48.29 -4.55 -20.33
CA LEU B 169 48.39 -5.40 -21.49
C LEU B 169 47.70 -4.66 -22.56
N VAL B 170 48.32 -4.63 -23.70
CA VAL B 170 47.73 -3.79 -24.79
C VAL B 170 47.22 -4.75 -25.84
N GLU B 171 48.01 -5.76 -26.18
CA GLU B 171 47.62 -6.70 -27.24
C GLU B 171 48.38 -7.99 -27.05
N VAL B 172 47.84 -9.05 -27.61
CA VAL B 172 48.50 -10.34 -27.57
C VAL B 172 48.81 -10.73 -29.01
N ARG B 173 50.06 -11.05 -29.28
CA ARG B 173 50.53 -11.35 -30.62
C ARG B 173 50.87 -12.83 -30.69
N ILE B 174 50.22 -13.54 -31.61
CA ILE B 174 50.30 -14.98 -31.74
C ILE B 174 50.85 -15.30 -33.12
N PRO B 175 52.02 -15.93 -33.22
CA PRO B 175 52.55 -16.27 -34.54
C PRO B 175 51.63 -17.24 -35.27
N VAL B 176 51.47 -17.03 -36.57
CA VAL B 176 50.67 -17.98 -37.41
C VAL B 176 51.66 -18.78 -38.22
N ARG B 177 51.45 -20.09 -38.36
CA ARG B 177 52.34 -20.87 -39.23
C ARG B 177 51.49 -21.61 -40.26
N HIS B 178 52.04 -21.92 -41.44
CA HIS B 178 51.30 -22.76 -42.41
C HIS B 178 51.22 -24.17 -41.85
N ARG B 179 50.20 -24.93 -42.27
CA ARG B 179 50.03 -26.31 -41.81
C ARG B 179 49.98 -26.34 -40.28
N THR B 180 49.32 -25.34 -39.70
CA THR B 180 49.18 -25.31 -38.24
C THR B 180 47.72 -25.09 -37.89
N SER B 181 47.23 -25.78 -36.88
CA SER B 181 45.87 -25.55 -36.39
C SER B 181 45.87 -25.84 -34.91
N SER B 182 44.74 -25.61 -34.28
CA SER B 182 44.73 -25.75 -32.82
C SER B 182 43.31 -26.09 -32.42
N ALA B 183 43.19 -26.71 -31.26
CA ALA B 183 41.89 -27.11 -30.76
C ALA B 183 41.89 -27.01 -29.25
N TYR B 184 40.72 -26.87 -28.66
CA TYR B 184 40.60 -26.79 -27.23
C TYR B 184 39.43 -27.69 -26.86
N ALA B 185 39.44 -28.25 -25.67
CA ALA B 185 38.38 -29.14 -25.21
C ALA B 185 38.33 -29.04 -23.75
N LYS B 186 37.14 -28.87 -23.25
CA LYS B 186 37.00 -28.68 -21.89
C LYS B 186 35.94 -29.57 -21.33
N VAL B 187 36.17 -30.05 -20.16
CA VAL B 187 35.15 -30.76 -19.41
C VAL B 187 34.80 -29.91 -18.20
N GLU B 188 33.53 -29.55 -18.14
CA GLU B 188 32.92 -28.80 -17.07
C GLU B 188 31.70 -29.55 -16.58
N ARG B 189 31.38 -29.40 -15.30
CA ARG B 189 30.17 -30.04 -14.79
C ARG B 189 28.93 -29.45 -15.46
N ARG B 190 28.99 -28.18 -15.83
CA ARG B 190 27.84 -27.47 -16.36
C ARG B 190 28.32 -26.39 -17.32
N VAL B 191 27.45 -26.04 -18.26
CA VAL B 191 27.77 -24.96 -19.19
C VAL B 191 28.02 -23.68 -18.41
N GLY B 192 29.12 -23.01 -18.73
CA GLY B 192 29.54 -21.85 -18.00
C GLY B 192 30.41 -22.14 -16.79
N ASP B 193 30.44 -23.38 -16.33
CA ASP B 193 31.31 -23.76 -15.23
C ASP B 193 32.75 -23.76 -15.70
N TRP B 194 33.64 -23.38 -14.80
CA TRP B 194 35.08 -23.47 -15.10
C TRP B 194 35.46 -24.90 -15.36
N ALA B 195 36.55 -25.09 -16.07
CA ALA B 195 36.94 -26.38 -16.48
C ALA B 195 37.20 -27.38 -15.44
N VAL B 196 36.46 -28.46 -15.47
CA VAL B 196 36.91 -29.60 -14.67
C VAL B 196 38.33 -29.94 -15.07
N THR B 197 38.64 -29.90 -16.35
CA THR B 197 39.98 -30.11 -16.87
C THR B 197 39.81 -29.68 -18.31
N ALA B 198 40.79 -29.01 -18.87
CA ALA B 198 40.74 -28.69 -20.28
C ALA B 198 42.10 -28.83 -20.85
N ALA B 199 42.17 -28.99 -22.14
CA ALA B 199 43.42 -29.20 -22.82
C ALA B 199 43.33 -28.51 -24.14
N GLY B 200 44.47 -28.07 -24.59
CA GLY B 200 44.47 -27.46 -25.85
C GLY B 200 45.71 -27.89 -26.53
N ALA B 201 45.74 -27.71 -27.83
CA ALA B 201 46.92 -28.19 -28.57
C ALA B 201 47.06 -27.36 -29.83
N GLN B 202 48.29 -27.06 -30.18
CA GLN B 202 48.51 -26.45 -31.49
C GLN B 202 49.49 -27.39 -32.17
N VAL B 203 49.24 -27.81 -33.39
CA VAL B 203 50.26 -28.67 -34.03
C VAL B 203 50.66 -28.09 -35.38
N THR B 204 51.88 -28.34 -35.80
CA THR B 204 52.27 -27.96 -37.18
C THR B 204 52.54 -29.27 -37.92
N LEU B 205 52.00 -29.43 -39.12
CA LEU B 205 52.17 -30.69 -39.87
C LEU B 205 53.00 -30.50 -41.15
N ASP B 206 54.13 -31.18 -41.29
CA ASP B 206 54.93 -31.21 -42.51
C ASP B 206 54.65 -32.56 -43.17
N GLY B 207 53.77 -32.56 -44.16
CA GLY B 207 53.28 -33.81 -44.70
C GLY B 207 52.38 -34.50 -43.69
N ASP B 208 52.86 -35.60 -43.10
CA ASP B 208 52.11 -36.32 -42.08
C ASP B 208 52.83 -36.31 -40.73
N SER B 209 54.02 -35.74 -40.65
CA SER B 209 54.78 -35.66 -39.41
C SER B 209 54.47 -34.35 -38.70
N ILE B 210 54.79 -34.32 -37.42
CA ILE B 210 54.60 -33.13 -36.60
C ILE B 210 55.89 -32.32 -36.61
N VAL B 211 55.78 -31.05 -36.96
CA VAL B 211 56.94 -30.16 -37.05
C VAL B 211 57.10 -29.40 -35.74
N ALA B 212 55.97 -29.08 -35.11
CA ALA B 212 55.98 -28.28 -33.89
C ALA B 212 54.66 -28.50 -33.16
N ALA B 213 54.73 -28.81 -31.89
CA ALA B 213 53.52 -29.06 -31.11
C ALA B 213 53.60 -28.33 -29.78
N ARG B 214 52.45 -27.90 -29.30
CA ARG B 214 52.33 -27.38 -27.96
C ARG B 214 51.02 -27.87 -27.37
N VAL B 215 51.07 -28.41 -26.17
CA VAL B 215 49.90 -28.88 -25.46
C VAL B 215 49.81 -28.12 -24.15
N GLY B 216 48.60 -27.65 -23.87
CA GLY B 216 48.38 -26.97 -22.66
C GLY B 216 47.29 -27.63 -21.89
N LEU B 217 47.34 -27.48 -20.59
CA LEU B 217 46.36 -28.08 -19.75
C LEU B 217 45.83 -27.07 -18.84
N THR B 218 44.56 -27.19 -18.59
CA THR B 218 43.86 -26.21 -17.75
C THR B 218 43.29 -26.88 -16.53
N ALA B 219 43.39 -26.23 -15.40
CA ALA B 219 42.79 -26.62 -14.14
C ALA B 219 43.45 -27.86 -13.54
N VAL B 220 44.51 -28.39 -14.15
CA VAL B 220 45.17 -29.60 -13.66
C VAL B 220 46.55 -29.30 -13.10
N ASN B 221 46.92 -28.02 -12.98
CA ASN B 221 48.24 -27.60 -12.53
C ASN B 221 49.31 -28.21 -13.42
N PRO B 222 49.33 -27.86 -14.71
CA PRO B 222 50.31 -28.44 -15.61
C PRO B 222 51.72 -28.06 -15.17
N ASP B 223 52.67 -28.94 -15.45
CA ASP B 223 54.07 -28.62 -15.28
C ASP B 223 54.58 -28.10 -16.63
N PRO B 224 54.94 -26.82 -16.73
CA PRO B 224 55.42 -26.32 -18.04
C PRO B 224 56.63 -27.08 -18.55
N ASP B 225 57.51 -27.54 -17.66
CA ASP B 225 58.64 -28.35 -18.09
C ASP B 225 58.17 -29.66 -18.71
N ALA B 226 57.23 -30.35 -18.05
CA ALA B 226 56.72 -31.60 -18.59
C ALA B 226 55.93 -31.38 -19.88
N LEU B 227 55.15 -30.30 -19.94
CA LEU B 227 54.41 -30.00 -21.17
C LEU B 227 55.37 -29.74 -22.32
N ARG B 228 56.44 -28.99 -22.06
CA ARG B 228 57.44 -28.74 -23.08
C ARG B 228 58.15 -30.02 -23.48
N ALA B 229 58.41 -30.91 -22.53
CA ALA B 229 58.99 -32.20 -22.87
C ALA B 229 58.06 -33.00 -23.78
N LEU B 230 56.76 -32.99 -23.47
CA LEU B 230 55.78 -33.64 -24.33
C LEU B 230 55.80 -33.04 -25.74
N ALA B 231 55.81 -31.71 -25.82
CA ALA B 231 55.81 -31.04 -27.12
C ALA B 231 57.06 -31.41 -27.91
N ASP B 232 58.22 -31.41 -27.26
CA ASP B 232 59.45 -31.76 -27.95
C ASP B 232 59.43 -33.21 -28.41
N ASP B 233 58.90 -34.12 -27.58
CA ASP B 233 58.76 -35.50 -27.99
C ASP B 233 57.83 -35.64 -29.19
N LEU B 234 56.82 -34.77 -29.30
CA LEU B 234 55.92 -34.84 -30.45
C LEU B 234 56.60 -34.48 -31.77
N ILE B 235 57.73 -33.79 -31.74
CA ILE B 235 58.34 -33.30 -32.97
C ILE B 235 58.73 -34.49 -33.84
N GLY B 236 58.41 -34.41 -35.13
CA GLY B 236 58.81 -35.42 -36.07
C GLY B 236 58.00 -36.70 -36.03
N LYS B 237 57.06 -36.81 -35.10
CA LYS B 237 56.19 -37.97 -35.06
C LYS B 237 55.12 -37.87 -36.14
N PRO B 238 54.54 -38.99 -36.54
CA PRO B 238 53.41 -38.93 -37.46
C PRO B 238 52.15 -38.48 -36.74
N ALA B 239 51.29 -37.77 -37.46
CA ALA B 239 50.04 -37.29 -36.88
C ALA B 239 49.01 -38.41 -36.92
N THR B 240 49.26 -39.40 -36.08
CA THR B 240 48.45 -40.61 -35.97
C THR B 240 47.89 -40.73 -34.55
N GLU B 241 47.09 -41.79 -34.36
CA GLU B 241 46.47 -42.02 -33.06
C GLU B 241 47.49 -42.48 -32.02
N GLU B 242 48.52 -43.23 -32.44
CA GLU B 242 49.55 -43.66 -31.50
C GLU B 242 50.28 -42.46 -30.91
N THR B 243 50.63 -41.48 -31.75
CA THR B 243 51.27 -40.28 -31.25
C THR B 243 50.37 -39.54 -30.26
N PHE B 244 49.09 -39.42 -30.60
CA PHE B 244 48.17 -38.73 -29.70
C PHE B 244 48.06 -39.46 -28.37
N ALA B 245 48.03 -40.79 -28.41
CA ALA B 245 47.96 -41.57 -27.18
C ALA B 245 49.20 -41.37 -26.32
N ALA B 246 50.38 -41.39 -26.95
CA ALA B 246 51.61 -41.14 -26.21
C ALA B 246 51.62 -39.74 -25.61
N ALA B 247 51.16 -38.76 -26.37
CA ALA B 247 51.05 -37.40 -25.85
C ALA B 247 50.08 -37.33 -24.69
N GLY B 248 48.97 -38.06 -24.76
CA GLY B 248 48.04 -38.10 -23.65
C GLY B 248 48.64 -38.70 -22.40
N GLU B 249 49.43 -39.77 -22.60
CA GLU B 249 50.13 -40.43 -21.48
C GLU B 249 51.13 -39.45 -20.86
N LEU B 250 51.91 -38.75 -21.70
CA LEU B 250 52.82 -37.73 -21.14
C LEU B 250 52.01 -36.62 -20.46
N ALA B 251 50.87 -36.24 -21.01
CA ALA B 251 49.99 -35.18 -20.44
C ALA B 251 49.52 -35.58 -19.05
N VAL B 252 49.24 -36.86 -18.85
CA VAL B 252 48.84 -37.39 -17.51
C VAL B 252 49.94 -37.08 -16.50
N GLN B 253 51.19 -37.30 -16.87
CA GLN B 253 52.28 -37.11 -15.88
C GLN B 253 52.77 -35.66 -15.92
N ALA B 254 52.25 -34.87 -16.85
CA ALA B 254 52.68 -33.47 -17.00
C ALA B 254 51.88 -32.55 -16.08
N CYS B 255 50.94 -33.09 -15.33
CA CYS B 255 50.08 -32.22 -14.51
C CYS B 255 49.98 -32.77 -13.09
N GLU B 256 49.62 -31.92 -12.14
CA GLU B 256 49.40 -32.43 -10.77
C GLU B 256 47.96 -32.05 -10.36
N PRO B 257 46.90 -32.71 -10.91
CA PRO B 257 45.53 -32.33 -10.55
C PRO B 257 45.25 -32.61 -9.09
N VAL B 258 44.30 -31.86 -8.54
CA VAL B 258 43.89 -31.98 -7.16
C VAL B 258 42.43 -32.41 -7.14
N THR B 259 42.12 -33.41 -6.32
CA THR B 259 40.74 -33.79 -6.12
C THR B 259 39.99 -32.65 -5.46
N ASP B 260 38.91 -32.19 -6.08
CA ASP B 260 38.09 -31.14 -5.50
C ASP B 260 36.66 -31.32 -5.98
N THR B 261 35.85 -30.28 -5.79
CA THR B 261 34.45 -30.36 -6.18
C THR B 261 34.30 -30.65 -7.67
N ARG B 262 35.30 -30.27 -8.46
CA ARG B 262 35.24 -30.48 -9.90
C ARG B 262 35.54 -31.92 -10.30
N GLY B 263 36.07 -32.73 -9.40
CA GLY B 263 36.31 -34.12 -9.70
C GLY B 263 37.55 -34.62 -9.01
N SER B 264 37.71 -35.95 -9.08
CA SER B 264 38.87 -36.59 -8.48
C SER B 264 40.13 -36.30 -9.27
N ALA B 265 41.26 -36.33 -8.58
CA ALA B 265 42.55 -36.14 -9.24
C ALA B 265 42.77 -37.19 -10.32
N ASP B 266 42.38 -38.43 -10.04
CA ASP B 266 42.50 -39.48 -11.05
C ASP B 266 41.65 -39.16 -12.27
N TYR B 267 40.44 -38.66 -12.05
CA TYR B 267 39.60 -38.27 -13.18
C TYR B 267 40.22 -37.10 -13.93
N LYS B 268 40.84 -36.16 -13.20
CA LYS B 268 41.51 -35.05 -13.85
C LYS B 268 42.66 -35.54 -14.71
N ARG B 269 43.39 -36.56 -14.24
CA ARG B 269 44.50 -37.10 -15.04
C ARG B 269 43.96 -37.84 -16.26
N HIS B 270 42.90 -38.62 -16.07
CA HIS B 270 42.25 -39.25 -17.21
C HIS B 270 41.81 -38.22 -18.23
N LEU B 271 41.26 -37.11 -17.76
CA LEU B 271 40.85 -36.03 -18.65
C LEU B 271 42.05 -35.37 -19.30
N ALA B 272 43.12 -35.17 -18.55
CA ALA B 272 44.33 -34.63 -19.17
C ALA B 272 44.71 -35.48 -20.36
N ARG B 273 44.75 -36.79 -20.18
CA ARG B 273 45.09 -37.69 -21.29
C ARG B 273 44.06 -37.60 -22.42
N GLU B 274 42.78 -37.78 -22.09
CA GLU B 274 41.76 -37.91 -23.11
C GLU B 274 41.54 -36.59 -23.85
N LEU B 275 41.55 -35.49 -23.14
CA LEU B 275 41.42 -34.18 -23.76
C LEU B 275 42.66 -33.82 -24.57
N THR B 276 43.84 -34.16 -24.06
CA THR B 276 45.03 -33.96 -24.87
C THR B 276 44.90 -34.71 -26.19
N ILE B 277 44.47 -35.96 -26.13
CA ILE B 277 44.29 -36.75 -27.35
C ILE B 277 43.25 -36.10 -28.25
N ARG B 278 42.11 -35.72 -27.67
CA ARG B 278 41.03 -35.13 -28.46
C ARG B 278 41.47 -33.85 -29.15
N THR B 279 42.17 -32.98 -28.42
CA THR B 279 42.59 -31.72 -29.01
C THR B 279 43.69 -31.93 -30.03
N MET B 280 44.61 -32.87 -29.78
CA MET B 280 45.63 -33.17 -30.78
C MET B 280 45.00 -33.68 -32.07
N ARG B 281 44.07 -34.62 -31.94
CA ARG B 281 43.37 -35.14 -33.11
C ARG B 281 42.58 -34.06 -33.82
N THR B 282 41.89 -33.20 -33.06
CA THR B 282 41.12 -32.12 -33.67
C THR B 282 42.03 -31.14 -34.39
N ALA B 283 43.15 -30.80 -33.75
CA ALA B 283 44.12 -29.86 -34.34
C ALA B 283 44.62 -30.44 -35.65
N VAL B 284 44.97 -31.73 -35.67
CA VAL B 284 45.47 -32.39 -36.87
C VAL B 284 44.39 -32.40 -37.95
N GLU B 285 43.17 -32.76 -37.59
CA GLU B 285 42.08 -32.77 -38.57
C GLU B 285 41.86 -31.39 -39.15
N ARG B 286 41.97 -30.38 -38.30
CA ARG B 286 41.82 -28.99 -38.76
C ARG B 286 42.96 -28.61 -39.70
N VAL B 287 44.17 -29.08 -39.41
CA VAL B 287 45.31 -28.84 -40.34
C VAL B 287 44.98 -29.55 -41.66
N ARG B 288 44.47 -30.78 -41.61
CA ARG B 288 44.24 -31.58 -42.86
C ARG B 288 42.95 -31.17 -43.58
N THR B 289 42.33 -30.05 -43.22
CA THR B 289 41.17 -29.55 -43.94
C THR B 289 41.25 -28.03 -44.06
N MET C 1 30.34 10.00 -7.17
CA MET C 1 30.74 10.43 -8.53
C MET C 1 29.50 10.64 -9.38
N GLN C 2 29.60 11.54 -10.33
CA GLN C 2 28.49 11.76 -11.26
C GLN C 2 28.60 10.78 -12.42
N VAL C 3 27.49 10.15 -12.78
CA VAL C 3 27.40 9.27 -13.94
C VAL C 3 26.22 9.74 -14.77
N THR C 4 26.40 9.70 -16.08
CA THR C 4 25.35 10.04 -17.02
C THR C 4 25.25 8.94 -18.06
N MET C 5 24.03 8.46 -18.29
CA MET C 5 23.81 7.38 -19.24
C MET C 5 22.37 7.45 -19.72
N THR C 6 22.10 6.80 -20.84
CA THR C 6 20.75 6.73 -21.36
C THR C 6 20.14 5.42 -20.90
N VAL C 7 19.08 5.52 -20.10
CA VAL C 7 18.38 4.36 -19.56
C VAL C 7 17.03 4.30 -20.24
N ASN C 8 16.81 3.23 -20.99
CA ASN C 8 15.57 3.06 -21.73
C ASN C 8 15.25 4.32 -22.54
N GLY C 9 16.27 4.84 -23.20
CA GLY C 9 16.12 5.96 -24.10
C GLY C 9 16.03 7.32 -23.44
N GLU C 10 16.00 7.39 -22.11
CA GLU C 10 15.94 8.65 -21.40
C GLU C 10 17.30 8.94 -20.78
N ALA C 11 17.86 10.11 -21.07
CA ALA C 11 19.09 10.51 -20.41
C ALA C 11 18.86 10.62 -18.91
N VAL C 12 19.81 10.11 -18.14
CA VAL C 12 19.74 10.14 -16.69
C VAL C 12 21.14 10.50 -16.18
N THR C 13 21.18 11.33 -15.15
CA THR C 13 22.41 11.68 -14.48
C THR C 13 22.20 11.52 -12.98
N ALA C 14 23.20 10.99 -12.30
CA ALA C 14 23.05 10.67 -10.88
C ALA C 14 24.38 10.73 -10.17
N ASP C 15 24.31 10.92 -8.86
CA ASP C 15 25.48 10.83 -7.99
C ASP C 15 25.52 9.42 -7.40
N VAL C 16 26.52 8.64 -7.80
CA VAL C 16 26.64 7.27 -7.34
C VAL C 16 28.04 7.07 -6.77
N GLU C 17 28.15 6.18 -5.80
CA GLU C 17 29.46 5.73 -5.40
C GLU C 17 30.09 4.94 -6.53
N PRO C 18 31.41 5.09 -6.81
CA PRO C 18 32.07 4.29 -7.81
C PRO C 18 31.76 2.78 -7.70
N ARG C 19 31.57 2.27 -6.50
CA ARG C 19 31.37 0.84 -6.33
C ARG C 19 29.95 0.40 -6.65
N MET C 20 29.03 1.32 -6.89
CA MET C 20 27.64 0.94 -7.12
C MET C 20 27.53 0.08 -8.36
N LEU C 21 27.13 -1.17 -8.18
CA LEU C 21 26.83 -2.02 -9.31
C LEU C 21 25.66 -1.46 -10.10
N LEU C 22 25.71 -1.68 -11.41
CA LEU C 22 24.66 -1.14 -12.28
C LEU C 22 23.29 -1.67 -11.89
N VAL C 23 23.20 -2.93 -11.48
CA VAL C 23 21.90 -3.49 -11.12
C VAL C 23 21.30 -2.70 -9.97
N HIS C 24 22.11 -2.34 -9.02
CA HIS C 24 21.62 -1.58 -7.91
C HIS C 24 21.29 -0.14 -8.30
N PHE C 25 22.09 0.45 -9.15
CA PHE C 25 21.78 1.80 -9.63
C PHE C 25 20.45 1.82 -10.37
N LEU C 26 20.19 0.80 -11.20
CA LEU C 26 18.93 0.72 -11.90
C LEU C 26 17.77 0.48 -10.93
N ARG C 27 17.96 -0.46 -10.04
CA ARG C 27 16.82 -0.85 -9.23
C ARG C 27 16.56 0.11 -8.17
N ASP C 28 17.59 0.40 -7.45
CA ASP C 28 17.41 1.21 -6.31
C ASP C 28 17.36 2.65 -6.70
N GLN C 29 18.42 3.14 -7.29
CA GLN C 29 18.50 4.57 -7.56
C GLN C 29 17.43 4.99 -8.55
N LEU C 30 17.36 4.33 -9.70
CA LEU C 30 16.40 4.68 -10.74
C LEU C 30 15.05 3.99 -10.57
N GLY C 31 14.89 3.16 -9.55
CA GLY C 31 13.61 2.52 -9.33
C GLY C 31 13.16 1.62 -10.47
N LEU C 32 14.08 1.18 -11.32
CA LEU C 32 13.76 0.26 -12.41
C LEU C 32 13.88 -1.17 -11.88
N THR C 33 12.88 -1.57 -11.11
CA THR C 33 12.89 -2.85 -10.42
C THR C 33 12.58 -4.03 -11.33
N GLY C 34 12.33 -3.79 -12.61
CA GLY C 34 12.20 -4.91 -13.54
C GLY C 34 13.46 -5.74 -13.59
N THR C 35 14.61 -5.10 -13.47
CA THR C 35 15.87 -5.81 -13.43
C THR C 35 16.10 -6.46 -12.09
N HIS C 36 16.44 -7.74 -12.10
CA HIS C 36 16.62 -8.46 -10.86
C HIS C 36 18.07 -8.91 -10.60
N TRP C 37 18.34 -9.42 -9.44
CA TRP C 37 19.64 -9.97 -9.12
C TRP C 37 19.38 -11.21 -8.28
N GLY C 38 20.18 -12.23 -8.47
CA GLY C 38 19.96 -13.46 -7.75
C GLY C 38 21.22 -14.18 -7.32
N CYS C 39 22.38 -13.55 -7.50
CA CYS C 39 23.63 -14.22 -7.16
C CYS C 39 24.71 -13.18 -6.89
N ASP C 40 25.79 -13.65 -6.29
CA ASP C 40 26.97 -12.83 -6.04
C ASP C 40 28.08 -13.06 -7.05
N THR C 41 27.98 -14.11 -7.86
CA THR C 41 29.11 -14.58 -8.66
C THR C 41 28.85 -14.46 -10.15
N SER C 42 27.97 -13.54 -10.56
CA SER C 42 27.70 -13.29 -11.97
C SER C 42 27.24 -14.54 -12.69
N ASN C 43 26.48 -15.38 -12.00
CA ASN C 43 26.13 -16.70 -12.52
C ASN C 43 24.68 -16.80 -12.96
N CYS C 44 23.75 -16.18 -12.24
CA CYS C 44 22.34 -16.46 -12.46
C CYS C 44 21.80 -15.77 -13.71
N GLY C 45 22.28 -14.57 -14.04
CA GLY C 45 21.81 -13.86 -15.21
C GLY C 45 20.50 -13.11 -15.03
N THR C 46 20.00 -13.01 -13.84
CA THR C 46 18.74 -12.36 -13.60
C THR C 46 18.84 -10.84 -13.72
N CYS C 47 20.04 -10.34 -13.73
CA CYS C 47 20.29 -8.94 -13.85
C CYS C 47 20.62 -8.53 -15.26
N VAL C 48 20.51 -9.43 -16.19
CA VAL C 48 20.91 -9.10 -17.55
C VAL C 48 20.11 -7.89 -18.03
N VAL C 49 20.83 -6.89 -18.51
CA VAL C 49 20.25 -5.71 -19.13
C VAL C 49 20.95 -5.51 -20.45
N GLU C 50 20.41 -4.61 -21.25
CA GLU C 50 21.04 -4.23 -22.50
C GLU C 50 21.93 -3.03 -22.24
N VAL C 51 23.22 -3.19 -22.45
CA VAL C 51 24.16 -2.08 -22.44
C VAL C 51 24.74 -1.96 -23.83
N ASP C 52 24.47 -0.83 -24.48
CA ASP C 52 24.91 -0.62 -25.86
C ASP C 52 24.46 -1.76 -26.75
N GLY C 53 23.22 -2.20 -26.54
CA GLY C 53 22.63 -3.22 -27.38
C GLY C 53 23.04 -4.63 -27.08
N GLU C 54 23.79 -4.87 -26.00
CA GLU C 54 24.23 -6.23 -25.73
C GLU C 54 23.83 -6.67 -24.33
N PRO C 55 23.33 -7.88 -24.18
CA PRO C 55 23.00 -8.38 -22.84
C PRO C 55 24.24 -8.35 -21.96
N VAL C 56 24.08 -7.72 -20.80
CA VAL C 56 25.16 -7.58 -19.84
C VAL C 56 24.61 -7.87 -18.46
N LYS C 57 25.36 -8.62 -17.68
CA LYS C 57 25.00 -8.82 -16.29
C LYS C 57 25.22 -7.51 -15.56
N SER C 58 24.12 -6.81 -15.24
CA SER C 58 24.25 -5.52 -14.58
C SER C 58 24.86 -5.65 -13.19
N CYS C 59 24.85 -6.86 -12.62
CA CYS C 59 25.53 -7.08 -11.35
C CYS C 59 27.04 -7.06 -11.51
N THR C 60 27.54 -7.25 -12.72
CA THR C 60 28.98 -7.31 -12.99
C THR C 60 29.43 -6.09 -13.77
N MET C 61 28.71 -4.99 -13.61
CA MET C 61 29.05 -3.72 -14.23
C MET C 61 28.79 -2.63 -13.20
N LEU C 62 29.76 -1.76 -13.03
CA LEU C 62 29.54 -0.61 -12.12
C LEU C 62 28.70 0.43 -12.86
N ALA C 63 27.79 1.09 -12.17
CA ALA C 63 27.09 2.23 -12.76
C ALA C 63 28.08 3.20 -13.38
N ALA C 64 29.20 3.42 -12.72
CA ALA C 64 30.24 4.35 -13.20
C ALA C 64 30.74 3.91 -14.57
N MET C 65 30.81 2.59 -14.78
CA MET C 65 31.23 2.01 -16.07
C MET C 65 30.14 2.20 -17.12
N ALA C 66 28.87 2.10 -16.71
CA ALA C 66 27.79 2.34 -17.64
C ALA C 66 27.69 3.79 -18.06
N SER C 67 28.35 4.69 -17.34
CA SER C 67 28.27 6.11 -17.67
C SER C 67 28.68 6.35 -19.11
N GLY C 68 27.91 7.15 -19.82
CA GLY C 68 28.14 7.38 -21.23
C GLY C 68 27.59 6.32 -22.14
N HIS C 69 26.93 5.29 -21.60
CA HIS C 69 26.38 4.21 -22.39
C HIS C 69 24.87 4.20 -22.26
N SER C 70 24.22 3.55 -23.22
CA SER C 70 22.79 3.38 -23.19
C SER C 70 22.47 2.04 -22.53
N VAL C 71 21.61 2.07 -21.52
CA VAL C 71 21.23 0.89 -20.78
C VAL C 71 19.74 0.67 -20.96
N ASN C 72 19.38 -0.49 -21.47
CA ASN C 72 17.99 -0.84 -21.70
C ASN C 72 17.61 -2.02 -20.81
N THR C 73 16.44 -1.92 -20.20
CA THR C 73 15.91 -2.92 -19.30
C THR C 73 14.57 -3.41 -19.83
N VAL C 74 14.00 -4.38 -19.11
CA VAL C 74 12.68 -4.89 -19.49
C VAL C 74 11.65 -3.79 -19.51
N GLU C 75 11.78 -2.79 -18.63
CA GLU C 75 10.82 -1.70 -18.60
C GLU C 75 10.76 -0.99 -19.95
N GLY C 76 11.88 -0.82 -20.60
CA GLY C 76 11.86 -0.20 -21.91
C GLY C 76 11.43 -1.09 -23.05
N MET C 77 11.07 -2.35 -22.77
CA MET C 77 10.81 -3.22 -23.93
C MET C 77 9.47 -2.98 -24.60
N GLU C 78 8.47 -2.64 -23.80
CA GLU C 78 7.14 -2.32 -24.36
C GLU C 78 7.23 -0.87 -24.82
N VAL C 79 7.02 -0.68 -26.10
CA VAL C 79 7.20 0.67 -26.68
C VAL C 79 5.83 1.15 -27.15
N ASP C 80 5.42 2.34 -26.73
CA ASP C 80 4.15 2.93 -27.23
C ASP C 80 3.00 1.98 -26.91
N GLY C 81 2.97 1.44 -25.69
CA GLY C 81 1.90 0.54 -25.26
C GLY C 81 1.92 -0.83 -25.95
N LYS C 82 2.90 -1.10 -26.80
CA LYS C 82 2.93 -2.40 -27.55
C LYS C 82 4.06 -3.30 -27.04
N LEU C 83 3.68 -4.50 -26.65
CA LEU C 83 4.66 -5.45 -26.10
C LEU C 83 5.64 -5.82 -27.18
N ASP C 84 6.90 -5.92 -26.84
CA ASP C 84 7.86 -6.46 -27.75
C ASP C 84 7.42 -7.90 -28.03
N PRO C 85 7.74 -8.40 -29.21
CA PRO C 85 7.37 -9.79 -29.54
C PRO C 85 7.95 -10.79 -28.55
N VAL C 86 9.08 -10.50 -27.92
CA VAL C 86 9.60 -11.39 -26.90
C VAL C 86 8.65 -11.46 -25.71
N GLN C 87 8.18 -10.29 -25.26
CA GLN C 87 7.25 -10.27 -24.13
C GLN C 87 5.97 -11.02 -24.47
N GLU C 88 5.41 -10.76 -25.65
CA GLU C 88 4.18 -11.41 -26.04
C GLU C 88 4.39 -12.92 -26.18
N GLY C 89 5.53 -13.33 -26.72
CA GLY C 89 5.81 -14.76 -26.83
C GLY C 89 5.96 -15.41 -25.47
N PHE C 90 6.59 -14.72 -24.53
CA PHE C 90 6.75 -15.26 -23.19
C PHE C 90 5.39 -15.47 -22.53
N MET C 91 4.49 -14.50 -22.70
CA MET C 91 3.14 -14.69 -22.18
C MET C 91 2.41 -15.83 -22.89
N GLN C 92 2.50 -15.87 -24.22
CA GLN C 92 1.74 -16.83 -24.99
C GLN C 92 2.24 -18.25 -24.79
N CYS C 93 3.53 -18.43 -24.56
CA CYS C 93 4.15 -19.74 -24.48
C CYS C 93 4.52 -20.15 -23.06
N HIS C 94 4.05 -19.40 -22.06
CA HIS C 94 4.34 -19.74 -20.68
C HIS C 94 5.85 -19.83 -20.47
N GLY C 95 6.58 -18.84 -20.98
CA GLY C 95 8.00 -18.75 -20.78
C GLY C 95 8.42 -18.18 -19.45
N LEU C 96 7.48 -18.05 -18.51
CA LEU C 96 7.76 -17.54 -17.18
C LEU C 96 6.75 -18.11 -16.21
N GLN C 97 7.12 -18.16 -14.94
CA GLN C 97 6.24 -18.61 -13.90
C GLN C 97 6.37 -17.63 -12.81
N CYS C 98 7.46 -17.67 -12.09
CA CYS C 98 7.68 -16.68 -11.03
C CYS C 98 8.07 -15.30 -11.64
N GLY C 99 8.59 -15.30 -12.84
CA GLY C 99 8.94 -14.09 -13.55
C GLY C 99 10.25 -13.47 -13.13
N PHE C 100 10.96 -14.10 -12.24
CA PHE C 100 12.19 -13.47 -11.75
C PHE C 100 13.29 -13.35 -12.81
N CYS C 101 13.58 -14.39 -13.48
CA CYS C 101 14.57 -14.42 -14.56
C CYS C 101 14.03 -13.82 -15.84
N THR C 102 12.71 -13.68 -15.95
CA THR C 102 12.09 -13.22 -17.22
C THR C 102 12.70 -11.94 -17.83
N PRO C 103 12.84 -10.87 -17.04
CA PRO C 103 13.48 -9.62 -17.56
C PRO C 103 14.80 -9.92 -18.26
N GLY C 104 15.70 -10.54 -17.57
CA GLY C 104 16.93 -10.92 -18.19
C GLY C 104 16.70 -11.83 -19.35
N MET C 105 15.89 -12.86 -19.16
CA MET C 105 15.66 -13.80 -20.25
C MET C 105 15.12 -13.10 -21.48
N MET C 106 14.17 -12.19 -21.30
CA MET C 106 13.60 -11.49 -22.45
C MET C 106 14.59 -10.50 -23.05
N ILE C 107 15.44 -9.86 -22.22
CA ILE C 107 16.48 -9.01 -22.78
C ILE C 107 17.41 -9.83 -23.66
N THR C 108 17.85 -10.98 -23.15
CA THR C 108 18.71 -11.86 -23.93
C THR C 108 18.01 -12.35 -25.18
N ALA C 109 16.74 -12.74 -25.06
CA ALA C 109 15.99 -13.24 -26.21
C ALA C 109 15.80 -12.15 -27.27
N ARG C 110 15.52 -10.93 -26.83
CA ARG C 110 15.37 -9.82 -27.76
C ARG C 110 16.69 -9.53 -28.47
N ALA C 111 17.79 -9.53 -27.73
CA ALA C 111 19.09 -9.34 -28.36
C ALA C 111 19.37 -10.43 -29.39
N LEU C 112 19.08 -11.68 -29.01
CA LEU C 112 19.30 -12.79 -29.92
C LEU C 112 18.47 -12.63 -31.19
N LEU C 113 17.17 -12.36 -31.02
CA LEU C 113 16.30 -12.23 -32.18
C LEU C 113 16.70 -11.05 -33.05
N ARG C 114 17.27 -9.99 -32.44
CA ARG C 114 17.83 -8.90 -33.24
C ARG C 114 18.99 -9.39 -34.09
N GLN C 115 19.91 -10.14 -33.49
CA GLN C 115 21.05 -10.61 -34.26
C GLN C 115 20.75 -11.87 -35.07
N ASN C 116 19.72 -12.62 -34.67
CA ASN C 116 19.35 -13.86 -35.35
C ASN C 116 17.83 -13.86 -35.47
N PRO C 117 17.30 -13.49 -36.63
CA PRO C 117 15.84 -13.46 -36.79
C PRO C 117 15.15 -14.81 -36.63
N ASP C 118 15.83 -15.90 -36.96
CA ASP C 118 15.22 -17.24 -36.96
C ASP C 118 16.12 -18.22 -36.22
N PRO C 119 16.24 -18.07 -34.91
CA PRO C 119 17.12 -18.95 -34.15
C PRO C 119 16.58 -20.37 -34.06
N THR C 120 17.50 -21.32 -33.94
CA THR C 120 17.17 -22.69 -33.62
C THR C 120 17.00 -22.85 -32.11
N GLU C 121 16.40 -23.97 -31.71
CA GLU C 121 16.28 -24.23 -30.28
C GLU C 121 17.65 -24.28 -29.63
N GLU C 122 18.63 -24.87 -30.32
CA GLU C 122 19.99 -24.88 -29.79
C GLU C 122 20.53 -23.46 -29.65
N GLU C 123 20.32 -22.63 -30.66
CA GLU C 123 20.81 -21.25 -30.57
C GLU C 123 20.13 -20.52 -29.43
N ILE C 124 18.83 -20.73 -29.25
CA ILE C 124 18.13 -20.08 -28.14
C ILE C 124 18.68 -20.54 -26.81
N ARG C 125 18.86 -21.85 -26.65
CA ARG C 125 19.38 -22.38 -25.40
C ARG C 125 20.78 -21.84 -25.13
N GLU C 126 21.64 -21.82 -26.13
CA GLU C 126 22.97 -21.27 -25.94
C GLU C 126 22.90 -19.80 -25.56
N ALA C 127 22.04 -19.04 -26.23
CA ALA C 127 21.94 -17.60 -25.97
C ALA C 127 21.50 -17.33 -24.55
N ILE C 128 20.69 -18.22 -23.97
CA ILE C 128 20.21 -18.04 -22.60
C ILE C 128 20.97 -18.91 -21.62
N SER C 129 22.04 -19.57 -22.06
CA SER C 129 22.75 -20.52 -21.23
C SER C 129 23.42 -19.86 -20.04
N GLY C 130 23.58 -18.55 -20.07
CA GLY C 130 24.08 -17.82 -18.92
C GLY C 130 23.00 -17.37 -17.96
N GLN C 131 21.75 -17.75 -18.19
CA GLN C 131 20.65 -17.27 -17.38
C GLN C 131 19.85 -18.45 -16.84
N ILE C 132 19.75 -18.52 -15.53
CA ILE C 132 19.11 -19.64 -14.85
C ILE C 132 17.63 -19.35 -14.71
N CYS C 133 16.80 -20.32 -15.10
CA CYS C 133 15.39 -20.29 -14.75
C CYS C 133 15.09 -21.54 -13.93
N ARG C 134 14.69 -21.35 -12.73
CA ARG C 134 14.39 -22.44 -11.87
C ARG C 134 12.98 -22.97 -12.14
N CYS C 135 12.10 -22.17 -12.69
CA CYS C 135 10.68 -22.53 -12.78
C CYS C 135 10.17 -23.17 -14.01
N THR C 136 10.68 -22.81 -15.18
CA THR C 136 10.03 -23.16 -16.42
C THR C 136 10.50 -24.48 -17.02
N GLY C 137 11.73 -24.90 -16.73
CA GLY C 137 12.33 -25.99 -17.44
C GLY C 137 12.92 -25.61 -18.77
N TYR C 138 12.84 -24.33 -19.15
CA TYR C 138 13.49 -23.76 -20.33
C TYR C 138 12.85 -24.14 -21.64
N THR C 139 12.01 -25.17 -21.65
CA THR C 139 11.38 -25.54 -22.91
C THR C 139 10.35 -24.50 -23.31
N THR C 140 9.61 -24.00 -22.33
CA THR C 140 8.64 -22.96 -22.63
C THR C 140 9.34 -21.65 -22.97
N ILE C 141 10.52 -21.41 -22.41
CA ILE C 141 11.29 -20.23 -22.80
C ILE C 141 11.73 -20.34 -24.25
N VAL C 142 12.22 -21.51 -24.65
CA VAL C 142 12.57 -21.72 -26.05
C VAL C 142 11.35 -21.52 -26.94
N ARG C 143 10.19 -22.04 -26.51
CA ARG C 143 8.97 -21.85 -27.27
C ARG C 143 8.58 -20.38 -27.34
N SER C 144 8.74 -19.65 -26.23
CA SER C 144 8.45 -18.22 -26.21
C SER C 144 9.33 -17.49 -27.21
N VAL C 145 10.62 -17.82 -27.24
CA VAL C 145 11.53 -17.13 -28.15
C VAL C 145 11.22 -17.50 -29.59
N GLN C 146 10.85 -18.76 -29.84
CA GLN C 146 10.46 -19.14 -31.18
C GLN C 146 9.19 -18.41 -31.59
N TRP C 147 8.26 -18.25 -30.66
CA TRP C 147 7.03 -17.52 -30.93
C TRP C 147 7.32 -16.07 -31.29
N ALA C 148 8.16 -15.42 -30.49
CA ALA C 148 8.55 -14.04 -30.79
C ALA C 148 9.26 -13.95 -32.12
N ALA C 149 10.16 -14.90 -32.40
CA ALA C 149 10.88 -14.88 -33.66
C ALA C 149 9.92 -15.02 -34.84
N ARG C 150 8.97 -15.94 -34.73
CA ARG C 150 8.08 -16.23 -35.85
C ARG C 150 7.05 -15.13 -36.04
N HIS C 151 6.65 -14.46 -34.97
CA HIS C 151 5.74 -13.33 -35.12
C HIS C 151 6.46 -12.09 -35.62
N ALA C 152 7.71 -11.88 -35.21
CA ALA C 152 8.48 -10.78 -35.77
C ALA C 152 8.61 -10.92 -37.28
N ARG C 153 8.71 -12.15 -37.77
CA ARG C 153 8.82 -12.40 -39.19
C ARG C 153 7.54 -11.99 -39.92
N ASN D 17 -12.12 8.36 30.55
CA ASN D 17 -12.13 7.78 29.21
C ASN D 17 -11.03 6.74 29.05
N ASP D 18 -10.00 6.81 29.89
CA ASP D 18 -8.90 5.87 29.78
C ASP D 18 -9.23 4.49 30.35
N ALA D 19 -10.50 4.21 30.65
CA ALA D 19 -10.90 2.87 31.01
C ALA D 19 -10.68 1.92 29.83
N LYS D 20 -10.62 0.63 30.14
CA LYS D 20 -10.38 -0.41 29.14
C LYS D 20 -11.45 -1.49 29.27
N PRO D 21 -12.71 -1.14 29.02
CA PRO D 21 -13.78 -2.15 29.08
C PRO D 21 -13.62 -3.18 27.98
N CYS D 22 -14.03 -4.40 28.31
CA CYS D 22 -14.08 -5.45 27.25
C CYS D 22 -15.49 -5.37 26.69
N GLY D 23 -15.71 -4.40 25.82
CA GLY D 23 -17.02 -4.16 25.27
C GLY D 23 -17.47 -2.72 25.39
N HIS D 24 -18.77 -2.51 25.51
CA HIS D 24 -19.31 -1.16 25.55
C HIS D 24 -18.72 -0.40 26.72
N GLY D 25 -18.81 0.92 26.65
CA GLY D 25 -18.31 1.79 27.69
C GLY D 25 -17.29 2.78 27.17
N ARG D 26 -16.87 3.66 28.07
CA ARG D 26 -15.88 4.65 27.72
C ARG D 26 -14.52 3.98 27.54
N MET D 27 -13.83 4.36 26.47
CA MET D 27 -12.47 3.92 26.26
C MET D 27 -11.83 4.88 25.27
N LEU D 28 -10.51 5.05 25.40
CA LEU D 28 -9.79 5.88 24.45
C LEU D 28 -9.98 5.35 23.04
N ARG D 29 -10.11 6.27 22.09
CA ARG D 29 -10.26 5.88 20.70
C ARG D 29 -8.98 5.26 20.18
N LYS D 30 -9.12 4.26 19.31
CA LYS D 30 -7.96 3.62 18.70
C LYS D 30 -7.42 4.41 17.51
N GLU D 31 -8.15 5.41 17.02
CA GLU D 31 -7.65 6.29 15.97
C GLU D 31 -6.77 7.40 16.51
N ASP D 32 -6.92 7.74 17.79
CA ASP D 32 -6.23 8.91 18.33
C ASP D 32 -4.71 8.79 18.26
N PRO D 33 -4.09 7.69 18.66
CA PRO D 33 -2.61 7.64 18.59
C PRO D 33 -2.04 8.16 17.29
N ARG D 34 -2.61 7.78 16.15
CA ARG D 34 -2.07 8.29 14.92
C ARG D 34 -2.49 9.75 14.63
N PHE D 35 -3.73 10.10 14.95
CA PHE D 35 -4.15 11.45 14.60
C PHE D 35 -3.39 12.47 15.41
N ILE D 36 -3.22 12.24 16.69
CA ILE D 36 -2.56 13.23 17.53
C ILE D 36 -1.11 13.43 17.17
N ARG D 37 -0.55 12.53 16.40
CA ARG D 37 0.83 12.61 15.95
C ARG D 37 0.96 13.11 14.53
N GLY D 38 -0.16 13.44 13.89
CA GLY D 38 -0.13 13.92 12.51
C GLY D 38 0.12 12.78 11.58
N ARG D 39 -0.22 11.60 12.03
CA ARG D 39 -0.01 10.44 11.24
C ARG D 39 -1.29 9.89 10.67
N GLY D 40 -2.29 10.70 10.55
CA GLY D 40 -3.49 10.26 9.88
C GLY D 40 -3.13 10.13 8.42
N ASN D 41 -3.90 9.37 7.68
CA ASN D 41 -3.59 9.28 6.28
C ASN D 41 -4.79 9.75 5.51
N TYR D 42 -4.88 11.03 5.29
CA TYR D 42 -5.95 11.62 4.53
C TYR D 42 -5.57 11.65 3.05
N VAL D 43 -6.58 11.81 2.20
CA VAL D 43 -6.35 11.66 0.76
C VAL D 43 -5.23 12.57 0.29
N ASP D 44 -5.21 13.82 0.75
CA ASP D 44 -4.16 14.73 0.28
C ASP D 44 -2.78 14.35 0.79
N ASP D 45 -2.70 13.49 1.80
CA ASP D 45 -1.43 12.92 2.22
C ASP D 45 -0.89 11.92 1.22
N VAL D 46 -1.73 11.39 0.34
CA VAL D 46 -1.34 10.30 -0.55
C VAL D 46 -0.37 10.84 -1.58
N LYS D 47 0.86 10.37 -1.53
CA LYS D 47 1.89 10.72 -2.49
C LYS D 47 2.27 9.44 -3.21
N LEU D 48 1.96 9.37 -4.48
CA LEU D 48 2.32 8.20 -5.25
C LEU D 48 3.39 8.55 -6.27
N PRO D 49 4.25 7.60 -6.63
CA PRO D 49 5.30 7.90 -7.62
C PRO D 49 4.67 8.34 -8.94
N GLY D 50 5.23 9.41 -9.51
CA GLY D 50 4.74 9.95 -10.74
C GLY D 50 3.39 10.63 -10.65
N MET D 51 2.88 10.85 -9.43
CA MET D 51 1.56 11.44 -9.27
C MET D 51 1.49 12.81 -9.93
N LEU D 52 0.46 13.00 -10.74
CA LEU D 52 0.12 14.30 -11.32
C LEU D 52 -1.01 14.94 -10.52
N HIS D 53 -1.19 16.24 -10.72
CA HIS D 53 -2.18 17.01 -9.97
C HIS D 53 -3.23 17.56 -10.92
N LEU D 54 -4.48 17.41 -10.54
CA LEU D 54 -5.61 17.78 -11.37
C LEU D 54 -6.31 18.98 -10.76
N ALA D 55 -6.54 20.00 -11.57
CA ALA D 55 -7.29 21.18 -11.17
C ALA D 55 -8.45 21.35 -12.13
N ILE D 56 -9.61 21.72 -11.62
CA ILE D 56 -10.82 21.81 -12.42
C ILE D 56 -11.17 23.28 -12.62
N LEU D 57 -11.15 23.71 -13.86
CA LEU D 57 -11.71 24.99 -14.26
C LEU D 57 -13.22 24.99 -14.04
N ARG D 58 -13.68 25.90 -13.18
CA ARG D 58 -15.07 26.04 -12.79
C ARG D 58 -15.75 27.14 -13.57
N SER D 59 -17.06 26.98 -13.75
CA SER D 59 -17.85 28.01 -14.41
C SER D 59 -17.88 29.28 -13.59
N PRO D 60 -17.66 30.44 -14.21
CA PRO D 60 -17.92 31.70 -13.50
C PRO D 60 -19.37 32.13 -13.54
N TYR D 61 -20.21 31.46 -14.31
CA TYR D 61 -21.60 31.84 -14.49
C TYR D 61 -22.55 30.82 -13.87
N ALA D 62 -23.69 31.29 -13.44
CA ALA D 62 -24.70 30.38 -12.82
C ALA D 62 -25.41 29.68 -13.95
N HIS D 63 -25.52 30.34 -15.09
CA HIS D 63 -26.30 29.76 -16.18
C HIS D 63 -25.81 30.38 -17.48
N ALA D 64 -25.08 29.60 -18.27
CA ALA D 64 -24.50 30.12 -19.50
C ALA D 64 -24.28 28.97 -20.47
N THR D 65 -24.68 29.17 -21.71
CA THR D 65 -24.27 28.24 -22.75
C THR D 65 -22.75 28.30 -22.89
N ILE D 66 -22.14 27.15 -23.17
CA ILE D 66 -20.73 27.10 -23.49
C ILE D 66 -20.63 27.15 -25.01
N ASN D 67 -20.31 28.33 -25.54
CA ASN D 67 -20.12 28.43 -26.98
C ASN D 67 -18.93 27.60 -27.43
N SER D 68 -17.81 27.73 -26.74
CA SER D 68 -16.58 27.04 -27.12
C SER D 68 -15.61 27.08 -25.95
N ILE D 69 -14.66 26.16 -25.98
CA ILE D 69 -13.61 26.07 -24.97
C ILE D 69 -12.28 25.98 -25.68
N ASP D 70 -11.40 26.94 -25.43
CA ASP D 70 -10.06 26.95 -25.99
C ASP D 70 -9.08 26.52 -24.91
N VAL D 71 -8.42 25.38 -25.11
CA VAL D 71 -7.49 24.85 -24.14
C VAL D 71 -6.07 24.79 -24.70
N THR D 72 -5.82 25.47 -25.82
CA THR D 72 -4.50 25.40 -26.44
C THR D 72 -3.42 25.99 -25.55
N ALA D 73 -3.70 27.15 -24.96
CA ALA D 73 -2.69 27.78 -24.10
C ALA D 73 -2.41 26.94 -22.87
N ALA D 74 -3.46 26.40 -22.23
CA ALA D 74 -3.25 25.53 -21.08
C ALA D 74 -2.48 24.27 -21.49
N GLN D 75 -2.81 23.70 -22.65
CA GLN D 75 -2.09 22.53 -23.12
C GLN D 75 -0.62 22.82 -23.36
N ALA D 76 -0.33 24.02 -23.89
CA ALA D 76 1.04 24.42 -24.18
C ALA D 76 1.86 24.71 -22.93
N HIS D 77 1.23 24.79 -21.77
CA HIS D 77 1.98 24.97 -20.53
C HIS D 77 2.97 23.83 -20.39
N PRO D 78 4.25 24.12 -20.17
CA PRO D 78 5.26 23.05 -20.15
C PRO D 78 5.05 22.04 -19.04
N LYS D 79 4.32 22.38 -17.99
CA LYS D 79 4.07 21.47 -16.88
C LYS D 79 2.71 20.81 -16.95
N VAL D 80 1.90 21.13 -17.95
CA VAL D 80 0.55 20.59 -18.06
C VAL D 80 0.60 19.33 -18.90
N LYS D 81 0.12 18.23 -18.34
CA LYS D 81 0.13 16.94 -19.02
C LYS D 81 -1.16 16.64 -19.77
N ALA D 82 -2.26 17.29 -19.42
CA ALA D 82 -3.50 17.05 -20.14
C ALA D 82 -4.48 18.16 -19.84
N VAL D 83 -5.27 18.52 -20.84
CA VAL D 83 -6.42 19.39 -20.65
C VAL D 83 -7.63 18.69 -21.22
N VAL D 84 -8.66 18.49 -20.39
CA VAL D 84 -9.83 17.71 -20.74
C VAL D 84 -11.06 18.59 -20.59
N THR D 85 -11.94 18.55 -21.57
CA THR D 85 -13.17 19.30 -21.54
C THR D 85 -14.35 18.36 -21.57
N GLY D 86 -15.54 18.93 -21.34
CA GLY D 86 -16.75 18.13 -21.40
C GLY D 86 -16.92 17.43 -22.74
N ALA D 87 -16.43 18.03 -23.81
CA ALA D 87 -16.47 17.36 -25.11
C ALA D 87 -15.63 16.10 -25.09
N ASP D 88 -14.42 16.17 -24.52
CA ASP D 88 -13.56 15.01 -24.45
C ASP D 88 -14.20 13.89 -23.63
N LEU D 89 -14.85 14.25 -22.52
CA LEU D 89 -15.54 13.25 -21.71
C LEU D 89 -16.72 12.66 -22.46
N ALA D 90 -17.52 13.52 -23.11
CA ALA D 90 -18.65 13.04 -23.88
C ALA D 90 -18.21 12.06 -24.95
N ALA D 91 -17.03 12.26 -25.51
CA ALA D 91 -16.47 11.26 -26.42
C ALA D 91 -16.27 9.94 -25.71
N LYS D 92 -15.83 9.98 -24.46
CA LYS D 92 -15.69 8.79 -23.63
C LYS D 92 -16.97 8.45 -22.88
N GLY D 93 -18.05 9.17 -23.15
CA GLY D 93 -19.32 8.89 -22.50
C GLY D 93 -19.34 9.19 -21.01
N LEU D 94 -18.42 10.01 -20.51
CA LEU D 94 -18.36 10.35 -19.10
C LEU D 94 -18.71 11.81 -18.84
N ALA D 95 -19.24 12.52 -19.83
CA ALA D 95 -19.66 13.90 -19.60
C ALA D 95 -20.82 13.99 -18.62
N TRP D 96 -21.57 12.91 -18.48
CA TRP D 96 -22.69 12.84 -17.56
C TRP D 96 -22.52 11.62 -16.68
N MET D 97 -23.06 11.70 -15.48
CA MET D 97 -23.00 10.59 -14.57
C MET D 97 -24.28 10.59 -13.74
N PRO D 98 -24.80 9.41 -13.42
CA PRO D 98 -26.03 9.37 -12.62
C PRO D 98 -25.78 10.01 -11.26
N THR D 99 -26.78 10.71 -10.76
CA THR D 99 -26.76 11.16 -9.39
C THR D 99 -27.36 10.09 -8.50
N LEU D 100 -27.20 10.26 -7.18
CA LEU D 100 -27.79 9.30 -6.27
C LEU D 100 -29.31 9.28 -6.34
N SER D 101 -29.91 10.34 -6.89
CA SER D 101 -31.36 10.42 -7.02
C SER D 101 -31.85 9.95 -8.38
N ASN D 102 -31.01 9.21 -9.11
CA ASN D 102 -31.33 8.70 -10.43
C ASN D 102 -31.43 9.80 -11.47
N ASP D 103 -31.15 11.05 -11.10
CA ASP D 103 -30.95 12.09 -12.09
C ASP D 103 -29.62 11.86 -12.80
N VAL D 104 -29.30 12.74 -13.73
CA VAL D 104 -27.95 12.79 -14.29
C VAL D 104 -27.35 14.14 -13.90
N GLN D 105 -26.04 14.19 -13.91
CA GLN D 105 -25.35 15.43 -13.61
C GLN D 105 -24.11 15.51 -14.49
N ALA D 106 -23.83 16.72 -14.96
CA ALA D 106 -22.64 16.93 -15.75
C ALA D 106 -21.41 16.55 -14.96
N VAL D 107 -20.54 15.73 -15.55
CA VAL D 107 -19.20 15.56 -15.02
C VAL D 107 -18.40 16.82 -15.30
N LEU D 108 -18.28 17.17 -16.57
CA LEU D 108 -17.87 18.50 -17.00
C LEU D 108 -19.00 19.10 -17.81
N ALA D 109 -19.29 20.37 -17.57
CA ALA D 109 -20.33 21.06 -18.31
C ALA D 109 -20.03 20.99 -19.81
N THR D 110 -21.05 20.60 -20.59
CA THR D 110 -20.88 20.50 -22.04
C THR D 110 -21.75 21.49 -22.78
N ASP D 111 -23.07 21.43 -22.63
CA ASP D 111 -23.94 22.37 -23.33
C ASP D 111 -23.92 23.73 -22.65
N LYS D 112 -24.15 23.75 -21.35
CA LYS D 112 -24.14 24.99 -20.58
C LYS D 112 -23.65 24.70 -19.18
N VAL D 113 -23.28 25.74 -18.47
CA VAL D 113 -23.02 25.66 -17.05
C VAL D 113 -24.31 25.98 -16.32
N ARG D 114 -24.73 25.09 -15.45
CA ARG D 114 -25.98 25.26 -14.72
C ARG D 114 -25.78 25.78 -13.31
N PHE D 115 -24.54 26.04 -12.91
CA PHE D 115 -24.31 26.76 -11.67
C PHE D 115 -22.88 27.26 -11.62
N GLN D 116 -22.68 28.40 -10.98
CA GLN D 116 -21.36 28.96 -10.79
C GLN D 116 -20.54 28.07 -9.87
N GLY D 117 -19.30 27.81 -10.26
CA GLY D 117 -18.50 26.80 -9.62
C GLY D 117 -18.66 25.42 -10.20
N GLN D 118 -19.54 25.25 -11.19
CA GLN D 118 -19.69 23.95 -11.83
C GLN D 118 -18.45 23.62 -12.66
N GLU D 119 -18.16 22.33 -12.72
CA GLU D 119 -16.97 21.87 -13.42
C GLU D 119 -17.11 22.07 -14.93
N VAL D 120 -16.14 22.75 -15.52
CA VAL D 120 -16.14 23.04 -16.94
C VAL D 120 -15.02 22.32 -17.67
N ALA D 121 -13.82 22.32 -17.09
CA ALA D 121 -12.72 21.59 -17.70
C ALA D 121 -11.76 21.19 -16.59
N PHE D 122 -10.80 20.35 -16.91
CA PHE D 122 -9.76 20.06 -15.94
C PHE D 122 -8.41 19.94 -16.62
N VAL D 123 -7.38 20.29 -15.86
CA VAL D 123 -6.00 20.23 -16.30
C VAL D 123 -5.24 19.32 -15.36
N VAL D 124 -4.55 18.35 -15.93
CA VAL D 124 -3.58 17.55 -15.22
C VAL D 124 -2.21 18.14 -15.50
N ALA D 125 -1.49 18.45 -14.43
CA ALA D 125 -0.21 19.12 -14.51
C ALA D 125 0.75 18.46 -13.54
N GLU D 126 2.02 18.85 -13.62
CA GLU D 126 3.04 18.21 -12.82
C GLU D 126 2.83 18.44 -11.33
N ASP D 127 2.34 19.62 -10.94
CA ASP D 127 2.10 19.93 -9.54
C ASP D 127 0.84 20.77 -9.44
N ARG D 128 0.33 20.90 -8.21
CA ARG D 128 -0.92 21.62 -8.01
C ARG D 128 -0.81 23.06 -8.49
N TYR D 129 0.31 23.72 -8.16
CA TYR D 129 0.47 25.13 -8.51
C TYR D 129 0.40 25.33 -10.03
N SER D 130 1.15 24.51 -10.77
CA SER D 130 1.12 24.60 -12.22
C SER D 130 -0.27 24.29 -12.76
N ALA D 131 -0.97 23.34 -12.12
CA ALA D 131 -2.32 23.00 -12.58
C ALA D 131 -3.24 24.21 -12.48
N ARG D 132 -3.20 24.92 -11.35
CA ARG D 132 -4.02 26.12 -11.20
C ARG D 132 -3.62 27.21 -12.20
N ASP D 133 -2.32 27.42 -12.38
CA ASP D 133 -1.87 28.36 -13.42
C ASP D 133 -2.51 28.00 -14.76
N ALA D 134 -2.43 26.73 -15.12
CA ALA D 134 -2.95 26.30 -16.41
C ALA D 134 -4.43 26.60 -16.52
N LEU D 135 -5.18 26.33 -15.45
CA LEU D 135 -6.60 26.68 -15.44
C LEU D 135 -6.76 28.14 -15.83
N GLU D 136 -5.94 29.01 -15.24
CA GLU D 136 -5.96 30.41 -15.66
C GLU D 136 -5.76 30.52 -17.17
N LEU D 137 -4.93 29.64 -17.74
CA LEU D 137 -4.67 29.72 -19.17
C LEU D 137 -5.86 29.33 -20.05
N ILE D 138 -6.84 28.63 -19.52
CA ILE D 138 -7.93 28.14 -20.35
C ILE D 138 -8.92 29.26 -20.65
N ASP D 139 -9.36 29.33 -21.90
CA ASP D 139 -10.31 30.34 -22.35
C ASP D 139 -11.62 29.67 -22.73
N VAL D 140 -12.69 30.05 -22.05
CA VAL D 140 -14.02 29.51 -22.29
C VAL D 140 -14.91 30.66 -22.74
N ASP D 141 -15.53 30.51 -23.90
CA ASP D 141 -16.48 31.49 -24.40
C ASP D 141 -17.87 31.09 -23.88
N TYR D 142 -18.44 31.95 -23.04
CA TYR D 142 -19.77 31.71 -22.50
C TYR D 142 -20.77 32.65 -23.15
N GLU D 143 -21.99 32.16 -23.31
CA GLU D 143 -23.14 33.00 -23.57
C GLU D 143 -24.01 32.97 -22.34
N PRO D 144 -23.90 33.95 -21.45
CA PRO D 144 -24.66 33.89 -20.19
C PRO D 144 -26.16 33.89 -20.44
N LEU D 145 -26.86 33.12 -19.62
CA LEU D 145 -28.31 33.04 -19.65
C LEU D 145 -28.86 33.58 -18.33
N ASP D 146 -30.16 33.86 -18.32
CA ASP D 146 -30.80 34.30 -17.10
C ASP D 146 -30.75 33.17 -16.07
N PRO D 147 -30.18 33.40 -14.87
CA PRO D 147 -30.14 32.36 -13.88
C PRO D 147 -31.45 32.16 -13.11
N VAL D 148 -31.70 30.92 -12.74
CA VAL D 148 -32.89 30.61 -11.90
C VAL D 148 -32.32 30.48 -10.50
N ILE D 149 -32.35 31.55 -9.73
CA ILE D 149 -31.70 31.53 -8.40
C ILE D 149 -32.76 31.52 -7.32
N ASP D 150 -33.86 32.18 -7.60
CA ASP D 150 -34.94 32.28 -6.58
C ASP D 150 -35.82 31.05 -6.78
N ALA D 151 -35.75 30.09 -5.87
CA ALA D 151 -36.52 28.83 -6.03
C ALA D 151 -38.01 29.11 -6.07
N ARG D 152 -38.45 30.21 -5.48
CA ARG D 152 -39.88 30.64 -5.50
C ARG D 152 -40.35 30.94 -6.94
N HIS D 153 -39.47 31.43 -7.80
CA HIS D 153 -39.82 31.79 -9.18
C HIS D 153 -39.26 30.78 -10.20
N ALA D 154 -38.71 29.66 -9.74
CA ALA D 154 -38.19 28.63 -10.67
C ALA D 154 -39.31 28.10 -11.56
N LEU D 155 -40.48 27.91 -11.01
CA LEU D 155 -41.63 27.38 -11.74
C LEU D 155 -42.45 28.46 -12.41
N ASP D 156 -42.05 29.72 -12.30
CA ASP D 156 -42.80 30.79 -12.93
C ASP D 156 -42.82 30.58 -14.45
N PRO D 157 -43.93 30.87 -15.12
CA PRO D 157 -43.94 30.79 -16.58
C PRO D 157 -42.88 31.72 -17.17
N GLY D 158 -42.16 31.20 -18.16
CA GLY D 158 -41.09 31.97 -18.77
C GLY D 158 -39.79 31.96 -18.01
N ALA D 159 -39.72 31.28 -16.88
CA ALA D 159 -38.43 31.07 -16.22
C ALA D 159 -37.53 30.28 -17.15
N PRO D 160 -36.25 30.64 -17.26
CA PRO D 160 -35.36 29.88 -18.14
C PRO D 160 -35.34 28.42 -17.72
N VAL D 161 -35.37 27.53 -18.72
CA VAL D 161 -35.36 26.10 -18.46
C VAL D 161 -33.91 25.68 -18.24
N ILE D 162 -33.57 25.33 -17.00
CA ILE D 162 -32.22 24.88 -16.70
C ILE D 162 -31.93 23.56 -17.40
N ARG D 163 -32.82 22.58 -17.23
CA ARG D 163 -32.57 21.23 -17.66
C ARG D 163 -33.00 21.03 -19.11
N THR D 164 -32.44 21.88 -19.98
CA THR D 164 -32.56 21.66 -21.41
C THR D 164 -31.89 20.36 -21.83
N ASP D 165 -30.97 19.86 -21.02
CA ASP D 165 -30.38 18.54 -21.28
C ASP D 165 -31.44 17.46 -21.31
N LEU D 166 -32.54 17.64 -20.58
CA LEU D 166 -33.62 16.66 -20.55
C LEU D 166 -34.55 16.87 -21.73
N ASP D 167 -34.90 15.78 -22.41
CA ASP D 167 -35.73 15.87 -23.60
C ASP D 167 -37.14 16.29 -23.22
N GLY D 168 -37.62 17.38 -23.83
CA GLY D 168 -38.96 17.84 -23.59
C GLY D 168 -39.17 18.58 -22.28
N LYS D 169 -38.11 18.81 -21.50
CA LYS D 169 -38.26 19.57 -20.27
C LYS D 169 -38.58 21.02 -20.59
N THR D 170 -39.66 21.53 -20.01
CA THR D 170 -40.09 22.89 -20.27
C THR D 170 -40.22 23.74 -19.01
N ASP D 171 -39.89 23.18 -17.85
CA ASP D 171 -39.95 23.93 -16.60
C ASP D 171 -38.85 23.43 -15.69
N ASN D 172 -38.66 24.13 -14.58
CA ASN D 172 -37.66 23.79 -13.59
C ASN D 172 -38.20 22.89 -12.51
N HIS D 173 -39.23 22.11 -12.81
CA HIS D 173 -39.83 21.21 -11.84
C HIS D 173 -38.97 19.96 -11.73
N CYS D 174 -38.52 19.65 -10.52
CA CYS D 174 -37.74 18.44 -10.30
C CYS D 174 -38.66 17.26 -9.98
N PHE D 175 -39.44 17.37 -8.91
CA PHE D 175 -40.38 16.29 -8.62
C PHE D 175 -41.47 16.78 -7.68
N ASP D 176 -42.56 16.02 -7.66
CA ASP D 176 -43.62 16.21 -6.69
C ASP D 176 -43.63 15.00 -5.76
N TRP D 177 -43.69 15.25 -4.47
CA TRP D 177 -43.74 14.20 -3.48
C TRP D 177 -44.86 14.49 -2.51
N GLU D 178 -45.43 13.45 -1.92
CA GLU D 178 -46.41 13.68 -0.88
C GLU D 178 -46.42 12.50 0.08
N THR D 179 -46.83 12.77 1.31
CA THR D 179 -46.97 11.75 2.33
C THR D 179 -48.17 12.10 3.19
N GLY D 180 -48.71 11.09 3.84
CA GLY D 180 -49.88 11.30 4.65
C GLY D 180 -51.13 11.37 3.82
N ASP D 181 -52.21 11.78 4.47
CA ASP D 181 -53.54 11.79 3.87
C ASP D 181 -54.01 13.23 3.74
N ALA D 182 -54.17 13.69 2.50
CA ALA D 182 -54.63 15.07 2.29
C ALA D 182 -56.03 15.27 2.82
N ALA D 183 -56.95 14.36 2.52
CA ALA D 183 -58.34 14.55 2.90
C ALA D 183 -58.54 14.47 4.40
N ALA D 184 -57.90 13.50 5.05
CA ALA D 184 -57.98 13.41 6.51
C ALA D 184 -57.44 14.67 7.16
N THR D 185 -56.31 15.17 6.66
CA THR D 185 -55.72 16.38 7.21
C THR D 185 -56.64 17.59 6.98
N ASP D 186 -57.22 17.69 5.80
CA ASP D 186 -58.16 18.78 5.51
C ASP D 186 -59.35 18.73 6.45
N ALA D 187 -59.91 17.55 6.66
CA ALA D 187 -61.06 17.42 7.55
C ALA D 187 -60.70 17.82 8.97
N VAL D 188 -59.56 17.34 9.47
CA VAL D 188 -59.13 17.71 10.81
C VAL D 188 -58.96 19.22 10.91
N PHE D 189 -58.34 19.83 9.90
CA PHE D 189 -58.13 21.27 9.94
C PHE D 189 -59.46 22.02 9.93
N ALA D 190 -60.44 21.53 9.16
CA ALA D 190 -61.75 22.14 9.17
C ALA D 190 -62.37 22.08 10.55
N LYS D 191 -62.17 20.98 11.27
CA LYS D 191 -62.72 20.86 12.61
C LYS D 191 -61.82 21.40 13.71
N ALA D 192 -60.60 21.85 13.40
CA ALA D 192 -59.67 22.27 14.43
C ALA D 192 -60.06 23.60 15.03
N ASP D 193 -59.96 23.70 16.37
CA ASP D 193 -60.18 24.99 17.02
C ASP D 193 -59.17 26.02 16.57
N VAL D 194 -57.90 25.64 16.52
CA VAL D 194 -56.80 26.56 16.27
C VAL D 194 -56.02 26.04 15.08
N VAL D 195 -55.82 26.88 14.08
CA VAL D 195 -55.00 26.56 12.93
C VAL D 195 -53.92 27.62 12.82
N VAL D 196 -52.67 27.21 12.93
CA VAL D 196 -51.53 28.12 12.87
C VAL D 196 -50.74 27.82 11.60
N LYS D 197 -50.59 28.82 10.76
CA LYS D 197 -49.84 28.70 9.51
C LYS D 197 -48.56 29.53 9.65
N GLN D 198 -47.43 28.93 9.31
CA GLN D 198 -46.16 29.61 9.37
C GLN D 198 -45.29 29.15 8.20
N GLU D 199 -44.83 30.09 7.41
CA GLU D 199 -43.78 29.79 6.45
C GLU D 199 -42.44 29.89 7.14
N MET D 200 -41.59 28.90 6.90
CA MET D 200 -40.25 28.88 7.45
C MET D 200 -39.29 28.35 6.39
N VAL D 201 -38.11 28.93 6.33
CA VAL D 201 -37.10 28.54 5.36
C VAL D 201 -35.96 27.85 6.11
N TYR D 202 -35.47 26.80 5.49
CA TYR D 202 -34.28 26.09 6.00
C TYR D 202 -33.25 26.44 4.95
N PRO D 203 -32.46 27.51 5.15
CA PRO D 203 -31.62 28.03 4.08
C PRO D 203 -30.55 27.04 3.67
N ARG D 204 -30.17 27.12 2.41
CA ARG D 204 -29.08 26.30 1.89
C ARG D 204 -27.83 26.54 2.72
N VAL D 205 -27.29 25.46 3.24
CA VAL D 205 -26.01 25.52 3.97
C VAL D 205 -25.12 24.41 3.41
N HIS D 206 -23.94 24.20 4.00
CA HIS D 206 -23.03 23.23 3.43
C HIS D 206 -22.39 22.37 4.52
N PRO D 207 -22.17 21.09 4.26
CA PRO D 207 -21.48 20.26 5.26
C PRO D 207 -20.13 20.82 5.65
N ALA D 208 -19.40 21.39 4.70
CA ALA D 208 -18.14 22.08 4.96
C ALA D 208 -17.21 21.33 5.91
N PRO D 209 -16.87 20.08 5.59
CA PRO D 209 -15.84 19.40 6.37
C PRO D 209 -14.50 20.10 6.19
N MET D 210 -13.69 20.08 7.25
CA MET D 210 -12.40 20.76 7.19
C MET D 210 -11.52 20.20 6.08
N GLU D 211 -11.50 18.90 5.91
CA GLU D 211 -10.88 18.33 4.73
C GLU D 211 -11.84 18.46 3.57
N THR D 212 -11.39 19.08 2.48
CA THR D 212 -12.22 19.16 1.30
C THR D 212 -12.27 17.79 0.62
N CYS D 213 -13.09 17.69 -0.41
CA CYS D 213 -13.16 16.44 -1.16
C CYS D 213 -11.91 16.25 -2.00
N GLY D 214 -11.57 15.01 -2.24
CA GLY D 214 -10.43 14.72 -3.08
C GLY D 214 -10.34 13.25 -3.41
N ALA D 215 -9.53 12.97 -4.42
CA ALA D 215 -9.33 11.62 -4.91
C ALA D 215 -7.98 11.54 -5.59
N VAL D 216 -7.20 10.55 -5.18
CA VAL D 216 -6.02 10.13 -5.90
C VAL D 216 -6.43 8.89 -6.69
N ALA D 217 -6.62 9.08 -7.99
CA ALA D 217 -6.95 7.99 -8.89
C ALA D 217 -5.67 7.46 -9.51
N ASP D 218 -5.33 6.22 -9.22
CA ASP D 218 -4.15 5.59 -9.78
C ASP D 218 -4.66 4.37 -10.54
N LEU D 219 -4.93 4.56 -11.83
CA LEU D 219 -5.28 3.46 -12.71
C LEU D 219 -3.99 2.85 -13.22
N ASP D 220 -3.59 1.75 -12.62
CA ASP D 220 -2.33 1.11 -12.99
C ASP D 220 -2.41 0.77 -14.47
N PRO D 221 -1.55 1.36 -15.32
CA PRO D 221 -1.75 1.21 -16.77
C PRO D 221 -1.58 -0.21 -17.26
N VAL D 222 -0.92 -1.07 -16.50
CA VAL D 222 -0.63 -2.43 -16.95
C VAL D 222 -1.71 -3.36 -16.44
N THR D 223 -1.83 -3.47 -15.11
CA THR D 223 -2.85 -4.33 -14.53
C THR D 223 -4.25 -3.81 -14.76
N ARG D 224 -4.39 -2.55 -15.18
CA ARG D 224 -5.69 -1.93 -15.40
C ARG D 224 -6.48 -1.79 -14.11
N LYS D 225 -5.86 -2.02 -12.96
CA LYS D 225 -6.58 -1.90 -11.69
C LYS D 225 -6.62 -0.44 -11.29
N LEU D 226 -7.83 0.06 -11.05
CA LEU D 226 -8.01 1.40 -10.54
C LEU D 226 -7.94 1.34 -9.03
N THR D 227 -6.95 2.00 -8.45
CA THR D 227 -6.91 2.21 -7.01
C THR D 227 -7.27 3.66 -6.77
N LEU D 228 -8.41 3.88 -6.15
CA LEU D 228 -8.94 5.23 -6.01
C LEU D 228 -8.97 5.57 -4.53
N TRP D 229 -7.95 6.26 -4.06
N TRP D 229 -7.94 6.26 -4.05
CA TRP D 229 -8.01 6.90 -2.76
CA TRP D 229 -8.01 6.90 -2.75
C TRP D 229 -9.04 8.02 -2.84
C TRP D 229 -9.04 8.02 -2.84
N SER D 230 -10.05 7.98 -1.99
CA SER D 230 -11.13 8.93 -2.12
C SER D 230 -11.66 9.34 -0.76
N THR D 231 -12.08 10.60 -0.69
CA THR D 231 -12.82 11.11 0.46
C THR D 231 -14.28 10.72 0.28
N THR D 232 -14.53 9.43 0.39
CA THR D 232 -15.87 8.88 0.21
C THR D 232 -16.34 8.27 1.53
N GLN D 233 -17.59 8.56 1.87
CA GLN D 233 -18.25 7.92 3.00
C GLN D 233 -18.82 6.56 2.66
N ALA D 234 -18.87 6.23 1.38
CA ALA D 234 -19.43 4.98 0.92
C ALA D 234 -18.56 4.33 -0.11
N PRO D 235 -17.34 3.95 0.30
CA PRO D 235 -16.40 3.43 -0.70
C PRO D 235 -16.93 2.28 -1.53
N HIS D 236 -17.65 1.33 -0.96
CA HIS D 236 -18.26 0.25 -1.73
C HIS D 236 -19.33 0.75 -2.68
N ALA D 237 -20.27 1.55 -2.20
CA ALA D 237 -21.24 2.17 -3.09
C ALA D 237 -20.48 2.82 -4.20
N HIS D 238 -19.46 3.60 -3.84
CA HIS D 238 -18.72 4.34 -4.86
C HIS D 238 -18.04 3.38 -5.83
N ARG D 239 -17.45 2.33 -5.33
CA ARG D 239 -16.82 1.33 -6.21
C ARG D 239 -17.80 0.76 -7.20
N THR D 240 -18.96 0.36 -6.71
CA THR D 240 -19.98 -0.19 -7.59
C THR D 240 -20.45 0.85 -8.60
N LEU D 241 -20.63 2.08 -8.15
CA LEU D 241 -21.07 3.15 -9.05
C LEU D 241 -20.02 3.44 -10.11
N TYR D 242 -18.74 3.43 -9.74
CA TYR D 242 -17.67 3.61 -10.71
C TYR D 242 -17.66 2.49 -11.73
N ALA D 243 -17.82 1.25 -11.27
CA ALA D 243 -17.91 0.15 -12.23
C ALA D 243 -19.06 0.38 -13.19
N LEU D 244 -20.19 0.86 -12.68
CA LEU D 244 -21.36 1.05 -13.53
C LEU D 244 -21.21 2.24 -14.47
N VAL D 245 -20.55 3.30 -14.02
CA VAL D 245 -20.52 4.56 -14.75
C VAL D 245 -19.36 4.60 -15.74
N ALA D 246 -18.17 4.24 -15.29
CA ALA D 246 -16.99 4.21 -16.16
C ALA D 246 -16.82 2.89 -16.89
N GLY D 247 -17.67 1.91 -16.64
CA GLY D 247 -17.51 0.59 -17.22
C GLY D 247 -16.32 -0.18 -16.69
N LEU D 248 -15.60 0.36 -15.73
CA LEU D 248 -14.46 -0.34 -15.17
C LEU D 248 -14.93 -1.63 -14.51
N PRO D 249 -14.18 -2.73 -14.66
CA PRO D 249 -14.53 -3.96 -13.94
C PRO D 249 -14.43 -3.73 -12.44
N GLU D 250 -15.50 -4.09 -11.73
CA GLU D 250 -15.57 -3.77 -10.31
C GLU D 250 -14.50 -4.51 -9.51
N HIS D 251 -14.15 -5.73 -9.91
CA HIS D 251 -13.08 -6.47 -9.25
C HIS D 251 -11.71 -5.87 -9.52
N LYS D 252 -11.61 -4.93 -10.44
CA LYS D 252 -10.38 -4.18 -10.67
C LYS D 252 -10.50 -2.74 -10.20
N ILE D 253 -11.33 -2.52 -9.17
CA ILE D 253 -11.49 -1.22 -8.61
C ILE D 253 -11.34 -1.39 -7.11
N ARG D 254 -10.46 -0.64 -6.56
CA ARG D 254 -10.21 -0.71 -5.15
C ARG D 254 -10.39 0.71 -4.71
N VAL D 255 -11.51 0.99 -4.12
CA VAL D 255 -11.72 2.30 -3.54
C VAL D 255 -11.16 2.26 -2.13
N ILE D 256 -10.21 3.13 -1.85
CA ILE D 256 -9.61 3.25 -0.54
C ILE D 256 -10.10 4.56 0.06
N SER D 257 -10.99 4.44 1.02
CA SER D 257 -11.35 5.62 1.77
C SER D 257 -10.40 5.67 2.95
N PRO D 258 -9.38 6.51 2.90
CA PRO D 258 -8.42 6.57 4.01
C PRO D 258 -9.03 7.28 5.19
N ASP D 259 -8.22 7.71 6.15
CA ASP D 259 -8.73 8.65 7.13
C ASP D 259 -9.40 9.81 6.43
N ILE D 260 -10.65 10.08 6.79
CA ILE D 260 -11.43 11.16 6.21
C ILE D 260 -11.51 12.29 7.20
N GLY D 261 -11.15 13.49 6.78
CA GLY D 261 -11.17 14.65 7.66
C GLY D 261 -12.54 15.25 7.84
N GLY D 262 -13.50 14.44 8.28
CA GLY D 262 -14.88 14.88 8.40
C GLY D 262 -15.63 14.68 7.11
N GLY D 263 -16.78 13.99 7.16
CA GLY D 263 -17.62 13.90 5.98
C GLY D 263 -18.89 14.71 6.04
N PHE D 264 -19.65 14.53 7.12
CA PHE D 264 -20.91 15.22 7.35
C PHE D 264 -21.83 15.17 6.14
N GLY D 265 -21.79 14.06 5.41
CA GLY D 265 -22.58 13.89 4.21
C GLY D 265 -21.97 14.47 2.97
N ASN D 266 -20.95 15.32 3.13
CA ASN D 266 -20.33 15.97 1.98
C ASN D 266 -19.64 14.98 1.07
N LYS D 267 -19.20 13.86 1.62
CA LYS D 267 -18.40 12.89 0.88
C LYS D 267 -19.19 11.63 0.53
N VAL D 268 -20.51 11.70 0.61
CA VAL D 268 -21.36 10.62 0.15
C VAL D 268 -21.38 10.59 -1.38
N PRO D 269 -21.62 11.72 -2.05
CA PRO D 269 -21.79 11.68 -3.51
C PRO D 269 -20.49 11.30 -4.20
N ILE D 270 -20.63 10.83 -5.42
CA ILE D 270 -19.50 10.79 -6.35
C ILE D 270 -19.47 12.14 -7.05
N TYR D 271 -18.43 12.88 -6.81
CA TYR D 271 -18.35 14.19 -7.42
C TYR D 271 -17.68 14.11 -8.77
N PRO D 272 -17.91 15.11 -9.63
CA PRO D 272 -17.24 15.11 -10.93
C PRO D 272 -15.74 15.04 -10.82
N GLY D 273 -15.16 15.62 -9.77
CA GLY D 273 -13.72 15.60 -9.62
C GLY D 273 -13.15 14.20 -9.46
N TYR D 274 -13.87 13.31 -8.77
CA TYR D 274 -13.42 11.93 -8.68
C TYR D 274 -13.36 11.29 -10.06
N VAL D 275 -14.41 11.48 -10.84
CA VAL D 275 -14.43 10.96 -12.20
C VAL D 275 -13.30 11.57 -13.01
N CYS D 276 -13.04 12.86 -12.81
CA CYS D 276 -11.99 13.55 -13.55
C CYS D 276 -10.61 13.02 -13.19
N ALA D 277 -10.38 12.74 -11.91
CA ALA D 277 -9.13 12.12 -11.52
C ALA D 277 -8.98 10.75 -12.16
N ILE D 278 -10.07 9.97 -12.18
CA ILE D 278 -10.02 8.67 -12.82
C ILE D 278 -9.67 8.81 -14.29
N VAL D 279 -10.33 9.76 -14.97
CA VAL D 279 -10.06 9.97 -16.39
C VAL D 279 -8.63 10.44 -16.61
N GLY D 280 -8.14 11.32 -15.73
CA GLY D 280 -6.77 11.77 -15.87
C GLY D 280 -5.78 10.63 -15.75
N SER D 281 -6.00 9.76 -14.77
CA SER D 281 -5.15 8.57 -14.62
C SER D 281 -5.26 7.67 -15.84
N LEU D 282 -6.48 7.42 -16.30
CA LEU D 282 -6.67 6.62 -17.50
C LEU D 282 -5.88 7.18 -18.67
N LEU D 283 -6.02 8.48 -18.90
CA LEU D 283 -5.39 9.12 -20.04
C LEU D 283 -3.88 9.09 -19.93
N LEU D 284 -3.35 9.40 -18.75
CA LEU D 284 -1.91 9.58 -18.58
C LEU D 284 -1.18 8.36 -18.06
N GLY D 285 -1.90 7.31 -17.66
CA GLY D 285 -1.23 6.15 -17.10
C GLY D 285 -0.40 6.49 -15.88
N LYS D 286 -0.76 7.53 -15.15
CA LYS D 286 -0.10 7.98 -13.94
C LYS D 286 -1.13 8.19 -12.85
N PRO D 287 -0.73 8.11 -11.59
CA PRO D 287 -1.62 8.57 -10.52
C PRO D 287 -1.93 10.04 -10.73
N VAL D 288 -3.19 10.40 -10.51
CA VAL D 288 -3.65 11.76 -10.63
C VAL D 288 -4.36 12.12 -9.34
N LYS D 289 -3.90 13.17 -8.67
CA LYS D 289 -4.51 13.64 -7.45
C LYS D 289 -5.33 14.88 -7.74
N TRP D 290 -6.62 14.83 -7.40
CA TRP D 290 -7.49 15.99 -7.43
C TRP D 290 -7.88 16.28 -5.99
N MET D 291 -7.41 17.40 -5.45
CA MET D 291 -7.84 17.88 -4.15
C MET D 291 -8.57 19.20 -4.37
N GLU D 292 -9.85 19.24 -4.07
CA GLU D 292 -10.63 20.44 -4.32
C GLU D 292 -10.25 21.53 -3.31
N ASP D 293 -10.25 22.78 -3.78
CA ASP D 293 -10.07 23.89 -2.87
C ASP D 293 -11.39 24.16 -2.14
N ARG D 294 -11.33 25.02 -1.13
CA ARG D 294 -12.52 25.29 -0.33
C ARG D 294 -13.63 25.90 -1.18
N SER D 295 -13.28 26.80 -2.09
CA SER D 295 -14.30 27.45 -2.91
C SER D 295 -15.04 26.43 -3.78
N GLU D 296 -14.31 25.55 -4.45
CA GLU D 296 -14.94 24.47 -5.19
C GLU D 296 -15.82 23.65 -4.27
N ASN D 297 -15.32 23.33 -3.07
CA ASN D 297 -16.08 22.50 -2.14
C ASN D 297 -17.41 23.17 -1.81
N LEU D 298 -17.38 24.44 -1.45
CA LEU D 298 -18.59 25.13 -1.00
C LEU D 298 -19.57 25.32 -2.14
N THR D 299 -19.08 25.59 -3.35
CA THR D 299 -19.95 25.98 -4.44
C THR D 299 -20.36 24.83 -5.36
N SER D 300 -19.71 23.68 -5.28
CA SER D 300 -19.97 22.62 -6.24
C SER D 300 -20.37 21.29 -5.61
N THR D 301 -19.90 20.96 -4.43
CA THR D 301 -20.30 19.71 -3.81
C THR D 301 -21.67 19.88 -3.16
N GLY D 302 -22.17 18.81 -2.56
CA GLY D 302 -23.52 18.79 -2.05
C GLY D 302 -23.86 19.82 -1.00
N PHE D 303 -24.77 20.73 -1.33
CA PHE D 303 -25.35 21.57 -0.32
C PHE D 303 -26.28 20.76 0.57
N ALA D 304 -26.81 21.43 1.59
CA ALA D 304 -27.76 20.82 2.51
C ALA D 304 -28.91 21.80 2.73
N ARG D 305 -30.08 21.22 3.02
CA ARG D 305 -31.25 22.05 3.39
C ARG D 305 -31.83 22.75 2.15
N ASP D 306 -32.01 24.06 2.24
CA ASP D 306 -32.60 24.86 1.16
C ASP D 306 -34.05 24.45 0.91
N TYR D 307 -34.85 24.46 1.98
CA TYR D 307 -36.27 24.18 1.93
C TYR D 307 -37.05 25.46 2.19
N ILE D 308 -38.18 25.62 1.54
CA ILE D 308 -39.16 26.61 1.92
C ILE D 308 -40.41 25.83 2.30
N MET D 309 -40.82 25.93 3.56
CA MET D 309 -41.82 25.04 4.12
C MET D 309 -42.94 25.88 4.69
N VAL D 310 -44.12 25.76 4.11
CA VAL D 310 -45.31 26.31 4.72
C VAL D 310 -45.90 25.21 5.60
N GLY D 311 -45.85 25.40 6.90
CA GLY D 311 -46.46 24.48 7.84
C GLY D 311 -47.79 25.03 8.31
N GLU D 312 -48.73 24.14 8.50
CA GLU D 312 -50.00 24.46 9.15
C GLU D 312 -50.21 23.40 10.23
N ILE D 313 -50.51 23.85 11.43
CA ILE D 313 -50.71 22.95 12.55
C ILE D 313 -52.09 23.23 13.11
N ALA D 314 -52.92 22.20 13.14
CA ALA D 314 -54.28 22.29 13.66
C ALA D 314 -54.31 21.59 15.01
N ALA D 315 -54.82 22.30 16.01
CA ALA D 315 -54.91 21.80 17.37
C ALA D 315 -56.27 22.19 17.95
N THR D 316 -56.57 21.60 19.09
CA THR D 316 -57.64 22.09 19.94
C THR D 316 -57.14 23.28 20.75
N ARG D 317 -58.08 24.08 21.25
CA ARG D 317 -57.71 25.23 22.07
C ARG D 317 -56.92 24.82 23.31
N ASP D 318 -56.98 23.57 23.69
CA ASP D 318 -56.24 23.08 24.86
C ASP D 318 -54.83 22.62 24.52
N GLY D 319 -54.54 22.51 23.25
CA GLY D 319 -53.20 22.15 22.87
C GLY D 319 -53.01 20.74 22.45
N LYS D 320 -54.08 20.03 22.16
CA LYS D 320 -53.93 18.72 21.59
C LYS D 320 -53.64 18.94 20.12
N ILE D 321 -52.44 18.62 19.69
CA ILE D 321 -52.16 18.73 18.26
C ILE D 321 -52.98 17.69 17.52
N LEU D 322 -53.74 18.15 16.53
CA LEU D 322 -54.63 17.29 15.77
C LEU D 322 -54.03 16.89 14.43
N ALA D 323 -53.59 17.88 13.66
CA ALA D 323 -53.07 17.60 12.34
C ALA D 323 -51.89 18.52 12.05
N ILE D 324 -51.02 18.06 11.16
CA ILE D 324 -49.88 18.82 10.68
C ILE D 324 -49.85 18.69 9.17
N ARG D 325 -49.80 19.82 8.48
CA ARG D 325 -49.72 19.85 7.03
C ARG D 325 -48.46 20.59 6.64
N SER D 326 -47.71 20.02 5.70
CA SER D 326 -46.48 20.61 5.22
C SER D 326 -46.57 20.78 3.72
N ASN D 327 -46.22 21.97 3.25
CA ASN D 327 -46.07 22.24 1.82
C ASN D 327 -44.65 22.71 1.61
N VAL D 328 -43.83 21.86 1.01
CA VAL D 328 -42.40 22.13 0.88
C VAL D 328 -42.08 22.44 -0.57
N LEU D 329 -41.41 23.55 -0.79
CA LEU D 329 -40.72 23.86 -2.03
C LEU D 329 -39.25 23.58 -1.77
N ALA D 330 -38.72 22.53 -2.39
CA ALA D 330 -37.34 22.14 -2.19
C ALA D 330 -36.50 22.61 -3.37
N ASP D 331 -35.41 23.31 -3.07
CA ASP D 331 -34.48 23.79 -4.07
C ASP D 331 -33.37 22.77 -4.23
N HIS D 332 -33.32 22.10 -5.36
CA HIS D 332 -32.43 20.97 -5.55
C HIS D 332 -31.20 21.27 -6.39
N GLY D 333 -31.00 22.52 -6.78
CA GLY D 333 -29.87 22.87 -7.60
C GLY D 333 -30.09 22.45 -9.05
N ALA D 334 -29.01 22.57 -9.83
CA ALA D 334 -29.12 22.31 -11.26
C ALA D 334 -29.56 20.88 -11.54
N PHE D 335 -29.08 19.94 -10.75
CA PHE D 335 -29.42 18.53 -10.91
C PHE D 335 -29.89 18.00 -9.56
N ASN D 336 -30.77 17.01 -9.62
CA ASN D 336 -31.22 16.34 -8.40
C ASN D 336 -30.14 15.38 -7.98
N GLY D 337 -29.21 15.87 -7.18
CA GLY D 337 -28.13 15.09 -6.62
C GLY D 337 -28.40 14.61 -5.21
N THR D 338 -29.63 14.71 -4.73
CA THR D 338 -29.95 14.35 -3.35
C THR D 338 -29.60 12.89 -3.11
N ALA D 339 -28.77 12.67 -2.09
CA ALA D 339 -28.34 11.33 -1.71
C ALA D 339 -29.42 10.71 -0.82
N ALA D 340 -30.44 10.17 -1.47
CA ALA D 340 -31.57 9.62 -0.75
C ALA D 340 -31.91 8.24 -1.29
N PRO D 341 -32.53 7.39 -0.47
CA PRO D 341 -32.98 6.09 -0.97
C PRO D 341 -33.98 6.29 -2.10
N VAL D 342 -33.96 5.36 -3.05
CA VAL D 342 -34.69 5.54 -4.31
C VAL D 342 -36.18 5.78 -4.04
N LYS D 343 -36.77 5.00 -3.15
CA LYS D 343 -38.19 5.11 -2.86
C LYS D 343 -38.52 6.31 -1.98
N TYR D 344 -37.52 7.10 -1.60
CA TYR D 344 -37.71 8.24 -0.70
C TYR D 344 -37.06 9.47 -1.30
N PRO D 345 -37.59 9.98 -2.42
CA PRO D 345 -36.97 11.15 -3.06
C PRO D 345 -36.91 12.36 -2.14
N ALA D 346 -37.93 12.57 -1.33
CA ALA D 346 -37.91 13.58 -0.29
C ALA D 346 -37.27 13.10 0.99
N GLY D 347 -36.51 12.00 0.91
CA GLY D 347 -35.88 11.43 2.06
C GLY D 347 -36.91 11.04 3.10
N PHE D 348 -36.51 11.15 4.37
CA PHE D 348 -37.36 10.81 5.49
C PHE D 348 -38.09 12.02 6.03
N PHE D 349 -38.44 12.97 5.16
CA PHE D 349 -39.17 14.14 5.60
C PHE D 349 -40.55 13.78 6.17
N GLY D 350 -41.04 12.58 5.87
CA GLY D 350 -42.33 12.16 6.41
C GLY D 350 -42.38 12.11 7.91
N VAL D 351 -41.23 12.18 8.58
CA VAL D 351 -41.20 12.16 10.04
C VAL D 351 -41.50 13.56 10.55
N PHE D 352 -41.97 14.45 9.66
CA PHE D 352 -42.34 15.80 10.07
C PHE D 352 -43.47 15.83 11.09
N THR D 353 -44.23 14.74 11.22
CA THR D 353 -45.18 14.67 12.33
C THR D 353 -44.47 14.62 13.67
N GLY D 354 -43.16 14.35 13.68
CA GLY D 354 -42.38 14.52 14.88
C GLY D 354 -42.69 13.47 15.94
N SER D 355 -42.44 13.86 17.18
CA SER D 355 -42.59 12.98 18.34
C SER D 355 -43.98 13.04 18.95
N TYR D 356 -44.98 13.48 18.20
CA TYR D 356 -46.26 13.85 18.77
C TYR D 356 -47.39 12.96 18.24
N ASP D 357 -48.38 12.75 19.10
CA ASP D 357 -49.55 11.96 18.78
C ASP D 357 -50.55 12.88 18.10
N ILE D 358 -50.68 12.76 16.78
CA ILE D 358 -51.57 13.60 16.01
C ILE D 358 -52.55 12.72 15.24
N GLU D 359 -53.68 13.32 14.88
CA GLU D 359 -54.74 12.58 14.20
C GLU D 359 -54.41 12.35 12.74
N ALA D 360 -53.83 13.34 12.08
CA ALA D 360 -53.63 13.31 10.65
C ALA D 360 -52.43 14.18 10.29
N ALA D 361 -51.80 13.85 9.18
CA ALA D 361 -50.70 14.64 8.69
C ALA D 361 -50.66 14.52 7.18
N TYR D 362 -50.37 15.62 6.52
CA TYR D 362 -50.17 15.62 5.09
C TYR D 362 -49.01 16.53 4.76
N CYS D 363 -48.17 16.07 3.84
CA CYS D 363 -47.10 16.89 3.31
C CYS D 363 -47.13 16.77 1.80
N HIS D 364 -47.05 17.91 1.13
CA HIS D 364 -46.78 17.95 -0.30
C HIS D 364 -45.53 18.77 -0.53
N MET D 365 -44.63 18.23 -1.33
CA MET D 365 -43.34 18.85 -1.56
C MET D 365 -43.14 19.01 -3.05
N THR D 366 -42.71 20.19 -3.45
CA THR D 366 -42.31 20.47 -4.82
C THR D 366 -40.81 20.72 -4.82
N ALA D 367 -40.07 19.87 -5.52
CA ALA D 367 -38.65 20.07 -5.74
C ALA D 367 -38.45 20.72 -7.09
N VAL D 368 -37.72 21.81 -7.11
CA VAL D 368 -37.47 22.59 -8.33
C VAL D 368 -35.97 22.67 -8.57
N TYR D 369 -35.61 22.79 -9.83
CA TYR D 369 -34.23 23.01 -10.21
C TYR D 369 -33.89 24.49 -10.15
N THR D 370 -32.66 24.79 -9.77
CA THR D 370 -32.14 26.13 -9.81
C THR D 370 -30.70 26.07 -10.26
N ASN D 371 -30.17 27.21 -10.69
CA ASN D 371 -28.78 27.28 -11.14
C ASN D 371 -27.86 27.36 -9.92
N LYS D 372 -27.81 26.25 -9.20
CA LYS D 372 -26.96 26.11 -8.02
C LYS D 372 -26.48 24.68 -7.97
N ALA D 373 -25.43 24.46 -7.20
CA ALA D 373 -24.84 23.13 -7.11
C ALA D 373 -25.88 22.13 -6.63
N PRO D 374 -25.87 20.92 -7.12
CA PRO D 374 -26.82 19.91 -6.64
C PRO D 374 -26.56 19.52 -5.19
N GLY D 375 -27.38 18.63 -4.67
CA GLY D 375 -27.22 18.16 -3.30
C GLY D 375 -28.52 18.24 -2.54
N GLY D 376 -28.44 18.63 -1.27
CA GLY D 376 -29.62 18.75 -0.44
C GLY D 376 -29.58 17.81 0.75
N VAL D 377 -29.23 16.55 0.52
CA VAL D 377 -29.06 15.58 1.58
C VAL D 377 -27.58 15.57 1.94
N ALA D 378 -27.26 16.21 3.05
CA ALA D 378 -25.89 16.37 3.50
C ALA D 378 -25.94 17.09 4.83
N TYR D 379 -24.83 17.24 5.47
CA TYR D 379 -24.80 18.06 6.68
C TYR D 379 -25.70 17.45 7.75
N ALA D 380 -25.53 16.17 8.02
CA ALA D 380 -26.21 15.50 9.14
C ALA D 380 -27.71 15.72 9.09
N CYS D 381 -28.27 15.60 7.89
CA CYS D 381 -29.69 15.81 7.71
C CYS D 381 -30.52 14.56 7.94
N SER D 382 -29.89 13.39 8.02
CA SER D 382 -30.59 12.13 8.22
C SER D 382 -31.68 11.94 7.16
N PHE D 383 -31.36 12.32 5.93
CA PHE D 383 -32.30 12.30 4.81
C PHE D 383 -33.47 13.24 5.03
N ARG D 384 -33.18 14.54 5.13
CA ARG D 384 -34.19 15.58 5.27
C ARG D 384 -34.88 15.57 6.61
N ILE D 385 -34.43 14.71 7.52
CA ILE D 385 -35.01 14.73 8.86
C ILE D 385 -34.66 16.02 9.57
N THR D 386 -33.50 16.61 9.30
CA THR D 386 -33.26 17.95 9.84
C THR D 386 -34.38 18.89 9.43
N GLU D 387 -34.78 18.83 8.15
CA GLU D 387 -35.83 19.71 7.68
C GLU D 387 -37.16 19.39 8.35
N ALA D 388 -37.50 18.11 8.45
CA ALA D 388 -38.77 17.73 9.07
C ALA D 388 -38.81 18.14 10.53
N VAL D 389 -37.70 17.96 11.24
CA VAL D 389 -37.66 18.26 12.66
C VAL D 389 -37.71 19.75 12.88
N TYR D 390 -36.94 20.52 12.12
CA TYR D 390 -37.04 21.97 12.24
C TYR D 390 -38.44 22.42 11.91
N PHE D 391 -38.98 21.94 10.79
CA PHE D 391 -40.36 22.23 10.42
C PHE D 391 -41.30 22.06 11.60
N VAL D 392 -41.33 20.84 12.15
CA VAL D 392 -42.34 20.51 13.14
C VAL D 392 -42.08 21.22 14.46
N GLU D 393 -40.82 21.31 14.90
CA GLU D 393 -40.55 21.94 16.19
C GLU D 393 -40.75 23.44 16.12
N ARG D 394 -40.33 24.07 15.02
CA ARG D 394 -40.65 25.47 14.79
C ARG D 394 -42.15 25.68 14.72
N LEU D 395 -42.86 24.80 14.02
CA LEU D 395 -44.31 24.92 13.90
C LEU D 395 -45.00 24.74 15.23
N VAL D 396 -44.50 23.82 16.06
CA VAL D 396 -45.07 23.60 17.38
C VAL D 396 -44.82 24.81 18.27
N ASP D 397 -43.66 25.45 18.14
CA ASP D 397 -43.43 26.68 18.88
C ASP D 397 -44.31 27.81 18.37
N CYS D 398 -44.56 27.85 17.07
CA CYS D 398 -45.55 28.79 16.53
C CYS D 398 -46.93 28.52 17.13
N LEU D 399 -47.29 27.25 17.25
CA LEU D 399 -48.58 26.88 17.80
C LEU D 399 -48.68 27.24 19.27
N ALA D 400 -47.58 27.11 19.99
CA ALA D 400 -47.58 27.43 21.38
C ALA D 400 -47.73 28.92 21.46
N TYR D 401 -46.99 29.66 20.66
CA TYR D 401 -47.09 31.10 20.61
C TYR D 401 -48.51 31.52 20.43
N GLU D 402 -49.16 30.92 19.46
CA GLU D 402 -50.56 31.22 19.24
C GLU D 402 -51.49 30.82 20.37
N LEU D 403 -51.29 29.65 20.94
CA LEU D 403 -52.08 29.22 22.06
C LEU D 403 -51.66 29.94 23.34
N LYS D 404 -50.57 30.69 23.32
CA LYS D 404 -49.99 31.35 24.50
C LYS D 404 -49.73 30.31 25.58
N MET D 405 -49.22 29.16 25.18
CA MET D 405 -48.94 28.08 26.09
C MET D 405 -47.46 27.80 26.09
N ASP D 406 -46.92 27.42 27.24
CA ASP D 406 -45.53 27.06 27.33
C ASP D 406 -45.22 25.96 26.34
N PRO D 407 -44.22 26.21 25.48
CA PRO D 407 -43.88 25.20 24.47
C PRO D 407 -43.55 23.85 25.07
N ALA D 408 -42.88 23.83 26.23
CA ALA D 408 -42.62 22.56 26.89
C ALA D 408 -43.92 21.87 27.28
N GLN D 409 -44.87 22.61 27.81
CA GLN D 409 -46.15 22.02 28.16
C GLN D 409 -46.85 21.52 26.91
N LEU D 410 -46.88 22.29 25.83
CA LEU D 410 -47.46 21.83 24.57
C LEU D 410 -46.88 20.49 24.17
N ARG D 411 -45.58 20.44 24.04
CA ARG D 411 -44.91 19.25 23.61
C ARG D 411 -45.21 18.09 24.52
N LEU D 412 -44.96 18.25 25.78
CA LEU D 412 -45.25 17.20 26.76
C LEU D 412 -46.67 16.62 26.71
N GLN D 413 -47.65 17.41 26.33
CA GLN D 413 -48.99 16.89 26.23
C GLN D 413 -49.25 16.16 24.94
N ASN D 414 -48.39 16.34 23.97
CA ASN D 414 -48.67 15.79 22.68
C ASN D 414 -47.74 14.72 22.33
N LEU D 415 -46.74 14.56 23.14
CA LEU D 415 -45.76 13.55 22.88
C LEU D 415 -46.32 12.17 22.91
N LEU D 416 -45.80 11.39 22.04
CA LEU D 416 -46.16 9.99 22.01
C LEU D 416 -45.80 9.34 23.35
N LYS D 417 -46.64 8.40 23.76
CA LYS D 417 -46.42 7.67 25.00
C LYS D 417 -45.63 6.39 24.74
N ALA D 418 -44.96 5.90 25.78
CA ALA D 418 -44.11 4.74 25.62
C ALA D 418 -44.92 3.52 25.18
N GLU D 419 -46.11 3.34 25.75
CA GLU D 419 -46.96 2.21 25.40
C GLU D 419 -47.45 2.25 23.97
N GLN D 420 -47.30 3.38 23.27
CA GLN D 420 -47.74 3.47 21.88
C GLN D 420 -46.77 2.82 20.91
N PHE D 421 -45.62 2.41 21.36
CA PHE D 421 -44.58 1.91 20.47
C PHE D 421 -44.60 0.39 20.41
N PRO D 422 -44.25 -0.21 19.26
CA PRO D 422 -43.89 0.44 18.00
C PRO D 422 -45.03 1.30 17.47
N TYR D 423 -44.78 2.57 17.22
CA TYR D 423 -45.83 3.50 16.82
C TYR D 423 -45.78 3.71 15.31
N THR D 424 -46.90 3.48 14.63
CA THR D 424 -47.02 3.79 13.21
C THR D 424 -47.51 5.23 13.07
N SER D 425 -46.64 6.11 12.61
CA SER D 425 -46.98 7.51 12.48
C SER D 425 -48.02 7.70 11.38
N LYS D 426 -48.62 8.89 11.36
CA LYS D 426 -49.61 9.18 10.33
C LYS D 426 -49.01 9.25 8.94
N THR D 427 -47.69 9.31 8.82
CA THR D 427 -47.03 9.27 7.52
C THR D 427 -46.43 7.90 7.22
N GLY D 428 -46.79 6.88 7.99
CA GLY D 428 -46.38 5.52 7.72
C GLY D 428 -45.10 5.07 8.38
N TRP D 429 -44.44 5.93 9.15
CA TRP D 429 -43.21 5.55 9.82
C TRP D 429 -43.52 4.85 11.12
N VAL D 430 -42.87 3.71 11.34
CA VAL D 430 -43.09 2.88 12.52
C VAL D 430 -41.93 3.16 13.47
N TYR D 431 -42.17 4.01 14.46
CA TYR D 431 -41.16 4.33 15.45
C TYR D 431 -40.88 3.11 16.33
N ASP D 432 -39.61 2.74 16.46
CA ASP D 432 -39.28 1.47 17.09
C ASP D 432 -39.58 1.50 18.59
N SER D 433 -39.13 2.53 19.29
CA SER D 433 -39.29 2.59 20.74
C SER D 433 -39.09 4.04 21.17
N GLY D 434 -39.48 4.32 22.40
CA GLY D 434 -39.26 5.64 22.96
C GLY D 434 -40.05 5.92 24.22
N ASP D 435 -39.41 6.57 25.19
CA ASP D 435 -40.09 7.11 26.37
C ASP D 435 -39.87 8.61 26.34
N TYR D 436 -40.69 9.32 25.59
CA TYR D 436 -40.39 10.71 25.25
C TYR D 436 -40.54 11.61 26.47
N GLU D 437 -41.59 11.40 27.26
CA GLU D 437 -41.80 12.24 28.42
C GLU D 437 -40.63 12.15 29.39
N LYS D 438 -40.11 10.95 29.61
CA LYS D 438 -38.97 10.80 30.52
C LYS D 438 -37.78 11.61 30.05
N THR D 439 -37.44 11.49 28.77
CA THR D 439 -36.31 12.24 28.24
C THR D 439 -36.56 13.74 28.30
N MET D 440 -37.77 14.17 27.93
CA MET D 440 -38.10 15.59 27.94
C MET D 440 -38.00 16.16 29.34
N ARG D 441 -38.56 15.45 30.32
CA ARG D 441 -38.50 15.90 31.71
C ARG D 441 -37.05 15.92 32.18
N LEU D 442 -36.26 14.93 31.76
CA LEU D 442 -34.84 14.94 32.11
C LEU D 442 -34.16 16.19 31.59
N ALA D 443 -34.43 16.55 30.34
CA ALA D 443 -33.84 17.76 29.76
C ALA D 443 -34.29 19.00 30.51
N MET D 444 -35.58 19.07 30.85
CA MET D 444 -36.09 20.25 31.55
C MET D 444 -35.48 20.38 32.94
N GLU D 445 -35.32 19.27 33.65
CA GLU D 445 -34.66 19.32 34.95
C GLU D 445 -33.21 19.74 34.81
N MET D 446 -32.50 19.16 33.85
CA MET D 446 -31.09 19.48 33.70
C MET D 446 -30.88 20.94 33.34
N VAL D 447 -31.70 21.47 32.43
CA VAL D 447 -31.58 22.89 32.07
C VAL D 447 -32.22 23.80 33.10
N ASP D 448 -32.96 23.25 34.06
CA ASP D 448 -33.74 24.03 35.01
C ASP D 448 -34.68 24.97 34.28
N TYR D 449 -35.61 24.34 33.54
CA TYR D 449 -36.51 25.08 32.65
C TYR D 449 -37.26 26.19 33.39
N GLU D 450 -37.87 25.86 34.53
CA GLU D 450 -38.63 26.86 35.26
C GLU D 450 -37.73 27.96 35.83
N GLY D 451 -36.56 27.58 36.33
CA GLY D 451 -35.62 28.61 36.78
C GLY D 451 -35.17 29.49 35.64
N LEU D 452 -34.94 28.90 34.46
CA LEU D 452 -34.62 29.71 33.29
C LEU D 452 -35.76 30.65 32.96
N ARG D 453 -37.00 30.20 33.09
CA ARG D 453 -38.14 31.06 32.80
C ARG D 453 -38.20 32.22 33.78
N ALA D 454 -37.96 31.96 35.06
CA ALA D 454 -37.92 33.04 36.04
C ALA D 454 -36.83 34.05 35.70
N GLU D 455 -35.63 33.55 35.38
CA GLU D 455 -34.54 34.46 35.04
C GLU D 455 -34.85 35.26 33.79
N GLN D 456 -35.46 34.62 32.79
CA GLN D 456 -35.81 35.31 31.55
C GLN D 456 -36.84 36.40 31.81
N ALA D 457 -37.83 36.12 32.66
CA ALA D 457 -38.82 37.13 33.01
C ALA D 457 -38.16 38.30 33.72
N GLU D 458 -37.26 38.03 34.66
CA GLU D 458 -36.56 39.11 35.34
C GLU D 458 -35.74 39.94 34.35
N LYS D 459 -35.06 39.27 33.43
CA LYS D 459 -34.27 39.99 32.42
C LYS D 459 -35.15 40.87 31.55
N ARG D 460 -36.30 40.34 31.12
CA ARG D 460 -37.23 41.14 30.33
C ARG D 460 -37.69 42.36 31.12
N LYS D 461 -37.90 42.19 32.42
CA LYS D 461 -38.08 43.36 33.27
C LYS D 461 -36.94 44.34 33.05
N ARG D 462 -35.71 43.83 33.00
CA ARG D 462 -34.56 44.73 32.82
C ARG D 462 -34.33 45.12 31.37
N GLY D 463 -35.11 44.60 30.43
CA GLY D 463 -34.95 44.92 29.02
C GLY D 463 -34.01 44.00 28.27
N GLU D 464 -33.29 43.11 28.95
CA GLU D 464 -32.40 42.19 28.27
C GLU D 464 -33.18 41.05 27.62
N LEU D 465 -32.64 40.54 26.52
CA LEU D 465 -33.31 39.54 25.72
C LEU D 465 -32.70 38.18 26.02
N MET D 466 -33.43 37.37 26.77
CA MET D 466 -33.05 35.99 27.02
C MET D 466 -34.08 35.10 26.36
N GLY D 467 -33.63 34.19 25.52
CA GLY D 467 -34.49 33.23 24.85
C GLY D 467 -34.24 31.84 25.40
N ILE D 468 -35.33 31.12 25.67
CA ILE D 468 -35.28 29.70 25.94
C ILE D 468 -35.99 29.01 24.78
N GLY D 469 -35.24 28.27 23.99
CA GLY D 469 -35.78 27.49 22.90
C GLY D 469 -35.66 26.03 23.24
N MET D 470 -36.58 25.23 22.73
CA MET D 470 -36.50 23.80 22.92
C MET D 470 -36.91 23.10 21.65
N SER D 471 -36.45 21.87 21.53
CA SER D 471 -36.92 20.98 20.50
C SER D 471 -37.07 19.60 21.10
N PHE D 472 -38.14 18.92 20.77
CA PHE D 472 -38.21 17.49 20.98
C PHE D 472 -38.37 16.83 19.62
N PHE D 473 -37.44 15.96 19.29
CA PHE D 473 -37.40 15.40 17.95
C PHE D 473 -37.25 13.89 18.04
N THR D 474 -37.85 13.22 17.08
CA THR D 474 -37.61 11.81 16.85
C THR D 474 -36.83 11.68 15.56
N GLU D 475 -35.63 11.13 15.67
CA GLU D 475 -34.85 10.77 14.52
C GLU D 475 -35.37 9.46 13.93
N ALA D 476 -35.01 9.22 12.67
CA ALA D 476 -35.28 7.93 12.02
C ALA D 476 -34.00 7.61 11.25
N VAL D 477 -33.14 6.79 11.84
CA VAL D 477 -31.82 6.56 11.28
C VAL D 477 -31.56 5.06 11.21
N GLY D 478 -30.64 4.69 10.33
CA GLY D 478 -30.30 3.30 10.15
C GLY D 478 -30.90 2.72 8.89
N ALA D 479 -30.88 3.50 7.81
CA ALA D 479 -31.37 3.01 6.54
C ALA D 479 -30.52 1.84 6.09
N GLY D 480 -31.14 0.67 5.98
CA GLY D 480 -32.55 0.46 6.21
C GLY D 480 -32.96 -0.82 5.53
N PRO D 481 -34.19 -1.27 5.76
CA PRO D 481 -34.63 -2.52 5.13
C PRO D 481 -34.49 -2.42 3.62
N ARG D 482 -33.85 -3.43 3.03
CA ARG D 482 -33.65 -3.42 1.59
C ARG D 482 -34.97 -3.39 0.85
N LYS D 483 -36.02 -3.96 1.43
CA LYS D 483 -37.32 -3.95 0.77
C LYS D 483 -37.77 -2.51 0.47
N ASP D 484 -37.39 -1.56 1.30
CA ASP D 484 -37.79 -0.17 1.15
C ASP D 484 -36.65 0.74 0.73
N MET D 485 -35.50 0.60 1.37
CA MET D 485 -34.41 1.56 1.24
C MET D 485 -33.29 0.97 0.41
N ASP D 486 -33.03 1.58 -0.73
CA ASP D 486 -31.90 1.24 -1.57
C ASP D 486 -31.34 2.53 -2.14
N ILE D 487 -30.02 2.57 -2.28
CA ILE D 487 -29.33 3.68 -2.93
C ILE D 487 -29.00 3.25 -4.34
N LEU D 488 -29.62 3.89 -5.31
CA LEU D 488 -29.40 3.57 -6.72
C LEU D 488 -29.47 2.07 -6.94
N GLY D 489 -30.48 1.44 -6.34
CA GLY D 489 -30.68 0.01 -6.48
C GLY D 489 -29.89 -0.87 -5.53
N LEU D 490 -29.06 -0.30 -4.66
CA LEU D 490 -28.28 -1.06 -3.69
C LEU D 490 -29.04 -1.06 -2.37
N GLY D 491 -29.54 -2.23 -1.98
CA GLY D 491 -30.20 -2.38 -0.71
C GLY D 491 -29.30 -1.89 0.39
N MET D 492 -29.87 -1.19 1.37
CA MET D 492 -29.10 -0.58 2.44
C MET D 492 -28.90 -1.53 3.62
N ALA D 493 -28.44 -2.72 3.31
CA ALA D 493 -28.06 -3.71 4.30
C ALA D 493 -26.54 -3.81 4.32
N ASP D 494 -25.98 -4.00 5.51
CA ASP D 494 -24.54 -3.86 5.68
C ASP D 494 -23.88 -5.20 5.94
N GLY D 495 -22.83 -5.50 5.19
CA GLY D 495 -22.03 -6.66 5.48
C GLY D 495 -21.01 -6.37 6.57
N CYS D 496 -20.71 -7.40 7.35
CA CYS D 496 -19.66 -7.35 8.35
C CYS D 496 -19.00 -8.71 8.45
N GLU D 497 -17.67 -8.71 8.48
CA GLU D 497 -16.91 -9.96 8.61
C GLU D 497 -16.15 -9.91 9.92
N LEU D 498 -16.09 -11.04 10.60
CA LEU D 498 -15.32 -11.19 11.82
C LEU D 498 -14.43 -12.40 11.63
N ARG D 499 -13.16 -12.24 11.99
CA ARG D 499 -12.20 -13.34 11.86
C ARG D 499 -11.37 -13.36 13.12
N VAL D 500 -11.39 -14.46 13.85
CA VAL D 500 -10.54 -14.62 15.01
C VAL D 500 -9.27 -15.32 14.56
N HIS D 501 -8.14 -14.65 14.70
CA HIS D 501 -6.86 -15.22 14.32
C HIS D 501 -6.54 -16.40 15.23
N PRO D 502 -5.64 -17.29 14.80
CA PRO D 502 -5.28 -18.43 15.65
C PRO D 502 -4.85 -18.02 17.05
N THR D 503 -4.14 -16.90 17.19
CA THR D 503 -3.69 -16.48 18.51
C THR D 503 -4.79 -15.77 19.29
N GLY D 504 -6.01 -15.69 18.76
CA GLY D 504 -7.13 -15.12 19.49
C GLY D 504 -7.36 -13.65 19.28
N LYS D 505 -6.46 -12.96 18.57
CA LYS D 505 -6.77 -11.62 18.12
C LYS D 505 -7.79 -11.69 16.99
N ALA D 506 -8.57 -10.62 16.86
CA ALA D 506 -9.66 -10.61 15.90
C ALA D 506 -9.50 -9.44 14.94
N VAL D 507 -10.11 -9.59 13.78
CA VAL D 507 -10.28 -8.52 12.81
C VAL D 507 -11.74 -8.48 12.41
N VAL D 508 -12.38 -7.33 12.57
CA VAL D 508 -13.73 -7.11 12.06
C VAL D 508 -13.61 -6.15 10.87
N ARG D 509 -14.11 -6.59 9.73
CA ARG D 509 -14.14 -5.78 8.52
C ARG D 509 -15.55 -5.24 8.34
N LEU D 510 -15.64 -3.93 8.21
CA LEU D 510 -16.89 -3.21 8.14
C LEU D 510 -17.14 -2.66 6.75
N SER D 511 -18.40 -2.38 6.47
CA SER D 511 -18.74 -1.75 5.22
C SER D 511 -19.06 -0.26 5.52
N VAL D 512 -18.90 0.17 6.74
CA VAL D 512 -19.09 1.57 7.10
C VAL D 512 -17.74 2.24 7.02
N GLN D 513 -17.76 3.56 6.82
CA GLN D 513 -16.53 4.31 6.65
C GLN D 513 -16.57 5.51 7.58
N SER D 514 -15.75 5.47 8.61
CA SER D 514 -15.67 6.57 9.54
C SER D 514 -15.10 7.81 8.86
N GLN D 515 -15.63 8.97 9.22
CA GLN D 515 -15.02 10.26 8.96
C GLN D 515 -14.76 10.97 10.28
N GLY D 516 -14.42 10.19 11.29
CA GLY D 516 -14.16 10.70 12.62
C GLY D 516 -15.10 10.19 13.69
N GLN D 517 -16.07 9.34 13.38
CA GLN D 517 -17.08 8.90 14.36
C GLN D 517 -16.56 7.82 15.29
N GLY D 518 -15.29 7.43 15.19
CA GLY D 518 -14.73 6.49 16.14
C GLY D 518 -15.05 5.03 15.88
N HIS D 519 -15.30 4.65 14.63
CA HIS D 519 -15.71 3.28 14.34
C HIS D 519 -14.65 2.28 14.78
N GLU D 520 -13.37 2.63 14.61
CA GLU D 520 -12.29 1.73 14.95
C GLU D 520 -12.31 1.36 16.42
N THR D 521 -12.93 2.19 17.25
CA THR D 521 -13.12 1.88 18.66
C THR D 521 -14.46 1.20 18.92
N THR D 522 -15.55 1.81 18.48
CA THR D 522 -16.87 1.35 18.87
C THR D 522 -17.19 -0.03 18.28
N PHE D 523 -16.77 -0.30 17.05
CA PHE D 523 -17.02 -1.64 16.52
C PHE D 523 -16.16 -2.69 17.21
N ALA D 524 -14.94 -2.30 17.60
CA ALA D 524 -14.15 -3.16 18.48
C ALA D 524 -14.91 -3.44 19.75
N GLN D 525 -15.62 -2.45 20.28
CA GLN D 525 -16.36 -2.63 21.52
C GLN D 525 -17.58 -3.53 21.32
N ILE D 526 -18.28 -3.37 20.22
CA ILE D 526 -19.43 -4.25 19.93
C ILE D 526 -18.96 -5.70 19.87
N VAL D 527 -17.90 -5.95 19.10
CA VAL D 527 -17.39 -7.31 18.99
C VAL D 527 -16.85 -7.80 20.33
N ALA D 528 -16.08 -6.97 21.01
CA ALA D 528 -15.54 -7.30 22.34
C ALA D 528 -16.70 -7.70 23.26
N GLU D 529 -17.80 -6.98 23.17
CA GLU D 529 -18.93 -7.27 24.06
C GLU D 529 -19.41 -8.69 23.75
N GLU D 530 -19.59 -8.98 22.47
CA GLU D 530 -20.17 -10.27 22.11
C GLU D 530 -19.21 -11.42 22.38
N LEU D 531 -17.91 -11.21 22.18
CA LEU D 531 -16.94 -12.28 22.07
C LEU D 531 -15.97 -12.37 23.24
N GLY D 532 -15.79 -11.31 24.02
CA GLY D 532 -14.89 -11.39 25.17
C GLY D 532 -13.46 -11.12 24.75
N ILE D 533 -13.20 -10.89 23.46
CA ILE D 533 -11.88 -10.41 23.04
C ILE D 533 -11.77 -8.93 23.39
N PRO D 534 -10.71 -8.51 24.07
CA PRO D 534 -10.58 -7.10 24.41
C PRO D 534 -10.57 -6.25 23.15
N PRO D 535 -11.15 -5.05 23.20
CA PRO D 535 -11.15 -4.20 22.00
C PRO D 535 -9.77 -3.96 21.44
N GLU D 536 -8.75 -3.80 22.29
CA GLU D 536 -7.40 -3.62 21.79
C GLU D 536 -6.93 -4.81 20.97
N ASP D 537 -7.55 -5.97 21.14
CA ASP D 537 -7.22 -7.16 20.38
C ASP D 537 -8.07 -7.31 19.12
N ILE D 538 -8.90 -6.33 18.81
CA ILE D 538 -9.80 -6.37 17.66
C ILE D 538 -9.40 -5.25 16.71
N ASP D 539 -8.88 -5.61 15.56
CA ASP D 539 -8.60 -4.65 14.51
C ASP D 539 -9.87 -4.37 13.73
N VAL D 540 -10.31 -3.12 13.74
CA VAL D 540 -11.45 -2.72 12.92
C VAL D 540 -10.94 -2.21 11.59
N VAL D 541 -11.32 -2.88 10.52
CA VAL D 541 -10.88 -2.55 9.17
C VAL D 541 -12.07 -1.93 8.44
N HIS D 542 -11.81 -0.86 7.70
CA HIS D 542 -12.87 -0.11 7.04
C HIS D 542 -12.26 0.78 5.96
N GLY D 543 -13.09 1.14 4.99
CA GLY D 543 -12.72 2.13 4.01
C GLY D 543 -12.00 1.59 2.79
N ASP D 544 -11.39 0.42 2.89
CA ASP D 544 -10.69 -0.20 1.78
C ASP D 544 -11.57 -1.32 1.22
N THR D 545 -12.10 -1.11 0.05
CA THR D 545 -13.07 -2.04 -0.50
C THR D 545 -12.48 -3.38 -0.87
N ASP D 546 -11.17 -3.46 -1.01
CA ASP D 546 -10.49 -4.71 -1.35
C ASP D 546 -10.47 -5.68 -0.16
N GLN D 547 -10.65 -5.19 1.03
CA GLN D 547 -10.60 -6.06 2.20
C GLN D 547 -11.77 -5.81 3.15
N THR D 548 -12.88 -5.30 2.64
CA THR D 548 -14.04 -5.14 3.48
C THR D 548 -15.28 -5.64 2.75
N PRO D 549 -16.25 -6.16 3.49
CA PRO D 549 -17.49 -6.63 2.85
C PRO D 549 -18.32 -5.48 2.33
N PHE D 550 -19.20 -5.80 1.39
CA PHE D 550 -20.03 -4.78 0.78
C PHE D 550 -21.03 -4.22 1.79
N GLY D 551 -21.26 -2.94 1.71
CA GLY D 551 -22.19 -2.28 2.58
C GLY D 551 -22.44 -0.90 2.03
N LEU D 552 -23.38 -0.19 2.59
CA LEU D 552 -23.78 1.09 2.04
C LEU D 552 -23.02 2.26 2.58
N GLY D 553 -22.14 2.05 3.52
CA GLY D 553 -21.33 3.16 3.99
C GLY D 553 -21.84 3.91 5.16
N THR D 554 -21.25 5.06 5.46
CA THR D 554 -21.60 5.81 6.66
C THR D 554 -22.28 7.11 6.29
N TYR D 555 -23.59 7.17 6.52
CA TYR D 555 -24.41 8.36 6.41
C TYR D 555 -25.77 8.00 6.99
N GLY D 556 -26.57 9.02 7.28
CA GLY D 556 -27.83 8.75 7.92
C GLY D 556 -27.69 8.06 9.26
N SER D 557 -26.57 8.26 9.94
CA SER D 557 -26.33 7.69 11.26
C SER D 557 -26.57 6.19 11.26
N ARG D 558 -26.31 5.56 10.12
CA ARG D 558 -26.68 4.16 9.93
C ARG D 558 -25.63 3.18 10.40
N SER D 559 -24.43 3.63 10.74
CA SER D 559 -23.34 2.70 11.02
C SER D 559 -23.67 1.79 12.19
N THR D 560 -24.21 2.35 13.26
CA THR D 560 -24.49 1.57 14.46
C THR D 560 -25.81 0.81 14.33
N PRO D 561 -26.86 1.42 13.81
CA PRO D 561 -28.10 0.66 13.58
C PRO D 561 -27.92 -0.52 12.64
N VAL D 562 -27.12 -0.37 11.59
CA VAL D 562 -27.00 -1.38 10.54
C VAL D 562 -25.69 -2.16 10.67
N SER D 563 -24.56 -1.47 10.50
CA SER D 563 -23.28 -2.15 10.64
C SER D 563 -23.03 -2.57 12.08
N GLY D 564 -23.46 -1.76 13.05
CA GLY D 564 -23.32 -2.18 14.44
C GLY D 564 -24.09 -3.44 14.74
N ALA D 565 -25.34 -3.50 14.28
CA ALA D 565 -26.13 -4.72 14.44
C ALA D 565 -25.45 -5.89 13.76
N ALA D 566 -24.98 -5.68 12.53
CA ALA D 566 -24.28 -6.73 11.81
C ALA D 566 -23.06 -7.22 12.58
N ALA D 567 -22.30 -6.29 13.15
CA ALA D 567 -21.09 -6.67 13.88
C ALA D 567 -21.44 -7.48 15.11
N ALA D 568 -22.46 -7.05 15.86
CA ALA D 568 -22.90 -7.82 17.02
C ALA D 568 -23.32 -9.23 16.61
N LEU D 569 -24.08 -9.34 15.52
CA LEU D 569 -24.59 -10.64 15.10
C LEU D 569 -23.47 -11.54 14.59
N VAL D 570 -22.51 -10.98 13.86
CA VAL D 570 -21.39 -11.81 13.38
C VAL D 570 -20.52 -12.24 14.55
N ALA D 571 -20.31 -11.36 15.53
CA ALA D 571 -19.60 -11.78 16.72
C ALA D 571 -20.35 -12.91 17.41
N ARG D 572 -21.67 -12.85 17.44
CA ARG D 572 -22.45 -13.91 18.04
C ARG D 572 -22.35 -15.21 17.24
N LYS D 573 -22.31 -15.10 15.91
CA LYS D 573 -22.09 -16.29 15.09
C LYS D 573 -20.77 -16.94 15.45
N VAL D 574 -19.72 -16.12 15.57
CA VAL D 574 -18.41 -16.64 15.93
C VAL D 574 -18.49 -17.27 17.31
N ARG D 575 -19.25 -16.67 18.23
CA ARG D 575 -19.38 -17.23 19.56
C ARG D 575 -20.10 -18.58 19.54
N ASP D 576 -21.13 -18.71 18.71
CA ASP D 576 -21.84 -19.98 18.60
C ASP D 576 -20.93 -21.08 18.05
N LYS D 577 -20.22 -20.78 16.96
CA LYS D 577 -19.25 -21.73 16.43
C LYS D 577 -18.17 -22.06 17.46
N ALA D 578 -17.67 -21.04 18.15
CA ALA D 578 -16.70 -21.24 19.20
C ALA D 578 -17.26 -22.14 20.28
N LYS D 579 -18.56 -22.03 20.56
CA LYS D 579 -19.18 -22.90 21.54
C LYS D 579 -19.11 -24.35 21.08
N ILE D 580 -19.37 -24.58 19.79
CA ILE D 580 -19.26 -25.94 19.26
C ILE D 580 -17.85 -26.47 19.46
N ILE D 581 -16.85 -25.68 19.05
CA ILE D 581 -15.46 -26.09 19.18
C ILE D 581 -15.10 -26.30 20.65
N ALA D 582 -15.53 -25.38 21.52
CA ALA D 582 -15.22 -25.47 22.94
C ALA D 582 -15.85 -26.72 23.57
N ALA D 583 -17.08 -27.05 23.18
CA ALA D 583 -17.71 -28.26 23.67
C ALA D 583 -16.90 -29.47 23.26
N GLY D 584 -16.40 -29.48 22.03
CA GLY D 584 -15.46 -30.52 21.65
C GLY D 584 -14.24 -30.54 22.56
N MET D 585 -13.66 -29.36 22.82
CA MET D 585 -12.43 -29.30 23.59
C MET D 585 -12.66 -29.72 25.04
N LEU D 586 -13.78 -29.30 25.63
CA LEU D 586 -14.09 -29.69 26.98
C LEU D 586 -14.67 -31.09 27.06
N GLU D 587 -14.79 -31.78 25.93
CA GLU D 587 -15.34 -33.13 25.89
C GLU D 587 -16.69 -33.15 26.60
N ALA D 588 -17.51 -32.17 26.27
CA ALA D 588 -18.78 -31.95 26.93
C ALA D 588 -19.87 -31.70 25.90
N SER D 589 -21.11 -31.91 26.31
CA SER D 589 -22.24 -31.56 25.47
C SER D 589 -22.28 -30.05 25.28
N ILE D 590 -22.71 -29.62 24.10
CA ILE D 590 -22.87 -28.20 23.85
C ILE D 590 -23.83 -27.56 24.85
N ALA D 591 -24.78 -28.33 25.38
CA ALA D 591 -25.74 -27.79 26.32
C ALA D 591 -25.12 -27.50 27.68
N ASP D 592 -24.07 -28.24 28.06
CA ASP D 592 -23.43 -28.07 29.36
C ASP D 592 -22.43 -26.92 29.36
N LEU D 593 -22.25 -26.23 28.24
CA LEU D 593 -21.32 -25.11 28.16
C LEU D 593 -22.02 -23.81 28.52
N GLU D 594 -21.38 -23.03 29.38
CA GLU D 594 -21.79 -21.68 29.73
C GLU D 594 -20.80 -20.70 29.14
N TRP D 595 -21.35 -19.69 28.49
CA TRP D 595 -20.49 -18.62 27.95
C TRP D 595 -20.18 -17.66 29.10
N ASP D 596 -18.93 -17.29 29.27
CA ASP D 596 -18.52 -16.36 30.36
C ASP D 596 -17.63 -15.25 29.82
N LYS D 597 -18.15 -14.37 28.97
CA LYS D 597 -17.38 -13.19 28.49
C LYS D 597 -15.97 -13.58 28.06
N GLY D 598 -15.84 -14.24 26.93
CA GLY D 598 -14.51 -14.60 26.45
C GLY D 598 -14.22 -16.07 26.64
N SER D 599 -15.08 -16.80 27.35
CA SER D 599 -14.73 -18.21 27.61
C SER D 599 -15.93 -19.13 27.74
N PHE D 600 -15.79 -20.38 27.30
CA PHE D 600 -16.82 -21.38 27.54
C PHE D 600 -16.34 -22.28 28.66
N HIS D 601 -17.19 -22.52 29.64
CA HIS D 601 -16.84 -23.45 30.71
C HIS D 601 -17.99 -24.41 30.93
N ILE D 602 -17.65 -25.62 31.36
CA ILE D 602 -18.70 -26.58 31.70
C ILE D 602 -19.50 -26.04 32.86
N LYS D 603 -20.82 -26.21 32.82
CA LYS D 603 -21.67 -25.76 33.91
C LYS D 603 -21.21 -26.38 35.23
N GLY D 604 -21.07 -25.53 36.24
CA GLY D 604 -20.68 -25.98 37.56
C GLY D 604 -19.18 -26.09 37.76
N ASP D 605 -18.40 -26.08 36.69
CA ASP D 605 -16.95 -26.18 36.76
C ASP D 605 -16.35 -25.06 35.93
N PRO D 606 -16.23 -23.86 36.50
CA PRO D 606 -15.56 -22.78 35.76
C PRO D 606 -14.15 -23.14 35.36
N SER D 607 -13.45 -23.94 36.17
CA SER D 607 -12.08 -24.32 35.86
C SER D 607 -11.99 -25.13 34.58
N ALA D 608 -13.03 -25.89 34.24
CA ALA D 608 -13.12 -26.56 32.95
C ALA D 608 -13.61 -25.55 31.91
N SER D 609 -12.73 -24.60 31.62
CA SER D 609 -13.04 -23.50 30.72
C SER D 609 -11.96 -23.38 29.65
N VAL D 610 -12.37 -22.85 28.50
CA VAL D 610 -11.47 -22.54 27.40
C VAL D 610 -11.82 -21.15 26.90
N THR D 611 -10.80 -20.33 26.67
CA THR D 611 -11.02 -18.99 26.17
C THR D 611 -11.24 -18.99 24.65
N ILE D 612 -11.76 -17.88 24.16
CA ILE D 612 -11.94 -17.70 22.72
C ILE D 612 -10.61 -17.83 22.00
N ALA D 613 -9.50 -17.44 22.66
CA ALA D 613 -8.19 -17.62 22.05
C ALA D 613 -7.84 -19.10 21.93
N ASP D 614 -8.08 -19.87 22.99
CA ASP D 614 -7.86 -21.32 22.91
C ASP D 614 -8.69 -21.92 21.80
N ILE D 615 -9.96 -21.52 21.73
CA ILE D 615 -10.84 -22.05 20.71
C ILE D 615 -10.38 -21.63 19.33
N ALA D 616 -9.89 -20.40 19.19
CA ALA D 616 -9.39 -19.94 17.91
C ALA D 616 -8.21 -20.78 17.45
N MET D 617 -7.27 -21.03 18.37
CA MET D 617 -6.14 -21.89 18.05
C MET D 617 -6.62 -23.28 17.66
N ARG D 618 -7.56 -23.83 18.44
CA ARG D 618 -8.10 -25.15 18.14
C ARG D 618 -8.79 -25.18 16.79
N ALA D 619 -9.53 -24.12 16.48
CA ALA D 619 -10.25 -24.02 15.21
C ALA D 619 -9.28 -24.04 14.04
N HIS D 620 -8.06 -23.57 14.25
CA HIS D 620 -6.98 -23.66 13.26
C HIS D 620 -6.04 -24.82 13.54
N GLY D 621 -6.27 -25.57 14.62
CA GLY D 621 -5.28 -26.47 15.15
C GLY D 621 -5.41 -27.89 14.63
N ALA D 622 -4.58 -28.76 15.20
CA ALA D 622 -4.56 -30.16 14.85
C ALA D 622 -5.77 -30.88 15.46
N GLY D 623 -6.02 -32.07 14.97
CA GLY D 623 -7.10 -32.89 15.50
C GLY D 623 -8.44 -32.52 14.91
N ASP D 624 -9.29 -33.51 14.69
CA ASP D 624 -10.57 -33.27 14.05
C ASP D 624 -11.42 -32.32 14.87
N LEU D 625 -12.11 -31.43 14.19
CA LEU D 625 -13.09 -30.57 14.83
C LEU D 625 -14.41 -31.32 14.95
N PRO D 626 -15.39 -30.78 15.66
CA PRO D 626 -16.68 -31.46 15.79
C PRO D 626 -17.27 -31.74 14.41
N GLU D 627 -17.93 -32.89 14.29
CA GLU D 627 -18.38 -33.35 12.99
C GLU D 627 -19.26 -32.30 12.31
N GLY D 628 -19.03 -32.11 11.02
CA GLY D 628 -19.80 -31.17 10.24
C GLY D 628 -19.36 -29.72 10.37
N LEU D 629 -18.33 -29.45 11.17
CA LEU D 629 -17.88 -28.09 11.40
C LEU D 629 -16.64 -27.80 10.58
N GLU D 630 -16.65 -26.67 9.89
CA GLU D 630 -15.46 -26.19 9.19
C GLU D 630 -14.52 -25.50 10.17
N GLY D 631 -13.23 -25.60 9.88
CA GLY D 631 -12.23 -24.98 10.71
C GLY D 631 -12.29 -23.47 10.64
N GLY D 632 -11.42 -22.84 11.41
CA GLY D 632 -11.36 -21.41 11.47
C GLY D 632 -12.45 -20.82 12.34
N LEU D 633 -12.24 -19.57 12.71
CA LEU D 633 -13.19 -18.86 13.56
C LEU D 633 -13.60 -17.59 12.84
N ASP D 634 -14.05 -17.74 11.60
CA ASP D 634 -14.55 -16.67 10.78
C ASP D 634 -16.06 -16.74 10.71
N ALA D 635 -16.70 -15.59 10.61
CA ALA D 635 -18.11 -15.51 10.31
C ALA D 635 -18.37 -14.23 9.55
N GLN D 636 -19.45 -14.22 8.82
CA GLN D 636 -19.85 -13.03 8.10
C GLN D 636 -21.35 -12.88 8.17
N ILE D 637 -21.79 -11.70 7.89
CA ILE D 637 -23.21 -11.44 7.93
C ILE D 637 -23.50 -10.30 6.98
N CYS D 638 -24.69 -10.31 6.41
CA CYS D 638 -25.24 -9.16 5.72
C CYS D 638 -26.50 -8.83 6.52
N TYR D 639 -26.41 -7.79 7.35
CA TYR D 639 -27.53 -7.43 8.20
C TYR D 639 -28.49 -6.54 7.45
N ASN D 640 -29.72 -6.99 7.33
CA ASN D 640 -30.79 -6.19 6.75
C ASN D 640 -31.69 -5.71 7.87
N PRO D 641 -31.74 -4.41 8.15
CA PRO D 641 -32.59 -3.92 9.23
C PRO D 641 -34.05 -4.28 9.00
N SER D 642 -34.73 -4.64 10.09
CA SER D 642 -36.18 -4.81 10.05
C SER D 642 -36.87 -3.46 9.92
N ASN D 643 -36.32 -2.46 10.59
CA ASN D 643 -36.88 -1.12 10.67
C ASN D 643 -35.73 -0.16 10.94
N LEU D 644 -35.99 1.12 10.75
CA LEU D 644 -35.04 2.12 11.20
C LEU D 644 -34.98 2.12 12.72
N THR D 645 -33.94 2.74 13.25
CA THR D 645 -33.94 3.11 14.65
C THR D 645 -34.45 4.54 14.76
N TYR D 646 -35.08 4.83 15.89
CA TYR D 646 -35.68 6.14 16.10
C TYR D 646 -35.15 6.68 17.42
N PRO D 647 -33.89 7.08 17.44
CA PRO D 647 -33.40 7.83 18.59
C PRO D 647 -34.18 9.12 18.70
N TYR D 648 -34.13 9.73 19.86
CA TYR D 648 -34.88 10.96 20.02
C TYR D 648 -34.12 11.87 20.95
N GLY D 649 -34.53 13.12 20.98
CA GLY D 649 -33.81 14.11 21.75
C GLY D 649 -34.72 15.19 22.28
N ALA D 650 -34.30 15.70 23.43
CA ALA D 650 -34.97 16.86 24.05
C ALA D 650 -33.86 17.88 24.23
N TYR D 651 -33.85 18.88 23.38
CA TYR D 651 -32.77 19.89 23.37
C TYR D 651 -33.31 21.20 23.90
N PHE D 652 -32.53 21.86 24.73
CA PHE D 652 -32.88 23.14 25.30
C PHE D 652 -31.73 24.10 25.07
N CYS D 653 -31.99 25.16 24.34
CA CYS D 653 -31.01 26.20 24.09
C CYS D 653 -31.40 27.45 24.86
N VAL D 654 -30.41 28.11 25.45
CA VAL D 654 -30.60 29.40 26.09
C VAL D 654 -29.70 30.36 25.36
N VAL D 655 -30.29 31.44 24.86
CA VAL D 655 -29.55 32.44 24.11
C VAL D 655 -29.75 33.78 24.78
N ASP D 656 -28.74 34.63 24.63
CA ASP D 656 -28.87 36.04 24.93
C ASP D 656 -28.77 36.80 23.62
N ILE D 657 -29.63 37.80 23.46
CA ILE D 657 -29.59 38.68 22.30
C ILE D 657 -29.31 40.08 22.80
N ASP D 658 -28.27 40.69 22.27
CA ASP D 658 -28.00 42.08 22.61
C ASP D 658 -29.10 42.94 22.00
N PRO D 659 -29.89 43.65 22.80
CA PRO D 659 -31.02 44.40 22.22
C PRO D 659 -30.61 45.51 21.29
N GLY D 660 -29.38 46.01 21.42
CA GLY D 660 -28.93 47.09 20.57
C GLY D 660 -28.39 46.60 19.24
N THR D 661 -27.55 45.58 19.26
CA THR D 661 -26.91 45.05 18.07
C THR D 661 -27.59 43.81 17.51
N ALA D 662 -28.56 43.24 18.23
CA ALA D 662 -29.22 42.01 17.82
C ALA D 662 -28.22 40.89 17.62
N VAL D 663 -27.10 40.93 18.32
CA VAL D 663 -26.14 39.85 18.28
C VAL D 663 -26.63 38.74 19.19
N VAL D 664 -26.76 37.54 18.64
CA VAL D 664 -27.25 36.37 19.38
C VAL D 664 -26.05 35.61 19.92
N LYS D 665 -26.07 35.31 21.20
CA LYS D 665 -25.06 34.47 21.84
C LYS D 665 -25.76 33.29 22.48
N VAL D 666 -25.31 32.08 22.15
CA VAL D 666 -25.86 30.88 22.76
C VAL D 666 -25.21 30.71 24.12
N ARG D 667 -25.97 30.97 25.18
CA ARG D 667 -25.43 30.87 26.52
C ARG D 667 -25.39 29.43 27.01
N ARG D 668 -26.37 28.63 26.63
CA ARG D 668 -26.40 27.26 27.12
C ARG D 668 -27.02 26.35 26.09
N PHE D 669 -26.62 25.09 26.17
CA PHE D 669 -27.26 24.09 25.33
C PHE D 669 -27.29 22.78 26.11
N VAL D 670 -28.47 22.36 26.49
CA VAL D 670 -28.61 21.04 27.15
C VAL D 670 -29.22 20.13 26.08
N ALA D 671 -28.54 19.05 25.81
CA ALA D 671 -29.06 18.11 24.82
C ALA D 671 -29.28 16.77 25.51
N VAL D 672 -30.50 16.31 25.53
CA VAL D 672 -30.73 14.98 26.12
C VAL D 672 -31.07 14.03 24.99
N ASP D 673 -30.21 13.05 24.79
CA ASP D 673 -30.37 12.15 23.65
C ASP D 673 -30.62 10.73 24.15
N ASP D 674 -31.47 10.04 23.46
CA ASP D 674 -31.73 8.63 23.71
C ASP D 674 -31.51 7.91 22.39
N CYS D 675 -30.37 7.24 22.27
CA CYS D 675 -30.02 6.46 21.09
C CYS D 675 -29.98 4.97 21.43
N GLY D 676 -30.82 4.55 22.38
CA GLY D 676 -30.80 3.19 22.85
C GLY D 676 -29.51 2.86 23.60
N THR D 677 -29.08 1.62 23.47
CA THR D 677 -27.87 1.16 24.12
C THR D 677 -26.67 1.94 23.64
N ARG D 678 -25.85 2.42 24.58
CA ARG D 678 -24.72 3.28 24.28
C ARG D 678 -23.46 2.43 24.21
N ILE D 679 -22.83 2.40 23.05
CA ILE D 679 -21.60 1.64 22.91
C ILE D 679 -20.45 2.34 23.61
N ASN D 680 -20.30 3.64 23.35
CA ASN D 680 -19.17 4.41 23.86
C ASN D 680 -19.64 5.80 24.22
N PRO D 681 -19.89 6.06 25.50
CA PRO D 681 -20.41 7.37 25.91
C PRO D 681 -19.52 8.55 25.55
N MET D 682 -18.20 8.39 25.52
CA MET D 682 -17.35 9.53 25.16
C MET D 682 -17.51 9.88 23.68
N ILE D 683 -17.50 8.86 22.82
CA ILE D 683 -17.75 9.08 21.41
C ILE D 683 -19.15 9.66 21.18
N ILE D 684 -20.13 9.13 21.91
CA ILE D 684 -21.49 9.65 21.78
C ILE D 684 -21.54 11.13 22.14
N GLU D 685 -20.87 11.50 23.22
CA GLU D 685 -20.81 12.90 23.62
C GLU D 685 -20.20 13.75 22.53
N GLY D 686 -19.09 13.29 21.96
CA GLY D 686 -18.47 14.03 20.88
C GLY D 686 -19.39 14.22 19.70
N GLN D 687 -20.10 13.15 19.32
CA GLN D 687 -21.04 13.24 18.21
C GLN D 687 -22.12 14.28 18.48
N ILE D 688 -22.73 14.20 19.63
CA ILE D 688 -23.73 15.23 19.98
C ILE D 688 -23.10 16.63 19.90
N HIS D 689 -22.01 16.83 20.62
CA HIS D 689 -21.45 18.17 20.70
C HIS D 689 -21.20 18.74 19.30
N GLY D 690 -20.64 17.92 18.41
CA GLY D 690 -20.44 18.38 17.06
C GLY D 690 -21.74 18.75 16.38
N GLY D 691 -22.76 17.92 16.57
CA GLY D 691 -24.08 18.27 16.04
C GLY D 691 -24.61 19.57 16.59
N LEU D 692 -24.36 19.87 17.87
CA LEU D 692 -24.87 21.11 18.49
C LEU D 692 -24.18 22.31 17.84
N VAL D 693 -22.89 22.16 17.63
CA VAL D 693 -22.21 23.24 16.94
C VAL D 693 -22.80 23.44 15.56
N ASP D 694 -23.07 22.39 14.80
CA ASP D 694 -23.77 22.52 13.47
C ASP D 694 -25.09 23.27 13.58
N GLY D 695 -25.89 22.94 14.58
CA GLY D 695 -27.20 23.57 14.71
C GLY D 695 -27.06 25.04 14.97
N ILE D 696 -26.12 25.39 15.83
CA ILE D 696 -25.89 26.82 16.15
C ILE D 696 -25.45 27.52 14.88
N GLY D 697 -24.59 26.88 14.09
CA GLY D 697 -24.08 27.47 12.86
C GLY D 697 -25.21 27.73 11.91
N MET D 698 -26.10 26.76 11.73
CA MET D 698 -27.28 26.95 10.84
C MET D 698 -28.25 27.96 11.45
N ALA D 699 -28.52 27.85 12.72
CA ALA D 699 -29.51 28.76 13.31
C ALA D 699 -28.98 30.20 13.22
N LEU D 700 -27.68 30.39 13.36
CA LEU D 700 -27.20 31.78 13.53
C LEU D 700 -26.40 32.42 12.41
N MET D 701 -25.67 31.66 11.64
CA MET D 701 -24.74 32.36 10.71
C MET D 701 -24.54 31.68 9.37
N GLU D 702 -24.69 30.39 9.32
CA GLU D 702 -24.36 29.64 8.11
C GLU D 702 -25.41 29.82 7.05
N MET D 703 -24.91 30.10 5.89
CA MET D 703 -25.79 30.16 4.73
C MET D 703 -24.94 30.29 3.47
N ILE D 704 -25.32 29.55 2.45
CA ILE D 704 -24.78 29.75 1.11
C ILE D 704 -25.80 30.59 0.37
N ALA D 705 -25.51 31.88 0.22
CA ALA D 705 -26.41 32.81 -0.43
C ALA D 705 -25.97 33.06 -1.86
N PHE D 706 -26.93 33.36 -2.71
CA PHE D 706 -26.69 33.68 -4.11
C PHE D 706 -27.26 35.05 -4.40
N ASP D 707 -26.51 35.79 -5.21
CA ASP D 707 -27.04 37.10 -5.65
C ASP D 707 -28.02 36.87 -6.82
N GLU D 708 -28.64 37.94 -7.31
CA GLU D 708 -29.64 37.84 -8.39
C GLU D 708 -28.97 37.28 -9.65
N ASP D 709 -27.69 37.61 -9.87
CA ASP D 709 -26.93 37.10 -11.04
C ASP D 709 -26.52 35.63 -10.89
N GLY D 710 -26.71 35.05 -9.71
CA GLY D 710 -26.41 33.61 -9.58
C GLY D 710 -25.04 33.36 -9.02
N ASN D 711 -24.33 34.43 -8.69
CA ASN D 711 -22.99 34.29 -8.06
C ASN D 711 -23.19 33.69 -6.67
N CYS D 712 -22.45 32.63 -6.36
CA CYS D 712 -22.52 32.08 -5.01
C CYS D 712 -21.82 33.03 -4.07
N LEU D 713 -22.57 33.57 -3.12
CA LEU D 713 -22.03 34.48 -2.12
C LEU D 713 -21.37 33.75 -0.95
N GLY D 714 -21.46 32.42 -0.91
CA GLY D 714 -20.84 31.66 0.15
C GLY D 714 -19.78 30.71 -0.35
N GLY D 715 -18.96 31.16 -1.29
CA GLY D 715 -17.92 30.36 -1.90
C GLY D 715 -16.62 30.29 -1.13
N SER D 716 -16.59 30.73 0.11
CA SER D 716 -15.37 30.69 0.90
C SER D 716 -15.75 30.70 2.37
N LEU D 717 -14.77 30.34 3.20
CA LEU D 717 -14.95 30.41 4.64
C LEU D 717 -14.99 31.84 5.15
N MET D 718 -14.66 32.82 4.32
CA MET D 718 -14.95 34.20 4.67
C MET D 718 -16.45 34.47 4.60
N ASP D 719 -17.12 33.89 3.62
CA ASP D 719 -18.54 34.13 3.39
C ASP D 719 -19.45 33.07 3.96
N TYR D 720 -18.99 31.83 4.04
CA TYR D 720 -19.73 30.77 4.72
C TYR D 720 -19.13 30.63 6.12
N LEU D 721 -19.85 31.15 7.11
CA LEU D 721 -19.31 31.32 8.46
C LEU D 721 -19.65 30.09 9.28
N ILE D 722 -18.62 29.35 9.66
CA ILE D 722 -18.77 28.15 10.49
C ILE D 722 -18.46 28.54 11.93
N PRO D 723 -19.23 28.07 12.90
CA PRO D 723 -18.99 28.50 14.29
C PRO D 723 -17.56 28.21 14.71
N THR D 724 -16.96 29.19 15.38
CA THR D 724 -15.71 28.95 16.07
C THR D 724 -16.00 28.50 17.49
N ALA D 725 -14.94 28.12 18.21
CA ALA D 725 -15.12 27.77 19.61
C ALA D 725 -15.73 28.91 20.40
N MET D 726 -15.58 30.15 19.93
CA MET D 726 -16.12 31.31 20.63
C MET D 726 -17.61 31.51 20.44
N GLU D 727 -18.22 30.89 19.42
CA GLU D 727 -19.64 31.08 19.19
C GLU D 727 -20.50 30.11 19.97
N VAL D 728 -19.91 29.10 20.59
CA VAL D 728 -20.67 27.97 21.12
C VAL D 728 -20.41 27.84 22.60
N PRO D 729 -21.38 27.38 23.37
CA PRO D 729 -21.17 27.25 24.81
C PRO D 729 -20.49 25.94 25.16
N HIS D 730 -20.19 25.80 26.46
CA HIS D 730 -19.75 24.50 26.99
C HIS D 730 -21.02 23.66 26.99
N PHE D 731 -21.13 22.69 26.11
CA PHE D 731 -22.33 21.89 25.95
C PHE D 731 -22.58 21.00 27.16
N GLU D 732 -23.86 20.78 27.44
CA GLU D 732 -24.24 19.86 28.53
C GLU D 732 -25.15 18.80 27.93
N THR D 733 -24.94 17.57 28.31
CA THR D 733 -25.71 16.49 27.68
C THR D 733 -26.20 15.53 28.74
N GLY D 734 -27.36 14.98 28.50
CA GLY D 734 -27.84 13.90 29.36
C GLY D 734 -28.29 12.82 28.42
N HIS D 735 -28.81 11.75 28.98
CA HIS D 735 -29.24 10.65 28.14
C HIS D 735 -30.22 9.80 28.90
N THR D 736 -31.07 9.14 28.14
CA THR D 736 -31.88 8.03 28.62
C THR D 736 -31.60 6.87 27.68
N VAL D 737 -31.76 5.66 28.17
CA VAL D 737 -31.54 4.47 27.35
C VAL D 737 -32.88 3.81 27.12
N THR D 738 -33.39 3.92 25.89
CA THR D 738 -34.57 3.21 25.43
C THR D 738 -34.11 2.39 24.24
N PRO D 739 -33.69 1.15 24.45
CA PRO D 739 -33.08 0.38 23.37
C PRO D 739 -34.03 0.16 22.21
N SER D 740 -33.47 0.05 21.02
CA SER D 740 -34.25 -0.37 19.88
C SER D 740 -34.53 -1.86 20.03
N PRO D 741 -35.80 -2.27 20.09
CA PRO D 741 -36.09 -3.71 20.23
C PRO D 741 -35.58 -4.55 19.07
N HIS D 742 -35.58 -4.02 17.86
CA HIS D 742 -35.21 -4.79 16.68
C HIS D 742 -33.71 -4.81 16.43
N HIS D 743 -32.94 -4.09 17.22
CA HIS D 743 -31.49 -4.07 17.08
C HIS D 743 -30.85 -5.13 17.97
N PRO D 744 -29.87 -5.86 17.44
CA PRO D 744 -29.25 -6.95 18.22
C PRO D 744 -28.67 -6.49 19.55
N ILE D 745 -28.21 -5.26 19.64
CA ILE D 745 -27.70 -4.74 20.90
C ILE D 745 -28.51 -3.53 21.38
N GLY D 746 -29.66 -3.26 20.77
CA GLY D 746 -30.53 -2.20 21.22
C GLY D 746 -30.00 -0.81 21.01
N ALA D 747 -28.96 -0.65 20.18
CA ALA D 747 -28.38 0.66 19.93
C ALA D 747 -29.05 1.31 18.73
N LYS D 748 -29.32 2.61 18.86
CA LYS D 748 -29.80 3.42 17.76
C LYS D 748 -28.70 4.39 17.34
N GLY D 749 -28.84 4.91 16.12
CA GLY D 749 -27.92 5.92 15.65
C GLY D 749 -27.97 7.18 16.49
N ILE D 750 -26.85 7.89 16.53
CA ILE D 750 -26.78 9.15 17.26
C ILE D 750 -26.09 10.23 16.42
N GLY D 751 -25.40 9.82 15.36
CA GLY D 751 -24.44 10.71 14.73
C GLY D 751 -25.03 12.04 14.33
N GLU D 752 -26.22 12.02 13.74
CA GLU D 752 -26.87 13.21 13.23
C GLU D 752 -27.89 13.80 14.18
N SER D 753 -28.19 13.13 15.30
CA SER D 753 -29.27 13.56 16.16
C SER D 753 -29.12 15.03 16.56
N ALA D 754 -27.96 15.40 17.08
CA ALA D 754 -27.79 16.76 17.55
C ALA D 754 -27.97 17.76 16.43
N THR D 755 -27.49 17.42 15.26
CA THR D 755 -27.60 18.36 14.13
C THR D 755 -29.06 18.52 13.76
N VAL D 756 -29.81 17.44 13.86
CA VAL D 756 -31.23 17.47 13.53
C VAL D 756 -31.98 18.33 14.52
N GLY D 757 -31.77 18.09 15.81
CA GLY D 757 -32.61 18.71 16.82
C GLY D 757 -32.21 20.10 17.23
N SER D 758 -30.94 20.46 17.09
CA SER D 758 -30.45 21.71 17.67
C SER D 758 -30.90 22.95 16.91
N PRO D 759 -30.93 22.95 15.55
CA PRO D 759 -31.36 24.13 14.82
C PRO D 759 -32.72 24.62 15.31
N PRO D 760 -33.77 23.79 15.36
CA PRO D 760 -35.07 24.26 15.89
C PRO D 760 -34.99 24.72 17.33
N ALA D 761 -34.15 24.08 18.14
CA ALA D 761 -33.96 24.57 19.51
C ALA D 761 -33.37 25.99 19.53
N VAL D 762 -32.35 26.24 18.71
CA VAL D 762 -31.71 27.55 18.68
C VAL D 762 -32.64 28.60 18.11
N VAL D 763 -33.37 28.26 17.05
CA VAL D 763 -34.31 29.20 16.45
C VAL D 763 -35.45 29.47 17.42
N ASN D 764 -35.99 28.44 18.06
CA ASN D 764 -37.01 28.64 19.07
C ASN D 764 -36.49 29.53 20.18
N ALA D 765 -35.23 29.34 20.59
CA ALA D 765 -34.65 30.19 21.62
C ALA D 765 -34.58 31.63 21.16
N VAL D 766 -34.12 31.86 19.93
CA VAL D 766 -34.03 33.23 19.43
C VAL D 766 -35.40 33.86 19.30
N VAL D 767 -36.38 33.12 18.78
CA VAL D 767 -37.74 33.63 18.66
C VAL D 767 -38.32 33.92 20.04
N ASP D 768 -38.07 33.03 21.00
CA ASP D 768 -38.53 33.24 22.36
C ASP D 768 -37.91 34.49 22.96
N ALA D 769 -36.62 34.70 22.71
CA ALA D 769 -35.95 35.92 23.15
C ALA D 769 -36.57 37.15 22.51
N LEU D 770 -36.98 37.03 21.24
CA LEU D 770 -37.63 38.13 20.52
C LEU D 770 -39.09 38.31 20.88
N ALA D 771 -39.65 37.40 21.69
CA ALA D 771 -41.02 37.57 22.21
C ALA D 771 -41.40 39.00 22.55
N PRO D 772 -40.57 39.81 23.23
CA PRO D 772 -40.97 41.19 23.50
C PRO D 772 -41.30 41.99 22.26
N TYR D 773 -40.76 41.61 21.11
CA TYR D 773 -41.01 42.31 19.87
C TYR D 773 -42.17 41.71 19.08
N GLY D 774 -42.94 40.83 19.69
CA GLY D 774 -44.06 40.21 19.01
C GLY D 774 -43.68 39.32 17.86
N VAL D 775 -42.50 38.73 17.90
CA VAL D 775 -42.01 37.88 16.82
C VAL D 775 -42.47 36.45 17.08
N ARG D 776 -43.29 35.92 16.18
CA ARG D 776 -43.65 34.51 16.26
C ARG D 776 -42.69 33.64 15.47
N HIS D 777 -42.08 34.17 14.42
CA HIS D 777 -41.13 33.39 13.65
C HIS D 777 -40.08 34.32 13.06
N ALA D 778 -38.83 33.88 13.11
CA ALA D 778 -37.77 34.48 12.33
C ALA D 778 -36.97 33.35 11.71
N ASP D 779 -36.55 33.52 10.48
CA ASP D 779 -35.86 32.47 9.74
C ASP D 779 -34.36 32.57 9.95
N MET D 780 -33.76 31.38 9.94
CA MET D 780 -32.28 31.35 9.97
C MET D 780 -31.79 31.84 8.60
N PRO D 781 -30.51 32.25 8.45
CA PRO D 781 -29.61 32.36 9.59
C PRO D 781 -30.06 33.54 10.46
N LEU D 782 -29.96 33.38 11.75
CA LEU D 782 -30.32 34.48 12.64
C LEU D 782 -29.08 35.35 12.88
N THR D 783 -28.60 35.94 11.79
CA THR D 783 -27.48 36.85 11.85
C THR D 783 -27.90 38.11 12.59
N PRO D 784 -26.94 38.92 13.05
CA PRO D 784 -27.32 40.15 13.75
C PRO D 784 -28.27 41.02 12.95
N SER D 785 -28.03 41.15 11.65
CA SER D 785 -28.90 41.98 10.81
C SER D 785 -30.30 41.39 10.71
N ARG D 786 -30.38 40.08 10.47
CA ARG D 786 -31.69 39.45 10.29
C ARG D 786 -32.47 39.42 11.60
N VAL D 787 -31.78 39.21 12.72
CA VAL D 787 -32.45 39.27 14.01
C VAL D 787 -32.93 40.68 14.31
N TRP D 788 -32.11 41.68 13.98
CA TRP D 788 -32.53 43.06 14.19
C TRP D 788 -33.72 43.41 13.32
N GLU D 789 -33.72 42.96 12.06
CA GLU D 789 -34.86 43.17 11.20
C GLU D 789 -36.11 42.51 11.75
N ALA D 790 -35.97 41.30 12.30
CA ALA D 790 -37.09 40.68 13.00
C ALA D 790 -37.55 41.54 14.16
N MET D 791 -36.60 42.13 14.89
CA MET D 791 -36.98 43.03 15.98
C MET D 791 -37.81 44.20 15.46
N GLN D 792 -37.44 44.74 14.29
CA GLN D 792 -38.16 45.85 13.68
C GLN D 792 -39.52 45.44 13.16
N GLY D 793 -39.94 44.20 13.38
CA GLY D 793 -41.17 43.72 12.79
C GLY D 793 -41.07 43.41 11.32
N ARG D 794 -39.85 43.38 10.76
CA ARG D 794 -39.64 43.14 9.34
C ARG D 794 -38.98 41.79 9.08
N ALA D 795 -39.28 40.80 9.90
CA ALA D 795 -38.70 39.48 9.71
C ALA D 795 -39.02 38.95 8.33
N THR D 796 -37.99 38.58 7.58
CA THR D 796 -38.14 38.07 6.24
C THR D 796 -37.21 36.89 6.05
N PRO D 797 -37.59 35.90 5.24
CA PRO D 797 -36.69 34.79 4.98
C PRO D 797 -35.49 35.26 4.18
N PRO D 798 -34.31 34.65 4.38
CA PRO D 798 -33.15 35.01 3.56
C PRO D 798 -33.34 34.67 2.10
N ILE D 799 -34.27 33.79 1.78
CA ILE D 799 -34.60 33.44 0.40
C ILE D 799 -36.09 33.62 0.16
N MET E 1 -6.23 23.61 -2.68
CA MET E 1 -6.21 25.02 -2.30
C MET E 1 -5.94 25.93 -3.49
N GLN E 2 -6.49 27.14 -3.44
CA GLN E 2 -6.11 28.16 -4.40
C GLN E 2 -4.72 28.67 -4.05
N VAL E 3 -3.86 28.76 -5.06
CA VAL E 3 -2.45 29.11 -4.84
C VAL E 3 -2.09 30.28 -5.72
N PRO E 4 -1.07 31.03 -5.34
CA PRO E 4 -0.69 32.22 -6.12
C PRO E 4 -0.11 31.85 -7.47
N GLY E 5 -0.22 32.80 -8.40
CA GLY E 5 0.51 32.71 -9.64
C GLY E 5 1.98 32.92 -9.38
N PRO E 6 2.83 32.60 -10.36
CA PRO E 6 4.27 32.78 -10.17
C PRO E 6 4.62 34.23 -9.89
N PHE E 7 5.66 34.43 -9.08
CA PHE E 7 6.18 35.79 -8.81
C PHE E 7 7.62 35.60 -8.36
N GLU E 8 8.34 36.71 -8.19
CA GLU E 8 9.75 36.63 -7.76
C GLU E 8 9.78 37.11 -6.32
N TYR E 9 10.67 36.56 -5.55
CA TYR E 9 10.69 36.91 -4.13
C TYR E 9 12.00 37.60 -3.77
N GLU E 10 11.89 38.65 -2.99
CA GLU E 10 13.08 39.38 -2.50
C GLU E 10 12.91 39.58 -0.99
N ARG E 11 13.96 39.37 -0.22
CA ARG E 11 13.92 39.58 1.24
C ARG E 11 14.68 40.85 1.58
N ALA E 12 13.96 41.90 1.97
CA ALA E 12 14.58 43.19 2.33
C ALA E 12 15.42 43.04 3.61
N THR E 13 16.69 43.41 3.54
CA THR E 13 17.54 43.35 4.72
C THR E 13 17.49 44.62 5.54
N SER E 14 16.83 45.66 5.04
CA SER E 14 16.67 46.90 5.78
C SER E 14 15.58 47.72 5.11
N VAL E 15 15.22 48.84 5.74
CA VAL E 15 14.22 49.71 5.14
C VAL E 15 14.75 50.29 3.84
N ASP E 16 15.99 50.75 3.83
CA ASP E 16 16.56 51.29 2.61
C ASP E 16 16.70 50.22 1.54
N HIS E 17 17.07 49.00 1.93
CA HIS E 17 17.12 47.92 0.94
C HIS E 17 15.74 47.65 0.37
N ALA E 18 14.71 47.65 1.22
CA ALA E 18 13.35 47.41 0.75
C ALA E 18 12.91 48.51 -0.21
N VAL E 19 13.18 49.77 0.15
CA VAL E 19 12.80 50.89 -0.70
C VAL E 19 13.55 50.81 -2.03
N GLY E 20 14.84 50.48 -1.99
CA GLY E 20 15.58 50.32 -3.23
C GLY E 20 15.05 49.19 -4.08
N LEU E 21 14.63 48.10 -3.44
CA LEU E 21 14.06 46.98 -4.22
C LEU E 21 12.79 47.45 -4.92
N LEU E 22 11.94 48.17 -4.20
CA LEU E 22 10.67 48.66 -4.79
C LEU E 22 11.00 49.60 -5.96
N ASP E 23 12.00 50.45 -5.78
CA ASP E 23 12.40 51.41 -6.85
C ASP E 23 12.91 50.67 -8.10
N ARG E 24 13.84 49.72 -7.91
CA ARG E 24 14.41 48.98 -9.08
C ARG E 24 13.36 48.07 -9.69
N LEU E 25 12.67 47.31 -8.84
CA LEU E 25 11.65 46.33 -9.31
C LEU E 25 10.47 47.06 -9.94
N GLY E 26 10.03 48.19 -9.37
CA GLY E 26 9.00 48.98 -10.04
C GLY E 26 7.59 48.84 -9.52
N GLU E 27 6.62 49.31 -10.30
CA GLU E 27 5.19 49.31 -9.89
C GLU E 27 4.74 47.88 -9.58
N ASP E 28 5.25 46.88 -10.30
CA ASP E 28 4.77 45.52 -10.13
C ASP E 28 5.35 44.82 -8.91
N ALA E 29 6.24 45.51 -8.17
CA ALA E 29 6.76 44.96 -6.90
C ALA E 29 5.82 45.40 -5.77
N ARG E 30 5.60 44.51 -4.82
CA ARG E 30 4.76 44.82 -3.63
C ARG E 30 5.46 44.34 -2.39
N ILE E 31 5.33 45.09 -1.31
CA ILE E 31 5.90 44.62 -0.03
C ILE E 31 5.07 43.46 0.47
N VAL E 32 5.69 42.49 1.08
CA VAL E 32 4.88 41.48 1.81
C VAL E 32 5.32 41.58 3.27
N ALA E 33 4.36 41.84 4.14
CA ALA E 33 4.70 41.84 5.57
C ALA E 33 4.15 40.53 6.11
N GLY E 34 2.96 40.62 6.66
CA GLY E 34 2.44 39.42 7.29
C GLY E 34 1.84 38.55 6.20
N GLY E 35 1.53 39.19 5.07
CA GLY E 35 0.96 38.47 3.96
C GLY E 35 -0.48 38.06 4.16
N HIS E 36 -1.12 38.46 5.25
CA HIS E 36 -2.47 38.01 5.54
C HIS E 36 -3.53 38.81 4.82
N SER E 37 -3.14 39.85 4.09
CA SER E 37 -4.02 40.47 3.12
C SER E 37 -3.55 40.19 1.70
N LEU E 38 -2.25 40.29 1.47
CA LEU E 38 -1.73 40.10 0.11
C LEU E 38 -1.83 38.63 -0.28
N LEU E 39 -1.30 37.79 0.57
CA LEU E 39 -1.23 36.38 0.19
C LEU E 39 -2.60 35.79 -0.12
N PRO E 40 -3.64 36.02 0.68
CA PRO E 40 -4.97 35.55 0.25
C PRO E 40 -5.39 36.13 -1.10
N MET E 41 -5.08 37.40 -1.37
CA MET E 41 -5.44 37.97 -2.66
C MET E 41 -4.72 37.27 -3.81
N MET E 42 -3.43 37.00 -3.63
CA MET E 42 -2.65 36.31 -4.66
C MET E 42 -3.10 34.86 -4.81
N LYS E 43 -3.41 34.20 -3.70
CA LYS E 43 -3.93 32.85 -3.76
C LYS E 43 -5.23 32.82 -4.57
N LEU E 44 -6.07 33.82 -4.40
CA LEU E 44 -7.27 33.98 -5.21
C LEU E 44 -6.96 34.60 -6.57
N ARG E 45 -5.71 34.99 -6.79
CA ARG E 45 -5.30 35.57 -8.06
C ARG E 45 -5.99 36.89 -8.33
N ILE E 46 -6.49 37.52 -7.27
CA ILE E 46 -6.92 38.92 -7.35
C ILE E 46 -5.71 39.83 -7.48
N ALA E 47 -4.67 39.57 -6.70
CA ALA E 47 -3.42 40.30 -6.75
C ALA E 47 -2.38 39.42 -7.41
N ASN E 48 -1.66 39.98 -8.38
CA ASN E 48 -0.63 39.25 -9.11
C ASN E 48 0.63 40.10 -9.22
N PRO E 49 1.25 40.42 -8.10
CA PRO E 49 2.52 41.15 -8.14
C PRO E 49 3.59 40.32 -8.85
N GLU E 50 4.42 40.99 -9.65
CA GLU E 50 5.58 40.30 -10.22
C GLU E 50 6.61 40.00 -9.15
N TYR E 51 6.65 40.86 -8.15
CA TYR E 51 7.70 40.71 -7.13
C TYR E 51 7.13 40.97 -5.75
N LEU E 52 7.56 40.19 -4.77
CA LEU E 52 7.23 40.49 -3.38
C LEU E 52 8.51 40.86 -2.67
N VAL E 53 8.48 42.00 -2.02
CA VAL E 53 9.63 42.39 -1.18
C VAL E 53 9.20 42.06 0.25
N ASP E 54 9.71 40.95 0.77
CA ASP E 54 9.37 40.53 2.13
C ASP E 54 10.11 41.42 3.08
N ILE E 55 9.38 42.13 3.94
CA ILE E 55 10.01 43.04 4.93
C ILE E 55 9.88 42.43 6.33
N ASN E 56 9.67 41.12 6.42
CA ASN E 56 9.59 40.42 7.72
C ASN E 56 10.91 40.51 8.49
N ASP E 57 12.03 40.64 7.77
CA ASP E 57 13.30 40.82 8.46
C ASP E 57 13.42 42.20 9.10
N LEU E 58 12.54 43.12 8.76
CA LEU E 58 12.48 44.43 9.40
C LEU E 58 11.56 44.42 10.62
N ALA E 59 11.06 43.26 11.00
CA ALA E 59 10.12 43.18 12.12
C ALA E 59 10.73 43.70 13.41
N VAL E 60 12.04 43.57 13.54
CA VAL E 60 12.71 44.11 14.75
C VAL E 60 12.84 45.63 14.61
N GLU E 61 13.43 46.11 13.53
CA GLU E 61 13.66 47.57 13.38
C GLU E 61 12.31 48.30 13.36
N LEU E 62 11.31 47.77 12.65
CA LEU E 62 10.02 48.47 12.49
C LEU E 62 8.89 47.79 13.25
N GLY E 63 9.15 46.96 14.24
CA GLY E 63 8.04 46.23 14.86
C GLY E 63 7.81 46.73 16.24
N TYR E 64 8.24 47.95 16.49
CA TYR E 64 8.14 48.52 17.83
C TYR E 64 6.75 49.09 18.13
N VAL E 65 6.43 49.18 19.41
CA VAL E 65 5.23 49.93 19.82
C VAL E 65 5.84 50.86 20.87
N ILE E 66 5.90 52.15 20.58
CA ILE E 66 6.62 53.07 21.51
C ILE E 66 5.60 54.09 22.02
N THR E 67 5.48 54.20 23.33
CA THR E 67 4.52 55.16 23.88
C THR E 67 5.27 56.28 24.61
N ASP E 68 5.47 57.42 23.95
CA ASP E 68 6.07 58.62 24.61
C ASP E 68 4.92 59.44 25.23
N PRO E 69 5.14 60.44 26.12
CA PRO E 69 4.00 61.15 26.74
C PRO E 69 3.09 61.84 25.71
N THR E 70 3.65 62.41 24.65
CA THR E 70 2.84 63.12 23.62
C THR E 70 2.75 62.36 22.28
N LEU E 71 3.24 61.12 22.20
CA LEU E 71 3.32 60.46 20.88
C LEU E 71 3.39 58.96 21.01
N VAL E 72 2.53 58.27 20.27
CA VAL E 72 2.63 56.80 20.25
C VAL E 72 3.20 56.53 18.86
N ARG E 73 4.25 55.75 18.82
CA ARG E 73 4.84 55.40 17.52
C ARG E 73 4.73 53.90 17.34
N ILE E 74 4.06 53.48 16.30
CA ILE E 74 3.89 52.02 16.15
C ILE E 74 4.50 51.65 14.82
N GLY E 75 5.49 50.79 14.85
CA GLY E 75 6.19 50.40 13.62
C GLY E 75 5.25 49.71 12.66
N ALA E 76 5.52 49.84 11.37
CA ALA E 76 4.67 49.23 10.34
C ALA E 76 4.71 47.72 10.49
N MET E 77 5.86 47.21 10.88
CA MET E 77 6.03 45.74 11.04
C MET E 77 5.50 45.24 12.39
N ALA E 78 4.78 46.08 13.14
CA ALA E 78 4.19 45.66 14.43
C ALA E 78 3.10 44.64 14.14
N ARG E 79 3.24 43.45 14.70
CA ARG E 79 2.19 42.42 14.57
C ARG E 79 0.94 42.91 15.29
N HIS E 80 -0.22 42.52 14.81
CA HIS E 80 -1.49 42.86 15.51
C HIS E 80 -1.38 42.34 16.94
N ARG E 81 -0.74 41.19 17.12
CA ARG E 81 -0.56 40.63 18.47
C ARG E 81 0.22 41.62 19.33
N GLN E 82 1.27 42.21 18.78
CA GLN E 82 2.11 43.13 19.60
C GLN E 82 1.24 44.32 19.98
N VAL E 83 0.49 44.83 19.02
CA VAL E 83 -0.33 46.04 19.33
C VAL E 83 -1.37 45.68 20.38
N LEU E 84 -2.04 44.53 20.25
CA LEU E 84 -3.07 44.04 21.22
C LEU E 84 -2.46 43.82 22.59
N GLU E 85 -1.24 43.29 22.63
CA GLU E 85 -0.60 42.95 23.89
C GLU E 85 0.09 44.13 24.56
N SER E 86 0.27 45.23 23.85
CA SER E 86 1.02 46.37 24.45
C SER E 86 0.15 47.01 25.52
N ASP E 87 0.38 46.68 26.78
CA ASP E 87 -0.34 47.31 27.88
C ASP E 87 -0.14 48.83 27.94
N PRO E 88 1.08 49.36 27.79
CA PRO E 88 1.22 50.83 27.71
C PRO E 88 0.40 51.44 26.57
N LEU E 89 0.40 50.78 25.42
CA LEU E 89 -0.43 51.28 24.31
C LEU E 89 -1.89 51.29 24.78
N ALA E 90 -2.34 50.22 25.44
CA ALA E 90 -3.72 50.14 25.90
C ALA E 90 -4.02 51.27 26.86
N ALA E 91 -3.05 51.64 27.69
CA ALA E 91 -3.24 52.79 28.58
C ALA E 91 -3.43 54.06 27.77
N VAL E 92 -2.65 54.23 26.69
CA VAL E 92 -2.71 55.48 25.94
C VAL E 92 -3.73 55.43 24.80
N CYS E 93 -3.79 54.33 24.05
CA CYS E 93 -4.71 54.20 22.94
C CYS E 93 -5.47 52.88 23.10
N PRO E 94 -6.44 52.83 24.00
CA PRO E 94 -7.20 51.58 24.17
C PRO E 94 -7.93 51.13 22.93
N ILE E 95 -8.34 52.08 22.09
CA ILE E 95 -8.97 51.70 20.80
C ILE E 95 -8.18 50.57 20.14
N PHE E 96 -6.85 50.63 20.16
CA PHE E 96 -6.05 49.62 19.49
C PHE E 96 -6.32 48.24 20.07
N ARG E 97 -6.34 48.13 21.40
CA ARG E 97 -6.66 46.85 22.02
C ARG E 97 -8.07 46.43 21.67
N ASP E 98 -9.03 47.34 21.78
CA ASP E 98 -10.42 47.01 21.36
C ASP E 98 -10.43 46.40 19.96
N ALA E 99 -9.92 47.11 18.96
CA ALA E 99 -9.98 46.60 17.58
C ALA E 99 -9.24 45.27 17.48
N GLU E 100 -8.01 45.22 18.00
CA GLU E 100 -7.18 44.00 17.88
C GLU E 100 -7.95 42.78 18.40
N ARG E 101 -8.60 42.92 19.55
CA ARG E 101 -9.30 41.78 20.12
C ARG E 101 -10.36 41.25 19.17
N VAL E 102 -10.84 42.09 18.27
CA VAL E 102 -11.96 41.69 17.38
C VAL E 102 -11.49 41.64 15.93
N ILE E 103 -10.17 41.69 15.76
CA ILE E 103 -9.60 41.60 14.39
C ILE E 103 -9.17 40.18 14.12
N ALA E 104 -9.68 39.60 13.04
CA ALA E 104 -9.22 38.30 12.57
C ALA E 104 -9.25 37.33 13.75
N ASP E 105 -8.23 36.53 13.96
CA ASP E 105 -8.13 35.60 15.07
C ASP E 105 -6.71 35.67 15.59
N PRO E 106 -6.41 35.05 16.73
CA PRO E 106 -5.05 35.16 17.28
C PRO E 106 -3.95 34.74 16.31
N VAL E 107 -4.17 33.69 15.53
CA VAL E 107 -3.13 33.24 14.62
C VAL E 107 -2.85 34.32 13.58
N VAL E 108 -3.89 34.95 13.02
CA VAL E 108 -3.72 36.04 12.00
C VAL E 108 -3.03 37.20 12.69
N ARG E 109 -3.43 37.49 13.90
CA ARG E 109 -2.81 38.60 14.65
C ARG E 109 -1.31 38.36 14.85
N ASN E 110 -0.90 37.11 14.90
CA ASN E 110 0.52 36.83 15.04
C ASN E 110 1.32 37.33 13.85
N ARG E 111 0.70 37.43 12.69
CA ARG E 111 1.40 37.78 11.46
C ARG E 111 1.00 39.13 10.90
N GLY E 112 -0.30 39.38 10.76
CA GLY E 112 -0.77 40.63 10.17
C GLY E 112 -0.14 41.80 10.86
N THR E 113 0.06 42.88 10.13
CA THR E 113 0.79 44.03 10.71
C THR E 113 -0.02 45.30 10.57
N LEU E 114 0.25 46.26 11.45
CA LEU E 114 -0.41 47.57 11.37
C LEU E 114 -0.09 48.16 10.00
N GLY E 115 1.17 48.15 9.61
CA GLY E 115 1.51 48.66 8.29
C GLY E 115 0.80 47.91 7.18
N GLY E 116 0.75 46.58 7.28
CA GLY E 116 0.04 45.82 6.26
C GLY E 116 -1.43 46.17 6.20
N SER E 117 -2.09 46.30 7.34
CA SER E 117 -3.53 46.67 7.38
C SER E 117 -3.73 48.07 6.78
N LEU E 118 -2.90 49.00 7.21
CA LEU E 118 -3.05 50.36 6.72
C LEU E 118 -2.84 50.43 5.22
N CYS E 119 -1.75 49.85 4.72
CA CYS E 119 -1.45 49.93 3.30
C CYS E 119 -2.45 49.12 2.48
N GLN E 120 -3.00 48.05 3.05
CA GLN E 120 -4.13 47.38 2.41
C GLN E 120 -5.28 48.35 2.22
N ALA E 121 -5.46 49.26 3.16
CA ALA E 121 -6.42 50.36 3.05
C ALA E 121 -7.81 49.83 2.69
N ASP E 122 -8.17 48.72 3.32
CA ASP E 122 -9.48 48.11 3.09
C ASP E 122 -10.53 48.82 3.94
N PRO E 123 -11.51 49.50 3.34
CA PRO E 123 -12.49 50.21 4.15
C PRO E 123 -13.33 49.30 5.01
N ALA E 124 -13.40 48.01 4.69
CA ALA E 124 -14.11 47.05 5.50
C ALA E 124 -13.31 46.60 6.72
N GLU E 125 -12.05 47.02 6.83
CA GLU E 125 -11.17 46.57 7.89
C GLU E 125 -10.99 47.66 8.94
N ASP E 126 -10.73 47.17 10.16
CA ASP E 126 -10.75 48.01 11.38
C ASP E 126 -9.58 48.93 11.64
N LEU E 127 -8.34 48.55 11.37
CA LEU E 127 -7.21 49.43 11.77
C LEU E 127 -7.19 50.74 10.96
N THR E 128 -7.56 50.71 9.70
CA THR E 128 -7.61 51.99 9.01
C THR E 128 -8.56 52.95 9.72
N THR E 129 -9.66 52.41 10.26
CA THR E 129 -10.63 53.26 10.97
C THR E 129 -9.98 53.74 12.26
N VAL E 130 -9.33 52.83 12.98
CA VAL E 130 -8.71 53.18 14.29
C VAL E 130 -7.66 54.28 14.05
N CYS E 131 -6.81 54.08 13.04
CA CYS E 131 -5.75 55.05 12.80
C CYS E 131 -6.29 56.36 12.25
N THR E 132 -7.45 56.34 11.60
CA THR E 132 -8.12 57.57 11.23
C THR E 132 -8.70 58.27 12.44
N ILE E 133 -9.29 57.51 13.35
CA ILE E 133 -9.90 58.10 14.54
C ILE E 133 -8.84 58.80 15.39
N LEU E 134 -7.69 58.17 15.56
CA LEU E 134 -6.65 58.70 16.42
C LEU E 134 -5.81 59.78 15.75
N GLY E 135 -6.18 60.23 14.56
CA GLY E 135 -5.43 61.26 13.87
C GLY E 135 -4.00 60.87 13.59
N ALA E 136 -3.78 59.61 13.21
CA ALA E 136 -2.44 59.10 13.04
C ALA E 136 -1.71 59.80 11.91
N VAL E 137 -0.39 59.85 12.03
CA VAL E 137 0.48 60.35 10.97
C VAL E 137 1.33 59.18 10.51
N CYS E 138 1.12 58.73 9.28
CA CYS E 138 1.94 57.70 8.69
C CYS E 138 3.29 58.27 8.28
N LEU E 139 4.34 57.50 8.51
CA LEU E 139 5.70 57.90 8.16
C LEU E 139 6.15 57.02 7.01
N ALA E 140 6.12 57.57 5.79
CA ALA E 140 6.55 56.83 4.62
C ALA E 140 8.02 57.09 4.33
N ARG E 141 8.67 56.13 3.71
CA ARG E 141 10.06 56.29 3.29
C ARG E 141 10.23 55.64 1.93
N GLY E 142 10.83 56.39 1.00
CA GLY E 142 11.12 55.91 -0.32
C GLY E 142 12.48 56.38 -0.77
N PRO E 143 12.84 56.12 -2.02
CA PRO E 143 14.15 56.57 -2.52
C PRO E 143 14.32 58.07 -2.40
N GLY E 144 13.24 58.84 -2.57
CA GLY E 144 13.33 60.27 -2.37
C GLY E 144 13.75 60.66 -0.96
N GLY E 145 13.31 59.88 0.01
CA GLY E 145 13.59 60.16 1.41
C GLY E 145 12.40 59.81 2.25
N GLU E 146 12.34 60.37 3.46
CA GLU E 146 11.28 60.10 4.41
C GLU E 146 10.33 61.29 4.49
N ARG E 147 9.04 61.00 4.65
CA ARG E 147 8.02 62.03 4.66
C ARG E 147 6.85 61.58 5.52
N GLU E 148 6.03 62.54 5.91
CA GLU E 148 4.90 62.30 6.79
C GLU E 148 3.60 62.57 6.05
N ILE E 149 2.70 61.60 6.08
CA ILE E 149 1.40 61.70 5.44
C ILE E 149 0.34 61.59 6.52
N GLY E 150 -0.55 62.58 6.60
CA GLY E 150 -1.68 62.46 7.49
C GLY E 150 -2.53 61.26 7.13
N ILE E 151 -3.13 60.64 8.16
CA ILE E 151 -3.89 59.42 7.93
C ILE E 151 -5.00 59.67 6.91
N ASP E 152 -5.66 60.82 7.00
CA ASP E 152 -6.67 61.17 6.00
C ASP E 152 -6.05 61.27 4.60
N ASP E 153 -4.90 61.93 4.50
CA ASP E 153 -4.17 61.97 3.25
C ASP E 153 -3.70 60.58 2.84
N PHE E 154 -3.19 59.81 3.80
CA PHE E 154 -2.67 58.48 3.47
C PHE E 154 -3.74 57.59 2.87
N LEU E 155 -4.95 57.65 3.41
CA LEU E 155 -6.07 56.81 2.95
C LEU E 155 -6.80 57.58 1.86
N VAL E 156 -6.33 57.42 0.61
CA VAL E 156 -6.88 58.20 -0.51
C VAL E 156 -8.05 57.52 -1.19
N GLY E 157 -8.28 56.24 -0.94
CA GLY E 157 -9.39 55.53 -1.53
C GLY E 157 -9.40 54.07 -1.12
N PRO E 158 -10.42 53.34 -1.56
CA PRO E 158 -10.47 51.91 -1.23
C PRO E 158 -9.26 51.18 -1.77
N TYR E 159 -8.47 50.61 -0.87
CA TYR E 159 -7.30 49.84 -1.24
C TYR E 159 -6.20 50.69 -1.87
N GLU E 160 -6.26 52.00 -1.66
CA GLU E 160 -5.28 52.93 -2.21
C GLU E 160 -4.80 53.86 -1.11
N THR E 161 -3.49 54.05 -1.04
CA THR E 161 -2.89 54.96 -0.08
C THR E 161 -2.10 56.03 -0.83
N ALA E 162 -1.62 57.02 -0.08
CA ALA E 162 -0.76 58.04 -0.66
C ALA E 162 0.63 57.51 -0.98
N LEU E 163 1.00 56.34 -0.46
CA LEU E 163 2.32 55.79 -0.68
C LEU E 163 2.58 55.57 -2.16
N ALA E 164 3.74 56.01 -2.64
CA ALA E 164 4.15 55.68 -3.99
C ALA E 164 4.56 54.22 -4.08
N HIS E 165 4.63 53.71 -5.32
CA HIS E 165 5.03 52.32 -5.54
C HIS E 165 6.38 52.01 -4.92
N ASN E 166 7.28 52.98 -4.89
CA ASN E 166 8.63 52.79 -4.38
C ASN E 166 8.76 53.22 -2.92
N GLU E 167 7.63 53.40 -2.26
CA GLU E 167 7.65 53.92 -0.89
C GLU E 167 7.09 52.86 0.06
N MET E 168 7.57 52.87 1.29
CA MET E 168 7.11 51.87 2.27
C MET E 168 6.69 52.59 3.52
N LEU E 169 5.62 52.13 4.15
CA LEU E 169 5.16 52.71 5.43
C LEU E 169 6.14 52.25 6.48
N VAL E 170 6.63 53.15 7.28
CA VAL E 170 7.69 52.75 8.24
C VAL E 170 7.08 52.69 9.62
N GLU E 171 6.31 53.70 10.01
CA GLU E 171 5.73 53.77 11.36
C GLU E 171 4.48 54.63 11.30
N VAL E 172 3.66 54.51 12.31
CA VAL E 172 2.43 55.34 12.35
C VAL E 172 2.56 56.10 13.64
N ARG E 173 2.46 57.41 13.57
CA ARG E 173 2.63 58.29 14.72
C ARG E 173 1.28 58.86 15.10
N ILE E 174 0.88 58.64 16.35
CA ILE E 174 -0.44 58.96 16.85
C ILE E 174 -0.28 59.93 18.02
N PRO E 175 -0.75 61.16 17.92
CA PRO E 175 -0.62 62.09 19.03
C PRO E 175 -1.37 61.59 20.26
N VAL E 176 -0.74 61.81 21.42
CA VAL E 176 -1.37 61.48 22.72
C VAL E 176 -1.71 62.81 23.36
N ARG E 177 -2.89 62.91 23.95
CA ARG E 177 -3.34 64.13 24.67
C ARG E 177 -3.85 63.69 26.03
N HIS E 178 -3.77 64.54 27.05
CA HIS E 178 -4.32 64.21 28.39
C HIS E 178 -5.84 64.21 28.30
N ARG E 179 -6.48 63.48 29.20
CA ARG E 179 -7.96 63.44 29.25
C ARG E 179 -8.49 62.97 27.90
N THR E 180 -7.78 62.04 27.28
CA THR E 180 -8.23 61.51 25.99
C THR E 180 -8.23 60.00 26.06
N SER E 181 -9.27 59.40 25.52
CA SER E 181 -9.27 57.93 25.42
C SER E 181 -9.97 57.59 24.14
N SER E 182 -10.15 56.31 23.92
CA SER E 182 -10.72 55.84 22.67
C SER E 182 -11.27 54.43 22.88
N ALA E 183 -12.19 54.05 22.00
CA ALA E 183 -12.83 52.72 22.07
C ALA E 183 -13.19 52.27 20.67
N TYR E 184 -13.32 50.97 20.50
CA TYR E 184 -13.73 50.42 19.20
C TYR E 184 -14.78 49.36 19.50
N ALA E 185 -15.81 49.30 18.68
CA ALA E 185 -16.87 48.29 18.86
C ALA E 185 -17.17 47.77 17.47
N LYS E 186 -17.26 46.47 17.38
CA LYS E 186 -17.47 45.88 16.08
C LYS E 186 -18.58 44.86 16.15
N VAL E 187 -19.40 44.85 15.15
CA VAL E 187 -20.39 43.80 15.00
C VAL E 187 -20.00 42.98 13.78
N GLU E 188 -19.77 41.71 14.02
CA GLU E 188 -19.43 40.70 13.04
C GLU E 188 -20.39 39.53 13.20
N ARG E 189 -20.68 38.85 12.10
CA ARG E 189 -21.51 37.65 12.20
C ARG E 189 -20.83 36.58 13.03
N ARG E 190 -19.50 36.51 12.95
CA ARG E 190 -18.73 35.46 13.61
C ARG E 190 -17.39 36.04 14.05
N VAL E 191 -16.83 35.43 15.08
CA VAL E 191 -15.49 35.81 15.53
C VAL E 191 -14.51 35.62 14.39
N GLY E 192 -13.71 36.63 14.12
CA GLY E 192 -12.81 36.62 13.00
C GLY E 192 -13.40 37.15 11.72
N ASP E 193 -14.72 37.25 11.64
CA ASP E 193 -15.37 37.82 10.47
C ASP E 193 -15.12 39.32 10.44
N TRP E 194 -15.06 39.86 9.21
CA TRP E 194 -14.91 41.29 9.06
C TRP E 194 -16.15 42.00 9.62
N ALA E 195 -15.96 43.24 9.99
CA ALA E 195 -17.02 43.99 10.66
C ALA E 195 -18.27 44.03 9.81
N VAL E 196 -19.38 43.54 10.36
CA VAL E 196 -20.68 43.93 9.82
C VAL E 196 -20.78 45.44 9.83
N THR E 197 -20.41 46.03 10.96
CA THR E 197 -20.24 47.47 11.05
C THR E 197 -19.41 47.72 12.29
N ALA E 198 -18.46 48.63 12.18
CA ALA E 198 -17.69 48.96 13.39
C ALA E 198 -17.60 50.46 13.52
N ALA E 199 -17.42 50.92 14.73
CA ALA E 199 -17.34 52.36 15.00
C ALA E 199 -16.21 52.51 15.99
N GLY E 200 -15.55 53.63 15.89
CA GLY E 200 -14.53 53.87 16.88
C GLY E 200 -14.67 55.31 17.25
N ALA E 201 -14.16 55.63 18.42
CA ALA E 201 -14.27 57.01 18.88
C ALA E 201 -13.05 57.33 19.73
N GLN E 202 -12.56 58.53 19.52
CA GLN E 202 -11.52 59.05 20.44
C GLN E 202 -12.08 60.36 20.94
N VAL E 203 -12.09 60.59 22.25
CA VAL E 203 -12.67 61.84 22.79
C VAL E 203 -11.66 62.50 23.72
N THR E 204 -11.67 63.83 23.81
CA THR E 204 -10.84 64.51 24.83
C THR E 204 -11.83 65.18 25.79
N LEU E 205 -11.61 65.08 27.10
CA LEU E 205 -12.53 65.68 28.05
C LEU E 205 -11.84 66.79 28.83
N ASP E 206 -12.43 67.97 28.82
CA ASP E 206 -12.03 69.06 29.71
C ASP E 206 -13.12 69.20 30.76
N GLY E 207 -12.85 68.68 31.95
CA GLY E 207 -13.90 68.56 32.94
C GLY E 207 -14.93 67.54 32.49
N ASP E 208 -16.12 68.02 32.13
CA ASP E 208 -17.18 67.16 31.63
C ASP E 208 -17.53 67.46 30.18
N SER E 209 -16.99 68.52 29.61
CA SER E 209 -17.24 68.85 28.21
C SER E 209 -16.27 68.12 27.30
N ILE E 210 -16.59 68.09 26.02
CA ILE E 210 -15.74 67.46 25.02
C ILE E 210 -14.89 68.53 24.37
N VAL E 211 -13.57 68.36 24.45
CA VAL E 211 -12.64 69.30 23.84
C VAL E 211 -12.34 68.92 22.40
N ALA E 212 -12.22 67.63 22.12
CA ALA E 212 -11.93 67.13 20.79
C ALA E 212 -12.55 65.76 20.65
N ALA E 213 -13.02 65.44 19.44
CA ALA E 213 -13.64 64.15 19.22
C ALA E 213 -13.42 63.73 17.78
N ARG E 214 -13.28 62.43 17.59
CA ARG E 214 -13.23 61.85 16.26
C ARG E 214 -13.99 60.54 16.30
N VAL E 215 -14.89 60.34 15.35
CA VAL E 215 -15.65 59.12 15.22
C VAL E 215 -15.35 58.54 13.84
N GLY E 216 -14.98 57.27 13.81
CA GLY E 216 -14.73 56.57 12.57
C GLY E 216 -15.73 55.44 12.43
N LEU E 217 -16.10 55.16 11.19
CA LEU E 217 -17.01 54.07 10.89
C LEU E 217 -16.33 53.12 9.91
N THR E 218 -16.55 51.86 10.21
CA THR E 218 -15.96 50.79 9.40
C THR E 218 -17.05 50.02 8.70
N ALA E 219 -16.82 49.69 7.45
CA ALA E 219 -17.64 48.84 6.62
C ALA E 219 -18.94 49.51 6.21
N VAL E 220 -19.17 50.76 6.58
CA VAL E 220 -20.42 51.45 6.26
C VAL E 220 -20.21 52.55 5.23
N ASN E 221 -19.02 52.65 4.65
CA ASN E 221 -18.68 53.70 3.69
C ASN E 221 -18.90 55.06 4.33
N PRO E 222 -18.16 55.39 5.39
CA PRO E 222 -18.36 56.68 6.05
C PRO E 222 -18.03 57.82 5.10
N ASP E 223 -18.71 58.94 5.30
CA ASP E 223 -18.35 60.18 4.62
C ASP E 223 -17.37 60.93 5.53
N PRO E 224 -16.10 61.08 5.15
CA PRO E 224 -15.19 61.82 6.02
C PRO E 224 -15.68 63.24 6.32
N ASP E 225 -16.32 63.89 5.36
CA ASP E 225 -16.88 65.21 5.62
C ASP E 225 -17.95 65.16 6.69
N ALA E 226 -18.87 64.21 6.59
CA ALA E 226 -19.93 64.09 7.61
C ALA E 226 -19.35 63.66 8.95
N LEU E 227 -18.37 62.77 8.96
CA LEU E 227 -17.75 62.37 10.22
C LEU E 227 -17.06 63.56 10.87
N ARG E 228 -16.36 64.37 10.09
CA ARG E 228 -15.72 65.56 10.62
C ARG E 228 -16.75 66.56 11.12
N ALA E 229 -17.88 66.68 10.43
CA ALA E 229 -18.95 67.55 10.90
C ALA E 229 -19.48 67.08 12.24
N LEU E 230 -19.66 65.76 12.39
CA LEU E 230 -20.09 65.20 13.67
C LEU E 230 -19.08 65.49 14.76
N ALA E 231 -17.79 65.29 14.45
CA ALA E 231 -16.75 65.54 15.44
C ALA E 231 -16.74 67.00 15.87
N ASP E 232 -16.86 67.92 14.91
CA ASP E 232 -16.89 69.34 15.24
C ASP E 232 -18.11 69.68 16.08
N ASP E 233 -19.26 69.10 15.74
CA ASP E 233 -20.46 69.30 16.54
C ASP E 233 -20.28 68.77 17.95
N LEU E 234 -19.48 67.73 18.16
CA LEU E 234 -19.26 67.23 19.51
C LEU E 234 -18.44 68.18 20.39
N ILE E 235 -17.72 69.12 19.79
CA ILE E 235 -16.83 69.98 20.57
C ILE E 235 -17.64 70.78 21.58
N GLY E 236 -17.16 70.82 22.82
CA GLY E 236 -17.79 71.61 23.85
C GLY E 236 -19.09 71.05 24.41
N LYS E 237 -19.53 69.91 23.92
CA LYS E 237 -20.71 69.27 24.45
C LYS E 237 -20.38 68.54 25.75
N PRO E 238 -21.35 68.33 26.61
CA PRO E 238 -21.10 67.49 27.80
C PRO E 238 -20.91 66.04 27.37
N ALA E 239 -20.14 65.31 28.15
CA ALA E 239 -19.92 63.88 27.89
C ALA E 239 -21.04 63.09 28.56
N THR E 240 -22.24 63.26 28.00
CA THR E 240 -23.47 62.66 28.51
C THR E 240 -24.08 61.76 27.45
N GLU E 241 -25.20 61.12 27.82
CA GLU E 241 -25.87 60.21 26.90
C GLU E 241 -26.57 60.96 25.76
N GLU E 242 -27.07 62.17 26.03
CA GLU E 242 -27.70 62.95 24.97
C GLU E 242 -26.71 63.28 23.87
N THR E 243 -25.49 63.68 24.25
CA THR E 243 -24.47 63.95 23.24
C THR E 243 -24.14 62.70 22.44
N PHE E 244 -24.02 61.57 23.11
CA PHE E 244 -23.71 60.33 22.40
C PHE E 244 -24.83 59.97 21.44
N ALA E 245 -26.07 60.17 21.85
CA ALA E 245 -27.21 59.88 20.98
C ALA E 245 -27.21 60.79 19.76
N ALA E 246 -26.94 62.08 19.96
CA ALA E 246 -26.86 62.99 18.81
C ALA E 246 -25.72 62.60 17.88
N ALA E 247 -24.58 62.21 18.45
CA ALA E 247 -23.48 61.73 17.63
C ALA E 247 -23.86 60.48 16.85
N GLY E 248 -24.60 59.57 17.49
CA GLY E 248 -25.06 58.38 16.79
C GLY E 248 -25.99 58.70 15.63
N GLU E 249 -26.88 59.67 15.82
CA GLU E 249 -27.74 60.11 14.72
C GLU E 249 -26.89 60.68 13.58
N LEU E 250 -25.93 61.55 13.92
CA LEU E 250 -25.05 62.10 12.89
C LEU E 250 -24.29 60.99 12.17
N ALA E 251 -23.80 60.01 12.92
CA ALA E 251 -23.10 58.87 12.33
C ALA E 251 -24.01 58.09 11.40
N VAL E 252 -25.27 57.95 11.78
CA VAL E 252 -26.26 57.36 10.88
C VAL E 252 -26.27 58.13 9.57
N GLN E 253 -26.28 59.45 9.66
CA GLN E 253 -26.28 60.27 8.45
C GLN E 253 -24.93 60.31 7.76
N ALA E 254 -23.85 59.95 8.47
CA ALA E 254 -22.50 60.15 7.98
C ALA E 254 -21.96 58.97 7.17
N CYS E 255 -22.78 57.96 6.93
CA CYS E 255 -22.34 56.77 6.21
C CYS E 255 -23.37 56.39 5.15
N GLU E 256 -22.93 55.59 4.20
CA GLU E 256 -23.79 55.05 3.14
C GLU E 256 -23.61 53.54 3.10
N PRO E 257 -24.12 52.83 4.10
CA PRO E 257 -23.97 51.38 4.10
C PRO E 257 -24.72 50.73 2.96
N VAL E 258 -24.25 49.56 2.55
CA VAL E 258 -24.83 48.80 1.47
C VAL E 258 -25.35 47.49 2.03
N THR E 259 -26.58 47.14 1.67
CA THR E 259 -27.11 45.84 2.06
C THR E 259 -26.30 44.74 1.36
N ASP E 260 -25.74 43.84 2.15
CA ASP E 260 -24.99 42.73 1.58
C ASP E 260 -25.10 41.54 2.52
N THR E 261 -24.24 40.54 2.31
CA THR E 261 -24.29 39.33 3.14
C THR E 261 -24.08 39.66 4.60
N ARG E 262 -23.40 40.75 4.91
CA ARG E 262 -23.15 41.13 6.28
C ARG E 262 -24.36 41.79 6.95
N GLY E 263 -25.38 42.15 6.18
CA GLY E 263 -26.57 42.70 6.77
C GLY E 263 -27.23 43.78 5.93
N SER E 264 -28.44 44.17 6.30
CA SER E 264 -29.16 45.19 5.58
C SER E 264 -28.53 46.56 5.81
N ALA E 265 -28.70 47.44 4.83
CA ALA E 265 -28.21 48.80 4.96
C ALA E 265 -28.84 49.49 6.16
N ASP E 266 -30.13 49.25 6.38
CA ASP E 266 -30.79 49.83 7.55
C ASP E 266 -30.16 49.31 8.83
N TYR E 267 -29.84 48.02 8.89
CA TYR E 267 -29.16 47.49 10.06
C TYR E 267 -27.77 48.09 10.21
N LYS E 268 -27.07 48.30 9.09
CA LYS E 268 -25.77 48.95 9.15
C LYS E 268 -25.88 50.36 9.70
N ARG E 269 -26.94 51.08 9.32
CA ARG E 269 -27.12 52.44 9.84
C ARG E 269 -27.45 52.41 11.32
N HIS E 270 -28.32 51.49 11.72
CA HIS E 270 -28.62 51.32 13.13
C HIS E 270 -27.35 51.00 13.91
N LEU E 271 -26.49 50.15 13.35
CA LEU E 271 -25.22 49.83 13.98
C LEU E 271 -24.30 51.04 13.99
N ALA E 272 -24.27 51.82 12.92
CA ALA E 272 -23.48 53.04 12.93
C ALA E 272 -23.86 53.88 14.13
N ARG E 273 -25.16 54.09 14.33
CA ARG E 273 -25.63 54.86 15.48
C ARG E 273 -25.27 54.19 16.80
N GLU E 274 -25.63 52.92 16.96
CA GLU E 274 -25.50 52.25 18.25
C GLU E 274 -24.04 52.05 18.63
N LEU E 275 -23.20 51.68 17.66
CA LEU E 275 -21.78 51.50 17.91
C LEU E 275 -21.09 52.84 18.11
N THR E 276 -21.50 53.89 17.39
CA THR E 276 -20.97 55.21 17.68
C THR E 276 -21.26 55.58 19.13
N ILE E 277 -22.50 55.37 19.57
CA ILE E 277 -22.86 55.67 20.95
C ILE E 277 -22.04 54.84 21.92
N ARG E 278 -21.93 53.53 21.64
CA ARG E 278 -21.22 52.64 22.53
C ARG E 278 -19.76 53.03 22.66
N THR E 279 -19.13 53.32 21.55
CA THR E 279 -17.69 53.70 21.54
C THR E 279 -17.52 55.05 22.22
N MET E 280 -18.40 56.00 21.97
CA MET E 280 -18.28 57.30 22.63
C MET E 280 -18.41 57.14 24.14
N ARG E 281 -19.40 56.37 24.59
CA ARG E 281 -19.57 56.13 26.01
C ARG E 281 -18.36 55.42 26.59
N THR E 282 -17.84 54.41 25.88
CA THR E 282 -16.66 53.69 26.37
C THR E 282 -15.45 54.60 26.45
N ALA E 283 -15.23 55.42 25.42
CA ALA E 283 -14.10 56.34 25.43
C ALA E 283 -14.21 57.31 26.58
N VAL E 284 -15.41 57.82 26.84
CA VAL E 284 -15.61 58.75 27.95
C VAL E 284 -15.34 58.04 29.27
N GLU E 285 -15.88 56.83 29.44
CA GLU E 285 -15.67 56.10 30.69
C GLU E 285 -14.18 55.80 30.90
N ARG E 286 -13.49 55.55 29.80
CA ARG E 286 -12.03 55.32 29.85
C ARG E 286 -11.30 56.61 30.24
N VAL E 287 -11.73 57.74 29.71
CA VAL E 287 -11.12 59.04 30.12
C VAL E 287 -11.35 59.22 31.62
N ARG E 288 -12.55 58.92 32.12
CA ARG E 288 -12.92 59.16 33.52
C ARG E 288 -12.45 58.05 34.44
N THR E 289 -11.66 57.10 33.94
CA THR E 289 -11.06 56.08 34.79
C THR E 289 -9.60 55.89 34.42
N MET F 1 13.84 28.99 -6.06
CA MET F 1 14.71 29.68 -5.09
C MET F 1 15.10 28.73 -3.97
N GLN F 2 16.24 28.98 -3.38
CA GLN F 2 16.69 28.20 -2.25
C GLN F 2 16.13 28.79 -0.96
N VAL F 3 15.63 27.91 -0.10
CA VAL F 3 15.14 28.29 1.22
C VAL F 3 15.76 27.34 2.23
N THR F 4 16.17 27.88 3.37
CA THR F 4 16.72 27.10 4.46
C THR F 4 16.00 27.48 5.73
N MET F 5 15.55 26.48 6.48
CA MET F 5 14.81 26.71 7.70
C MET F 5 14.92 25.47 8.58
N THR F 6 14.65 25.64 9.86
CA THR F 6 14.65 24.53 10.78
C THR F 6 13.22 24.03 10.93
N VAL F 7 12.98 22.80 10.51
CA VAL F 7 11.67 22.16 10.58
C VAL F 7 11.74 21.10 11.65
N ASN F 8 10.95 21.28 12.71
CA ASN F 8 10.94 20.34 13.81
C ASN F 8 12.36 20.06 14.29
N GLY F 9 13.14 21.13 14.41
CA GLY F 9 14.48 21.05 14.95
C GLY F 9 15.54 20.55 13.99
N GLU F 10 15.18 20.13 12.79
CA GLU F 10 16.15 19.66 11.81
C GLU F 10 16.31 20.73 10.74
N ALA F 11 17.54 21.13 10.49
CA ALA F 11 17.80 22.05 9.39
C ALA F 11 17.41 21.39 8.07
N VAL F 12 16.75 22.16 7.21
CA VAL F 12 16.30 21.69 5.91
C VAL F 12 16.57 22.80 4.91
N THR F 13 17.03 22.41 3.74
CA THR F 13 17.25 23.33 2.63
C THR F 13 16.60 22.73 1.39
N ALA F 14 15.94 23.59 0.60
CA ALA F 14 15.18 23.08 -0.53
C ALA F 14 15.10 24.13 -1.63
N ASP F 15 14.84 23.66 -2.83
CA ASP F 15 14.59 24.52 -3.99
C ASP F 15 13.08 24.63 -4.14
N VAL F 16 12.53 25.81 -3.86
CA VAL F 16 11.09 26.04 -3.93
C VAL F 16 10.83 27.22 -4.83
N GLU F 17 9.68 27.19 -5.49
CA GLU F 17 9.20 28.39 -6.15
C GLU F 17 8.88 29.44 -5.10
N PRO F 18 9.19 30.74 -5.33
CA PRO F 18 8.81 31.79 -4.40
C PRO F 18 7.34 31.73 -3.98
N ARG F 19 6.46 31.29 -4.85
CA ARG F 19 5.03 31.28 -4.55
C ARG F 19 4.61 30.11 -3.68
N MET F 20 5.49 29.16 -3.42
CA MET F 20 5.11 27.97 -2.67
C MET F 20 4.70 28.36 -1.27
N LEU F 21 3.42 28.13 -0.94
CA LEU F 21 2.96 28.32 0.41
C LEU F 21 3.66 27.34 1.34
N LEU F 22 3.87 27.79 2.57
CA LEU F 22 4.58 26.96 3.55
C LEU F 22 3.86 25.64 3.78
N VAL F 23 2.53 25.66 3.80
CA VAL F 23 1.80 24.41 4.05
C VAL F 23 2.14 23.39 2.97
N HIS F 24 2.22 23.84 1.72
CA HIS F 24 2.55 22.91 0.64
C HIS F 24 4.01 22.48 0.69
N PHE F 25 4.91 23.39 1.08
CA PHE F 25 6.31 23.00 1.23
C PHE F 25 6.47 21.96 2.32
N LEU F 26 5.75 22.12 3.44
CA LEU F 26 5.81 21.12 4.51
C LEU F 26 5.20 19.80 4.07
N ARG F 27 3.98 19.84 3.52
CA ARG F 27 3.26 18.62 3.24
C ARG F 27 3.84 17.92 2.03
N ASP F 28 4.01 18.65 0.94
CA ASP F 28 4.34 18.05 -0.35
C ASP F 28 5.84 17.92 -0.56
N GLN F 29 6.61 18.95 -0.20
CA GLN F 29 8.05 18.87 -0.37
C GLN F 29 8.69 18.06 0.74
N LEU F 30 8.41 18.41 1.99
CA LEU F 30 9.02 17.73 3.13
C LEU F 30 8.21 16.53 3.62
N GLY F 31 7.08 16.22 2.98
CA GLY F 31 6.31 15.06 3.38
C GLY F 31 5.79 15.11 4.80
N LEU F 32 5.73 16.30 5.40
CA LEU F 32 5.18 16.48 6.74
C LEU F 32 3.66 16.68 6.64
N THR F 33 2.98 15.57 6.37
CA THR F 33 1.55 15.60 6.11
C THR F 33 0.70 15.75 7.36
N GLY F 34 1.32 15.84 8.53
CA GLY F 34 0.55 16.17 9.72
C GLY F 34 -0.13 17.51 9.60
N THR F 35 0.54 18.47 9.00
CA THR F 35 -0.06 19.78 8.76
C THR F 35 -1.08 19.70 7.63
N HIS F 36 -2.26 20.24 7.87
CA HIS F 36 -3.36 20.15 6.92
C HIS F 36 -3.70 21.53 6.36
N TRP F 37 -4.58 21.53 5.37
CA TRP F 37 -5.13 22.74 4.80
C TRP F 37 -6.59 22.48 4.47
N GLY F 38 -7.42 23.49 4.66
CA GLY F 38 -8.84 23.28 4.43
C GLY F 38 -9.56 24.47 3.84
N CYS F 39 -8.83 25.51 3.45
CA CYS F 39 -9.47 26.71 2.95
C CYS F 39 -8.51 27.48 2.06
N ASP F 40 -9.07 28.41 1.30
CA ASP F 40 -8.30 29.32 0.47
C ASP F 40 -8.11 30.70 1.09
N THR F 41 -8.84 31.00 2.16
CA THR F 41 -8.96 32.36 2.65
C THR F 41 -8.37 32.51 4.04
N SER F 42 -7.44 31.64 4.43
CA SER F 42 -6.77 31.74 5.72
C SER F 42 -7.77 31.73 6.88
N ASN F 43 -8.83 30.96 6.72
CA ASN F 43 -9.94 30.99 7.67
C ASN F 43 -10.00 29.77 8.57
N CYS F 44 -9.70 28.58 8.04
CA CYS F 44 -10.00 27.36 8.77
C CYS F 44 -8.99 27.09 9.88
N GLY F 45 -7.71 27.44 9.68
CA GLY F 45 -6.70 27.20 10.69
C GLY F 45 -6.14 25.80 10.73
N THR F 46 -6.56 24.91 9.83
CA THR F 46 -6.04 23.54 9.83
C THR F 46 -4.56 23.48 9.46
N CYS F 47 -4.03 24.56 8.91
CA CYS F 47 -2.64 24.65 8.49
C CYS F 47 -1.74 25.22 9.58
N VAL F 48 -2.28 25.52 10.76
CA VAL F 48 -1.50 26.22 11.76
C VAL F 48 -0.26 25.42 12.10
N VAL F 49 0.89 26.06 12.01
CA VAL F 49 2.16 25.49 12.42
C VAL F 49 2.82 26.49 13.36
N GLU F 50 3.92 26.08 13.93
CA GLU F 50 4.68 26.93 14.84
C GLU F 50 5.88 27.48 14.08
N VAL F 51 5.81 28.76 13.74
CA VAL F 51 6.92 29.48 13.14
C VAL F 51 7.49 30.39 14.20
N ASP F 52 8.75 30.15 14.56
CA ASP F 52 9.43 30.93 15.60
C ASP F 52 8.60 30.94 16.89
N GLY F 53 8.04 29.78 17.23
CA GLY F 53 7.30 29.64 18.45
C GLY F 53 5.89 30.18 18.44
N GLU F 54 5.39 30.62 17.30
CA GLU F 54 4.07 31.18 17.30
C GLU F 54 3.17 30.49 16.28
N PRO F 55 1.94 30.14 16.65
CA PRO F 55 1.02 29.55 15.67
C PRO F 55 0.88 30.47 14.47
N VAL F 56 1.04 29.89 13.30
CA VAL F 56 0.95 30.62 12.04
C VAL F 56 0.19 29.76 11.05
N LYS F 57 -0.71 30.40 10.31
CA LYS F 57 -1.38 29.70 9.22
C LYS F 57 -0.35 29.49 8.12
N SER F 58 0.13 28.25 8.00
CA SER F 58 1.15 27.96 6.99
C SER F 58 0.63 28.16 5.59
N CYS F 59 -0.69 28.18 5.40
CA CYS F 59 -1.26 28.51 4.10
C CYS F 59 -1.09 29.97 3.75
N THR F 60 -0.84 30.82 4.74
CA THR F 60 -0.71 32.26 4.54
C THR F 60 0.72 32.70 4.76
N MET F 61 1.67 31.80 4.55
CA MET F 61 3.09 32.07 4.63
C MET F 61 3.77 31.36 3.48
N LEU F 62 4.60 32.09 2.76
CA LEU F 62 5.38 31.44 1.69
C LEU F 62 6.54 30.69 2.33
N ALA F 63 6.88 29.51 1.81
CA ALA F 63 8.09 28.83 2.23
C ALA F 63 9.28 29.78 2.22
N ALA F 64 9.34 30.62 1.18
CA ALA F 64 10.46 31.58 1.04
C ALA F 64 10.51 32.52 2.24
N MET F 65 9.35 32.85 2.79
CA MET F 65 9.23 33.71 3.98
C MET F 65 9.67 32.94 5.22
N ALA F 66 9.35 31.65 5.28
CA ALA F 66 9.80 30.85 6.41
C ALA F 66 11.30 30.63 6.41
N SER F 67 11.98 30.90 5.29
CA SER F 67 13.42 30.68 5.22
C SER F 67 14.12 31.44 6.33
N GLY F 68 15.06 30.77 6.99
CA GLY F 68 15.74 31.35 8.13
C GLY F 68 14.98 31.27 9.44
N HIS F 69 13.84 30.60 9.40
CA HIS F 69 12.99 30.51 10.61
C HIS F 69 12.79 29.06 11.01
N SER F 70 12.48 28.85 12.27
CA SER F 70 12.18 27.51 12.75
C SER F 70 10.69 27.26 12.59
N VAL F 71 10.34 26.15 11.95
CA VAL F 71 8.96 25.78 11.73
C VAL F 71 8.72 24.46 12.44
N ASN F 72 7.76 24.45 13.36
CA ASN F 72 7.41 23.27 14.12
C ASN F 72 5.99 22.85 13.76
N THR F 73 5.81 21.56 13.55
CA THR F 73 4.54 20.96 13.18
C THR F 73 4.15 19.93 14.23
N VAL F 74 2.96 19.35 14.05
CA VAL F 74 2.50 18.30 14.96
C VAL F 74 3.48 17.14 14.99
N GLU F 75 4.12 16.83 13.88
CA GLU F 75 5.12 15.77 13.86
C GLU F 75 6.22 15.97 14.88
N GLY F 76 6.64 17.19 15.07
CA GLY F 76 7.64 17.43 16.07
C GLY F 76 7.15 17.49 17.50
N MET F 77 5.84 17.33 17.74
CA MET F 77 5.33 17.54 19.09
C MET F 77 5.71 16.38 20.02
N GLU F 78 5.67 15.15 19.52
CA GLU F 78 6.08 14.01 20.33
C GLU F 78 7.60 13.95 20.34
N VAL F 79 8.18 14.14 21.52
CA VAL F 79 9.62 14.29 21.68
C VAL F 79 10.15 13.04 22.37
N ASP F 80 11.11 12.38 21.74
CA ASP F 80 11.74 11.20 22.31
C ASP F 80 10.69 10.16 22.70
N GLY F 81 9.82 9.85 21.75
CA GLY F 81 8.76 8.88 21.98
C GLY F 81 7.79 9.26 23.08
N LYS F 82 7.73 10.53 23.45
CA LYS F 82 6.90 11.00 24.55
C LYS F 82 5.90 12.02 24.02
N LEU F 83 4.61 11.71 24.15
CA LEU F 83 3.59 12.62 23.68
C LEU F 83 3.66 13.94 24.43
N ASP F 84 3.49 15.03 23.71
CA ASP F 84 3.30 16.31 24.37
C ASP F 84 2.01 16.25 25.19
N PRO F 85 1.95 16.95 26.32
CA PRO F 85 0.71 16.93 27.12
C PRO F 85 -0.51 17.37 26.33
N VAL F 86 -0.35 18.21 25.31
CA VAL F 86 -1.49 18.56 24.47
C VAL F 86 -1.99 17.34 23.72
N GLN F 87 -1.07 16.56 23.13
CA GLN F 87 -1.47 15.37 22.40
C GLN F 87 -2.17 14.37 23.32
N GLU F 88 -1.59 14.15 24.50
CA GLU F 88 -2.18 13.19 25.43
C GLU F 88 -3.53 13.68 25.92
N GLY F 89 -3.66 14.99 26.17
CA GLY F 89 -4.94 15.52 26.57
C GLY F 89 -5.99 15.38 25.48
N PHE F 90 -5.60 15.59 24.24
CA PHE F 90 -6.53 15.46 23.12
C PHE F 90 -7.03 14.02 23.02
N MET F 91 -6.13 13.06 23.19
CA MET F 91 -6.57 11.67 23.20
C MET F 91 -7.46 11.37 24.40
N GLN F 92 -7.07 11.84 25.59
CA GLN F 92 -7.79 11.50 26.81
C GLN F 92 -9.16 12.14 26.86
N CYS F 93 -9.30 13.33 26.28
CA CYS F 93 -10.53 14.11 26.39
C CYS F 93 -11.33 14.12 25.11
N HIS F 94 -10.99 13.28 24.13
CA HIS F 94 -11.73 13.21 22.89
C HIS F 94 -11.78 14.60 22.24
N GLY F 95 -10.63 15.26 22.20
CA GLY F 95 -10.50 16.53 21.54
C GLY F 95 -10.36 16.45 20.04
N LEU F 96 -10.60 15.28 19.45
CA LEU F 96 -10.54 15.09 18.02
C LEU F 96 -11.45 13.94 17.63
N GLN F 97 -12.06 14.06 16.46
CA GLN F 97 -12.79 12.94 15.88
C GLN F 97 -12.22 12.52 14.54
N CYS F 98 -12.27 13.40 13.54
CA CYS F 98 -11.67 13.11 12.26
C CYS F 98 -10.18 13.41 12.26
N GLY F 99 -9.75 14.26 13.19
CA GLY F 99 -8.35 14.60 13.36
C GLY F 99 -7.81 15.62 12.40
N PHE F 100 -8.63 16.16 11.50
CA PHE F 100 -8.10 17.05 10.48
C PHE F 100 -7.64 18.38 11.08
N CYS F 101 -8.46 18.98 11.93
CA CYS F 101 -8.06 20.20 12.60
C CYS F 101 -7.04 19.94 13.70
N THR F 102 -6.90 18.71 14.14
CA THR F 102 -6.14 18.43 15.37
C THR F 102 -4.70 18.91 15.31
N PRO F 103 -3.94 18.73 14.24
CA PRO F 103 -2.58 19.26 14.21
C PRO F 103 -2.53 20.75 14.53
N GLY F 104 -3.30 21.54 13.79
CA GLY F 104 -3.34 22.96 14.07
C GLY F 104 -3.85 23.25 15.47
N MET F 105 -4.90 22.54 15.89
CA MET F 105 -5.46 22.78 17.21
C MET F 105 -4.44 22.52 18.29
N MET F 106 -3.70 21.42 18.20
CA MET F 106 -2.71 21.11 19.21
C MET F 106 -1.52 22.04 19.15
N ILE F 107 -1.13 22.50 17.96
CA ILE F 107 -0.07 23.50 17.88
C ILE F 107 -0.49 24.77 18.60
N THR F 108 -1.72 25.23 18.33
CA THR F 108 -2.23 26.41 19.00
C THR F 108 -2.34 26.18 20.50
N ALA F 109 -2.84 25.02 20.91
CA ALA F 109 -3.01 24.72 22.33
C ALA F 109 -1.67 24.64 23.04
N ARG F 110 -0.66 24.05 22.39
CA ARG F 110 0.67 23.99 22.98
C ARG F 110 1.27 25.38 23.11
N ALA F 111 1.11 26.22 22.07
CA ALA F 111 1.59 27.60 22.18
C ALA F 111 0.90 28.33 23.33
N LEU F 112 -0.42 28.16 23.43
CA LEU F 112 -1.16 28.81 24.50
C LEU F 112 -0.67 28.34 25.86
N LEU F 113 -0.54 27.03 26.04
CA LEU F 113 -0.10 26.49 27.32
C LEU F 113 1.31 26.94 27.65
N ARG F 114 2.15 27.15 26.63
CA ARG F 114 3.47 27.72 26.87
C ARG F 114 3.36 29.13 27.42
N GLN F 115 2.54 29.97 26.78
CA GLN F 115 2.42 31.35 27.24
C GLN F 115 1.48 31.49 28.42
N ASN F 116 0.57 30.54 28.62
CA ASN F 116 -0.41 30.58 29.70
C ASN F 116 -0.50 29.18 30.28
N PRO F 117 0.19 28.93 31.40
CA PRO F 117 0.17 27.58 31.99
C PRO F 117 -1.21 27.13 32.45
N ASP F 118 -2.10 28.03 32.85
CA ASP F 118 -3.39 27.68 33.43
C ASP F 118 -4.50 28.48 32.75
N PRO F 119 -4.80 28.17 31.46
CA PRO F 119 -5.78 28.94 30.75
C PRO F 119 -7.22 28.66 31.16
N THR F 120 -8.04 29.69 31.19
CA THR F 120 -9.49 29.49 31.42
C THR F 120 -10.13 28.94 30.14
N GLU F 121 -11.36 28.48 30.25
CA GLU F 121 -12.08 27.96 29.06
C GLU F 121 -12.17 29.07 28.00
N GLU F 122 -12.44 30.30 28.44
CA GLU F 122 -12.56 31.41 27.48
C GLU F 122 -11.22 31.62 26.79
N GLU F 123 -10.13 31.59 27.55
CA GLU F 123 -8.80 31.84 26.96
C GLU F 123 -8.53 30.74 25.93
N ILE F 124 -8.89 29.49 26.23
CA ILE F 124 -8.70 28.39 25.25
C ILE F 124 -9.56 28.64 24.01
N ARG F 125 -10.82 28.99 24.22
CA ARG F 125 -11.73 29.25 23.08
C ARG F 125 -11.11 30.35 22.23
N GLU F 126 -10.73 31.44 22.88
CA GLU F 126 -10.18 32.56 22.14
C GLU F 126 -8.93 32.14 21.39
N ALA F 127 -8.04 31.38 22.06
CA ALA F 127 -6.79 30.98 21.44
C ALA F 127 -7.01 30.11 20.21
N ILE F 128 -8.07 29.32 20.21
CA ILE F 128 -8.38 28.44 19.08
C ILE F 128 -9.46 29.04 18.20
N SER F 129 -9.87 30.28 18.46
CA SER F 129 -10.99 30.88 17.76
C SER F 129 -10.70 31.09 16.28
N GLY F 130 -9.45 31.02 15.87
CA GLY F 130 -9.09 31.05 14.47
C GLY F 130 -9.04 29.69 13.81
N GLN F 131 -9.42 28.64 14.52
CA GLN F 131 -9.30 27.28 14.00
C GLN F 131 -10.64 26.57 14.10
N ILE F 132 -11.14 26.12 12.96
CA ILE F 132 -12.45 25.52 12.86
C ILE F 132 -12.34 24.03 13.13
N CYS F 133 -13.18 23.51 14.02
CA CYS F 133 -13.38 22.08 14.17
C CYS F 133 -14.83 21.79 13.86
N ARG F 134 -15.06 20.98 12.82
CA ARG F 134 -16.42 20.60 12.46
C ARG F 134 -16.95 19.44 13.30
N CYS F 135 -16.07 18.64 13.89
CA CYS F 135 -16.45 17.37 14.48
C CYS F 135 -16.76 17.45 15.97
N THR F 136 -15.94 18.15 16.74
CA THR F 136 -15.92 17.95 18.18
C THR F 136 -16.95 18.78 18.94
N GLY F 137 -17.34 19.94 18.40
CA GLY F 137 -18.10 20.89 19.16
C GLY F 137 -17.28 21.75 20.08
N TYR F 138 -15.96 21.57 20.08
CA TYR F 138 -15.00 22.42 20.78
C TYR F 138 -14.98 22.26 22.28
N THR F 139 -16.01 21.64 22.85
CA THR F 139 -16.00 21.45 24.28
C THR F 139 -14.96 20.43 24.68
N THR F 140 -14.86 19.36 23.90
CA THR F 140 -13.85 18.36 24.20
C THR F 140 -12.46 18.91 23.91
N ILE F 141 -12.33 19.83 22.96
CA ILE F 141 -11.03 20.46 22.72
C ILE F 141 -10.64 21.31 23.92
N VAL F 142 -11.56 22.08 24.45
CA VAL F 142 -11.30 22.86 25.70
C VAL F 142 -10.90 21.90 26.83
N ARG F 143 -11.63 20.77 26.94
CA ARG F 143 -11.29 19.79 27.95
C ARG F 143 -9.91 19.20 27.73
N SER F 144 -9.56 18.92 26.47
CA SER F 144 -8.24 18.41 26.15
C SER F 144 -7.17 19.40 26.57
N VAL F 145 -7.38 20.69 26.28
CA VAL F 145 -6.37 21.69 26.60
C VAL F 145 -6.28 21.86 28.11
N GLN F 146 -7.42 21.72 28.78
CA GLN F 146 -7.38 21.82 30.26
C GLN F 146 -6.62 20.64 30.82
N TRP F 147 -6.85 19.49 30.24
CA TRP F 147 -6.16 18.28 30.69
C TRP F 147 -4.66 18.42 30.50
N ALA F 148 -4.23 18.88 29.32
CA ALA F 148 -2.81 19.10 29.08
C ALA F 148 -2.25 20.13 30.04
N ALA F 149 -2.99 21.21 30.26
CA ALA F 149 -2.52 22.25 31.18
C ALA F 149 -2.36 21.70 32.58
N ARG F 150 -3.32 20.91 33.04
CA ARG F 150 -3.31 20.43 34.42
C ARG F 150 -2.27 19.33 34.61
N HIS F 151 -1.99 18.53 33.58
CA HIS F 151 -0.95 17.54 33.70
C HIS F 151 0.44 18.17 33.59
N ALA F 152 0.59 19.17 32.74
CA ALA F 152 1.86 19.88 32.68
C ALA F 152 2.19 20.53 34.01
N ARG F 153 1.17 20.91 34.77
CA ARG F 153 1.37 21.58 36.05
C ARG F 153 1.99 20.64 37.09
#